data_6CGH
#
_entry.id   6CGH
#
_entity_poly.entity_id   1
_entity_poly.type   'polypeptide(L)'
_entity_poly.pdbx_seq_one_letter_code
;GSKKAIKKERQKLRNSCKTWNHFSDNEAERVKMMEEVEKLCDRLELASLQCLNETLTSCTKEVGKAALEKQIEEINEQIR
KEKEEAEAR
;
_entity_poly.pdbx_strand_id   A
#
# COMPACT_ATOMS: atom_id res chain seq x y z
N GLY A 1 19.15 -4.65 5.96
CA GLY A 1 18.35 -5.70 6.65
C GLY A 1 16.94 -5.23 6.86
N SER A 2 16.79 -4.10 7.57
CA SER A 2 15.47 -3.57 7.82
C SER A 2 15.63 -2.09 7.95
N LYS A 3 14.63 -1.33 7.45
CA LYS A 3 14.68 0.11 7.54
C LYS A 3 13.36 0.57 8.05
N LYS A 4 13.36 1.69 8.81
CA LYS A 4 12.13 2.20 9.35
C LYS A 4 11.56 3.19 8.36
N ALA A 5 12.31 3.45 7.26
CA ALA A 5 11.85 4.39 6.26
C ALA A 5 10.58 3.86 5.65
N ILE A 6 10.52 2.53 5.40
CA ILE A 6 9.35 1.94 4.80
C ILE A 6 8.20 2.01 5.79
N LYS A 7 8.50 1.89 7.10
CA LYS A 7 7.46 1.95 8.09
C LYS A 7 6.90 3.35 8.13
N LYS A 8 7.80 4.35 8.07
CA LYS A 8 7.37 5.74 8.10
C LYS A 8 6.51 6.02 6.90
N GLU A 9 6.92 5.49 5.72
CA GLU A 9 6.16 5.72 4.51
C GLU A 9 4.83 5.01 4.62
N ARG A 10 4.82 3.81 5.24
CA ARG A 10 3.60 3.04 5.38
C ARG A 10 2.65 3.80 6.26
N GLN A 11 3.16 4.38 7.37
CA GLN A 11 2.33 5.11 8.30
C GLN A 11 1.74 6.32 7.60
N LYS A 12 2.51 6.91 6.67
CA LYS A 12 2.05 8.10 5.99
C LYS A 12 1.01 7.69 4.97
N LEU A 13 1.38 6.68 4.14
CA LEU A 13 0.51 6.19 3.10
C LEU A 13 -0.78 5.66 3.67
N ARG A 14 -0.72 4.80 4.71
CA ARG A 14 -1.92 4.24 5.29
C ARG A 14 -2.78 5.33 5.87
N ASN A 15 -2.18 6.24 6.66
CA ASN A 15 -2.94 7.31 7.28
C ASN A 15 -3.58 8.15 6.22
N SER A 16 -2.81 8.53 5.18
CA SER A 16 -3.34 9.36 4.11
C SER A 16 -4.42 8.62 3.38
N CYS A 17 -4.25 7.31 3.20
CA CYS A 17 -5.20 6.51 2.45
C CYS A 17 -6.53 6.54 3.15
N LYS A 18 -6.55 6.33 4.48
CA LYS A 18 -7.81 6.31 5.20
C LYS A 18 -8.47 7.67 5.15
N THR A 19 -7.68 8.76 5.33
CA THR A 19 -8.25 10.08 5.33
C THR A 19 -8.74 10.46 3.96
N TRP A 20 -8.17 9.86 2.90
CA TRP A 20 -8.60 10.22 1.56
C TRP A 20 -9.33 9.05 0.95
N ASN A 21 -9.92 8.16 1.78
CA ASN A 21 -10.61 7.03 1.22
C ASN A 21 -12.02 7.45 0.93
N HIS A 22 -12.93 7.35 1.92
CA HIS A 22 -14.29 7.77 1.71
C HIS A 22 -14.90 8.21 3.01
N PHE A 23 -14.10 8.17 4.12
CA PHE A 23 -14.62 8.52 5.43
C PHE A 23 -15.88 7.74 5.70
N SER A 24 -15.97 6.49 5.17
CA SER A 24 -17.16 5.71 5.36
C SER A 24 -16.91 4.70 6.44
N ASP A 25 -17.98 4.03 6.90
CA ASP A 25 -17.86 3.05 7.95
C ASP A 25 -17.50 1.72 7.33
N ASN A 26 -17.34 1.67 5.98
CA ASN A 26 -16.98 0.43 5.35
C ASN A 26 -15.51 0.25 5.55
N GLU A 27 -15.14 -0.41 6.67
CA GLU A 27 -13.75 -0.61 6.98
C GLU A 27 -13.27 -1.87 6.30
N ALA A 28 -14.19 -2.82 5.99
CA ALA A 28 -13.81 -4.07 5.37
C ALA A 28 -13.08 -3.83 4.06
N GLU A 29 -13.51 -2.80 3.29
CA GLU A 29 -12.87 -2.54 2.03
C GLU A 29 -11.43 -2.17 2.31
N ARG A 30 -11.24 -1.21 3.25
CA ARG A 30 -9.91 -0.78 3.61
C ARG A 30 -9.15 -1.90 4.27
N VAL A 31 -9.83 -2.91 4.86
CA VAL A 31 -9.11 -3.97 5.54
C VAL A 31 -8.29 -4.73 4.53
N LYS A 32 -8.88 -5.07 3.36
CA LYS A 32 -8.14 -5.81 2.35
C LYS A 32 -6.99 -4.97 1.87
N MET A 33 -7.23 -3.65 1.68
CA MET A 33 -6.16 -2.79 1.23
C MET A 33 -5.08 -2.71 2.28
N MET A 34 -5.48 -2.65 3.57
CA MET A 34 -4.51 -2.60 4.65
C MET A 34 -3.72 -3.87 4.68
N GLU A 35 -4.36 -5.02 4.43
CA GLU A 35 -3.63 -6.27 4.46
C GLU A 35 -2.58 -6.25 3.39
N GLU A 36 -2.93 -5.70 2.21
CA GLU A 36 -2.01 -5.61 1.11
C GLU A 36 -0.90 -4.63 1.44
N VAL A 37 -1.24 -3.51 2.13
CA VAL A 37 -0.24 -2.51 2.45
C VAL A 37 0.71 -3.09 3.47
N GLU A 38 0.21 -4.00 4.34
CA GLU A 38 1.05 -4.62 5.33
C GLU A 38 2.03 -5.49 4.60
N LYS A 39 1.56 -6.18 3.53
CA LYS A 39 2.41 -7.03 2.74
C LYS A 39 3.46 -6.19 2.08
N LEU A 40 3.09 -4.97 1.62
CA LEU A 40 4.04 -4.10 0.98
C LEU A 40 5.15 -3.76 1.94
N CYS A 41 4.78 -3.44 3.19
CA CYS A 41 5.78 -3.08 4.17
C CYS A 41 6.69 -4.25 4.45
N ASP A 42 6.12 -5.47 4.53
CA ASP A 42 6.90 -6.65 4.84
C ASP A 42 7.96 -6.97 3.80
N ARG A 43 7.64 -6.95 2.48
CA ARG A 43 8.66 -7.36 1.52
C ARG A 43 8.93 -6.32 0.46
N LEU A 44 7.98 -5.42 0.16
CA LEU A 44 8.20 -4.46 -0.89
C LEU A 44 9.26 -3.46 -0.49
N GLU A 45 10.04 -3.02 -1.50
CA GLU A 45 11.07 -2.03 -1.27
C GLU A 45 10.37 -0.72 -1.02
N LEU A 46 10.99 0.14 -0.17
CA LEU A 46 10.39 1.42 0.15
C LEU A 46 10.33 2.29 -1.08
N ALA A 47 11.23 2.06 -2.05
CA ALA A 47 11.22 2.85 -3.27
C ALA A 47 9.88 2.70 -3.97
N SER A 48 9.32 1.48 -3.99
CA SER A 48 8.05 1.27 -4.66
C SER A 48 6.95 1.85 -3.81
N LEU A 49 7.08 1.70 -2.48
CA LEU A 49 6.08 2.20 -1.55
C LEU A 49 5.99 3.70 -1.70
N GLN A 50 7.17 4.35 -1.84
CA GLN A 50 7.23 5.79 -1.98
C GLN A 50 6.54 6.20 -3.26
N CYS A 51 6.70 5.39 -4.33
CA CYS A 51 6.09 5.72 -5.61
C CYS A 51 4.59 5.79 -5.44
N LEU A 52 4.00 4.79 -4.76
CA LEU A 52 2.58 4.77 -4.55
C LEU A 52 2.16 5.96 -3.74
N ASN A 53 2.97 6.35 -2.73
CA ASN A 53 2.64 7.48 -1.89
C ASN A 53 2.63 8.74 -2.72
N GLU A 54 3.59 8.85 -3.65
CA GLU A 54 3.68 10.05 -4.46
C GLU A 54 2.45 10.16 -5.32
N THR A 55 1.97 9.03 -5.88
CA THR A 55 0.81 9.07 -6.74
C THR A 55 -0.39 9.57 -5.98
N LEU A 56 -0.62 9.01 -4.76
CA LEU A 56 -1.77 9.43 -3.99
C LEU A 56 -1.57 10.81 -3.42
N THR A 57 -0.35 11.39 -3.54
CA THR A 57 -0.12 12.72 -3.01
C THR A 57 0.02 13.64 -4.22
N SER A 58 -0.19 13.07 -5.41
CA SER A 58 -0.08 13.83 -6.65
C SER A 58 -1.44 13.87 -7.29
N CYS A 59 -2.39 13.08 -6.75
CA CYS A 59 -3.72 13.03 -7.32
C CYS A 59 -4.70 13.44 -6.28
N THR A 60 -5.99 13.58 -6.70
CA THR A 60 -7.05 13.97 -5.79
C THR A 60 -7.33 12.81 -4.88
N LYS A 61 -8.31 12.97 -3.96
CA LYS A 61 -8.60 11.90 -3.03
C LYS A 61 -9.22 10.71 -3.74
N GLU A 62 -10.17 10.93 -4.68
CA GLU A 62 -10.80 9.81 -5.34
C GLU A 62 -9.83 9.16 -6.28
N VAL A 63 -9.08 9.98 -7.06
CA VAL A 63 -8.15 9.43 -8.01
C VAL A 63 -7.05 8.73 -7.25
N GLY A 64 -6.55 9.37 -6.18
CA GLY A 64 -5.50 8.81 -5.37
C GLY A 64 -5.95 7.52 -4.74
N LYS A 65 -7.24 7.43 -4.34
CA LYS A 65 -7.72 6.23 -3.69
C LYS A 65 -7.80 5.12 -4.70
N ALA A 66 -8.35 5.41 -5.90
CA ALA A 66 -8.51 4.40 -6.90
C ALA A 66 -7.16 3.97 -7.40
N ALA A 67 -6.26 4.96 -7.63
CA ALA A 67 -4.95 4.69 -8.13
C ALA A 67 -4.18 3.90 -7.11
N LEU A 68 -4.34 4.24 -5.81
CA LEU A 68 -3.62 3.55 -4.77
C LEU A 68 -4.08 2.13 -4.70
N GLU A 69 -5.40 1.88 -4.83
CA GLU A 69 -5.90 0.53 -4.72
C GLU A 69 -5.38 -0.28 -5.88
N LYS A 70 -5.42 0.33 -7.09
CA LYS A 70 -4.97 -0.36 -8.28
C LYS A 70 -3.49 -0.66 -8.18
N GLN A 71 -2.70 0.31 -7.67
CA GLN A 71 -1.27 0.11 -7.57
C GLN A 71 -0.97 -0.89 -6.49
N ILE A 72 -1.72 -0.84 -5.36
CA ILE A 72 -1.47 -1.74 -4.25
C ILE A 72 -1.75 -3.15 -4.69
N GLU A 73 -2.81 -3.36 -5.50
CA GLU A 73 -3.15 -4.70 -5.92
C GLU A 73 -2.06 -5.23 -6.82
N GLU A 74 -1.50 -4.36 -7.70
CA GLU A 74 -0.44 -4.77 -8.59
C GLU A 74 0.78 -5.14 -7.78
N ILE A 75 1.04 -4.37 -6.70
CA ILE A 75 2.19 -4.63 -5.87
C ILE A 75 1.97 -5.92 -5.13
N ASN A 76 0.72 -6.17 -4.69
CA ASN A 76 0.40 -7.37 -3.95
C ASN A 76 0.71 -8.56 -4.84
N GLU A 77 0.40 -8.45 -6.15
CA GLU A 77 0.67 -9.53 -7.07
C GLU A 77 2.16 -9.77 -7.10
N GLN A 78 2.96 -8.69 -7.12
CA GLN A 78 4.41 -8.83 -7.15
C GLN A 78 4.87 -9.50 -5.88
N ILE A 79 4.23 -9.17 -4.74
CA ILE A 79 4.60 -9.76 -3.47
C ILE A 79 4.27 -11.23 -3.52
N ARG A 80 3.12 -11.57 -4.16
CA ARG A 80 2.70 -12.95 -4.26
C ARG A 80 3.72 -13.72 -5.06
N LYS A 81 4.29 -13.09 -6.11
CA LYS A 81 5.29 -13.75 -6.93
C LYS A 81 6.48 -14.08 -6.09
N GLU A 82 6.89 -13.14 -5.21
CA GLU A 82 8.03 -13.36 -4.34
C GLU A 82 7.67 -14.42 -3.33
N LYS A 83 6.41 -14.41 -2.87
CA LYS A 83 5.95 -15.35 -1.88
C LYS A 83 6.00 -16.73 -2.48
N GLU A 84 5.58 -16.86 -3.75
CA GLU A 84 5.58 -18.15 -4.41
C GLU A 84 6.98 -18.74 -4.36
N GLU A 85 8.02 -17.97 -4.76
CA GLU A 85 9.37 -18.49 -4.69
C GLU A 85 9.76 -18.73 -3.26
N ALA A 86 9.39 -17.80 -2.37
CA ALA A 86 9.71 -17.92 -0.96
C ALA A 86 9.12 -19.20 -0.41
N GLU A 87 7.88 -19.52 -0.82
CA GLU A 87 7.23 -20.72 -0.36
C GLU A 87 7.95 -21.91 -0.93
N ALA A 88 8.38 -21.78 -2.21
CA ALA A 88 9.10 -22.86 -2.86
C ALA A 88 10.37 -23.09 -2.08
N ARG A 89 11.16 -22.02 -1.87
CA ARG A 89 12.37 -22.16 -1.09
C ARG A 89 12.75 -20.76 -0.60
N GLY A 1 23.12 2.14 11.92
CA GLY A 1 22.90 2.45 10.49
C GLY A 1 21.70 1.73 9.97
N SER A 2 20.54 1.92 10.65
CA SER A 2 19.33 1.26 10.22
C SER A 2 18.20 2.15 10.64
N LYS A 3 17.12 2.18 9.83
CA LYS A 3 15.98 2.99 10.16
C LYS A 3 14.79 2.37 9.51
N LYS A 4 13.59 2.63 10.07
CA LYS A 4 12.38 2.06 9.53
C LYS A 4 11.64 3.16 8.82
N ALA A 5 12.26 3.72 7.77
CA ALA A 5 11.64 4.78 7.01
C ALA A 5 10.39 4.25 6.35
N ILE A 6 10.43 2.98 5.90
CA ILE A 6 9.30 2.38 5.23
C ILE A 6 8.11 2.33 6.17
N LYS A 7 8.34 2.11 7.48
CA LYS A 7 7.23 2.03 8.40
C LYS A 7 6.64 3.41 8.57
N LYS A 8 7.49 4.45 8.61
CA LYS A 8 7.01 5.81 8.77
C LYS A 8 6.19 6.15 7.56
N GLU A 9 6.66 5.73 6.37
CA GLU A 9 5.97 6.04 5.14
C GLU A 9 4.66 5.30 5.14
N ARG A 10 4.65 4.07 5.70
CA ARG A 10 3.45 3.27 5.74
C ARG A 10 2.41 3.97 6.58
N GLN A 11 2.83 4.57 7.72
CA GLN A 11 1.90 5.26 8.59
C GLN A 11 1.39 6.51 7.90
N LYS A 12 2.13 7.01 6.90
CA LYS A 12 1.69 8.21 6.23
C LYS A 12 0.73 7.80 5.14
N LEU A 13 1.15 6.82 4.33
CA LEU A 13 0.32 6.32 3.25
C LEU A 13 -0.98 5.75 3.79
N ARG A 14 -0.89 4.91 4.85
CA ARG A 14 -2.09 4.31 5.42
C ARG A 14 -3.01 5.38 5.93
N ASN A 15 -2.49 6.34 6.72
CA ASN A 15 -3.32 7.39 7.28
C ASN A 15 -3.93 8.20 6.16
N SER A 16 -3.15 8.53 5.12
CA SER A 16 -3.68 9.33 4.03
C SER A 16 -4.72 8.53 3.27
N CYS A 17 -4.49 7.22 3.11
CA CYS A 17 -5.39 6.38 2.34
C CYS A 17 -6.76 6.35 2.98
N LYS A 18 -6.84 6.10 4.30
CA LYS A 18 -8.14 6.02 4.93
C LYS A 18 -8.77 7.38 4.98
N THR A 19 -7.94 8.45 5.04
CA THR A 19 -8.46 9.80 5.11
C THR A 19 -9.13 10.13 3.80
N TRP A 20 -8.52 9.72 2.67
CA TRP A 20 -9.07 10.06 1.38
C TRP A 20 -9.75 8.86 0.79
N ASN A 21 -10.22 7.91 1.63
CA ASN A 21 -10.87 6.75 1.09
C ASN A 21 -12.30 7.13 0.76
N HIS A 22 -13.20 7.13 1.77
CA HIS A 22 -14.56 7.50 1.51
C HIS A 22 -15.14 8.13 2.75
N PHE A 23 -14.28 8.33 3.80
CA PHE A 23 -14.75 8.91 5.04
C PHE A 23 -15.92 8.11 5.58
N SER A 24 -15.99 6.80 5.27
CA SER A 24 -17.10 6.00 5.74
C SER A 24 -16.58 5.15 6.86
N ASP A 25 -17.51 4.48 7.59
CA ASP A 25 -17.12 3.64 8.69
C ASP A 25 -16.84 2.25 8.19
N ASN A 26 -16.88 2.05 6.86
CA ASN A 26 -16.61 0.74 6.30
C ASN A 26 -15.12 0.62 6.20
N GLU A 27 -14.50 -0.01 7.22
CA GLU A 27 -13.07 -0.15 7.24
C GLU A 27 -12.68 -1.43 6.54
N ALA A 28 -13.66 -2.30 6.20
CA ALA A 28 -13.35 -3.56 5.55
C ALA A 28 -12.64 -3.32 4.24
N GLU A 29 -13.02 -2.26 3.51
CA GLU A 29 -12.38 -1.99 2.24
C GLU A 29 -10.93 -1.71 2.50
N ARG A 30 -10.65 -0.79 3.45
CA ARG A 30 -9.29 -0.45 3.79
C ARG A 30 -8.57 -1.63 4.38
N VAL A 31 -9.27 -2.60 5.01
CA VAL A 31 -8.58 -3.71 5.64
C VAL A 31 -7.83 -4.50 4.59
N LYS A 32 -8.49 -4.86 3.46
CA LYS A 32 -7.82 -5.64 2.44
C LYS A 32 -6.68 -4.84 1.85
N MET A 33 -6.91 -3.53 1.61
CA MET A 33 -5.86 -2.71 1.03
C MET A 33 -4.71 -2.61 1.99
N MET A 34 -5.00 -2.43 3.30
CA MET A 34 -3.96 -2.33 4.31
C MET A 34 -3.20 -3.62 4.38
N GLU A 35 -3.89 -4.77 4.27
CA GLU A 35 -3.20 -6.05 4.35
C GLU A 35 -2.19 -6.14 3.22
N GLU A 36 -2.60 -5.74 2.01
CA GLU A 36 -1.73 -5.79 0.86
C GLU A 36 -0.57 -4.83 1.06
N VAL A 37 -0.86 -3.66 1.66
CA VAL A 37 0.17 -2.66 1.91
C VAL A 37 1.15 -3.21 2.93
N GLU A 38 0.62 -3.92 3.95
CA GLU A 38 1.47 -4.49 4.97
C GLU A 38 2.40 -5.48 4.32
N LYS A 39 1.87 -6.27 3.36
CA LYS A 39 2.70 -7.22 2.64
C LYS A 39 3.77 -6.47 1.89
N LEU A 40 3.41 -5.31 1.31
CA LEU A 40 4.38 -4.51 0.56
C LEU A 40 5.47 -4.07 1.48
N CYS A 41 5.12 -3.62 2.69
CA CYS A 41 6.10 -3.14 3.63
C CYS A 41 7.05 -4.25 4.00
N ASP A 42 6.52 -5.47 4.18
CA ASP A 42 7.31 -6.60 4.62
C ASP A 42 8.42 -6.98 3.63
N ARG A 43 8.15 -7.02 2.31
CA ARG A 43 9.19 -7.47 1.38
C ARG A 43 9.54 -6.45 0.32
N LEU A 44 8.73 -5.42 0.11
CA LEU A 44 9.04 -4.48 -0.94
C LEU A 44 9.83 -3.31 -0.40
N GLU A 45 10.63 -2.73 -1.33
CA GLU A 45 11.48 -1.61 -1.02
C GLU A 45 10.62 -0.41 -0.72
N LEU A 46 11.14 0.48 0.16
CA LEU A 46 10.41 1.67 0.54
C LEU A 46 10.19 2.56 -0.65
N ALA A 47 11.03 2.44 -1.70
CA ALA A 47 10.87 3.25 -2.89
C ALA A 47 9.51 3.02 -3.50
N SER A 48 9.00 1.77 -3.43
CA SER A 48 7.71 1.47 -4.01
C SER A 48 6.65 2.16 -3.19
N LEU A 49 6.83 2.13 -1.86
CA LEU A 49 5.88 2.73 -0.95
C LEU A 49 5.89 4.23 -1.17
N GLN A 50 7.08 4.81 -1.36
CA GLN A 50 7.21 6.24 -1.57
C GLN A 50 6.55 6.62 -2.86
N CYS A 51 6.69 5.77 -3.90
CA CYS A 51 6.11 6.06 -5.20
C CYS A 51 4.61 6.13 -5.05
N LEU A 52 4.02 5.14 -4.34
CA LEU A 52 2.58 5.10 -4.16
C LEU A 52 2.14 6.33 -3.41
N ASN A 53 2.96 6.79 -2.44
CA ASN A 53 2.61 7.95 -1.66
C ASN A 53 2.58 9.16 -2.56
N GLU A 54 3.48 9.21 -3.55
CA GLU A 54 3.53 10.34 -4.44
C GLU A 54 2.25 10.41 -5.24
N THR A 55 1.76 9.25 -5.72
CA THR A 55 0.57 9.23 -6.53
C THR A 55 -0.61 9.76 -5.74
N LEU A 56 -0.78 9.28 -4.50
CA LEU A 56 -1.91 9.72 -3.70
C LEU A 56 -1.70 11.14 -3.21
N THR A 57 -0.49 11.73 -3.40
CA THR A 57 -0.26 13.08 -2.95
C THR A 57 -0.15 13.96 -4.18
N SER A 58 -0.39 13.35 -5.36
CA SER A 58 -0.30 14.09 -6.60
C SER A 58 -1.62 14.03 -7.31
N CYS A 59 -2.55 13.18 -6.82
CA CYS A 59 -3.83 13.05 -7.46
C CYS A 59 -4.92 13.43 -6.50
N THR A 60 -6.17 13.47 -7.02
CA THR A 60 -7.31 13.82 -6.20
C THR A 60 -7.61 12.65 -5.31
N LYS A 61 -8.57 12.81 -4.38
CA LYS A 61 -8.90 11.75 -3.46
C LYS A 61 -9.43 10.53 -4.20
N GLU A 62 -10.34 10.71 -5.18
CA GLU A 62 -10.90 9.58 -5.89
C GLU A 62 -9.86 8.93 -6.75
N VAL A 63 -9.06 9.75 -7.46
CA VAL A 63 -8.05 9.21 -8.35
C VAL A 63 -7.01 8.50 -7.52
N GLY A 64 -6.61 9.14 -6.40
CA GLY A 64 -5.61 8.57 -5.51
C GLY A 64 -6.11 7.26 -4.96
N LYS A 65 -7.42 7.17 -4.65
CA LYS A 65 -7.95 5.96 -4.07
C LYS A 65 -7.88 4.85 -5.08
N ALA A 66 -8.31 5.13 -6.34
CA ALA A 66 -8.33 4.10 -7.36
C ALA A 66 -6.92 3.74 -7.76
N ALA A 67 -6.06 4.76 -7.94
CA ALA A 67 -4.71 4.53 -8.35
C ALA A 67 -3.95 3.80 -7.28
N LEU A 68 -4.19 4.15 -6.00
CA LEU A 68 -3.48 3.52 -4.92
C LEU A 68 -3.89 2.09 -4.82
N GLU A 69 -5.21 1.79 -4.98
CA GLU A 69 -5.68 0.43 -4.86
C GLU A 69 -5.11 -0.36 -6.02
N LYS A 70 -5.11 0.26 -7.21
CA LYS A 70 -4.61 -0.39 -8.39
C LYS A 70 -3.16 -0.73 -8.21
N GLN A 71 -2.36 0.22 -7.68
CA GLN A 71 -0.94 -0.01 -7.50
C GLN A 71 -0.72 -1.03 -6.41
N ILE A 72 -1.52 -0.98 -5.33
CA ILE A 72 -1.37 -1.91 -4.23
C ILE A 72 -1.65 -3.31 -4.70
N GLU A 73 -2.68 -3.48 -5.56
CA GLU A 73 -3.05 -4.81 -6.02
C GLU A 73 -1.96 -5.35 -6.91
N GLU A 74 -1.39 -4.49 -7.79
CA GLU A 74 -0.34 -4.92 -8.68
C GLU A 74 0.86 -5.35 -7.86
N ILE A 75 1.13 -4.59 -6.79
CA ILE A 75 2.24 -4.87 -5.92
C ILE A 75 1.98 -6.18 -5.22
N ASN A 76 0.72 -6.42 -4.83
CA ASN A 76 0.37 -7.63 -4.13
C ASN A 76 0.66 -8.81 -5.02
N GLU A 77 0.35 -8.69 -6.33
CA GLU A 77 0.57 -9.78 -7.26
C GLU A 77 2.05 -10.07 -7.33
N GLN A 78 2.90 -9.03 -7.32
CA GLN A 78 4.33 -9.21 -7.38
C GLN A 78 4.77 -9.96 -6.14
N ILE A 79 4.15 -9.65 -4.99
CA ILE A 79 4.49 -10.29 -3.74
C ILE A 79 4.07 -11.74 -3.81
N ARG A 80 2.91 -12.01 -4.45
CA ARG A 80 2.41 -13.37 -4.56
C ARG A 80 3.38 -14.19 -5.38
N LYS A 81 4.01 -13.57 -6.40
CA LYS A 81 4.96 -14.28 -7.23
C LYS A 81 6.10 -14.75 -6.35
N GLU A 82 6.58 -13.86 -5.45
CA GLU A 82 7.65 -14.21 -4.55
C GLU A 82 7.17 -15.24 -3.58
N LYS A 83 5.88 -15.14 -3.19
CA LYS A 83 5.29 -16.07 -2.25
C LYS A 83 5.28 -17.43 -2.88
N GLU A 84 4.96 -17.50 -4.18
CA GLU A 84 4.96 -18.78 -4.88
C GLU A 84 6.29 -19.44 -4.72
N GLU A 85 7.41 -18.73 -4.98
CA GLU A 85 8.72 -19.31 -4.81
C GLU A 85 8.95 -19.63 -3.34
N ALA A 86 8.46 -18.74 -2.46
CA ALA A 86 8.62 -18.94 -1.03
C ALA A 86 7.94 -20.24 -0.64
N GLU A 87 6.74 -20.51 -1.22
CA GLU A 87 6.02 -21.72 -0.94
C GLU A 87 6.76 -22.88 -1.55
N ALA A 88 7.34 -22.65 -2.74
CA ALA A 88 8.06 -23.70 -3.44
C ALA A 88 9.50 -23.71 -2.98
N ARG A 89 9.76 -23.21 -1.75
CA ARG A 89 11.12 -23.19 -1.25
C ARG A 89 11.57 -24.64 -1.02
N GLY A 1 18.64 6.70 6.21
CA GLY A 1 19.40 5.44 6.41
C GLY A 1 18.78 4.63 7.52
N SER A 2 17.56 4.11 7.28
CA SER A 2 16.91 3.32 8.29
C SER A 2 15.99 2.38 7.58
N LYS A 3 15.80 1.17 8.15
CA LYS A 3 14.92 0.21 7.54
C LYS A 3 13.53 0.47 8.04
N LYS A 4 13.39 1.41 9.00
CA LYS A 4 12.10 1.74 9.54
C LYS A 4 11.53 2.87 8.72
N ALA A 5 12.29 3.32 7.69
CA ALA A 5 11.83 4.40 6.86
C ALA A 5 10.58 3.97 6.16
N ILE A 6 10.52 2.70 5.71
CA ILE A 6 9.36 2.21 5.01
C ILE A 6 8.19 2.17 5.97
N LYS A 7 8.46 1.90 7.28
CA LYS A 7 7.39 1.84 8.26
C LYS A 7 6.81 3.22 8.44
N LYS A 8 7.70 4.25 8.46
CA LYS A 8 7.24 5.61 8.63
C LYS A 8 6.43 6.01 7.42
N GLU A 9 6.87 5.55 6.23
CA GLU A 9 6.17 5.88 5.01
C GLU A 9 4.82 5.22 5.03
N ARG A 10 4.75 3.99 5.60
CA ARG A 10 3.50 3.26 5.66
C ARG A 10 2.53 4.04 6.51
N GLN A 11 3.02 4.63 7.61
CA GLN A 11 2.17 5.40 8.50
C GLN A 11 1.62 6.60 7.76
N LYS A 12 2.44 7.17 6.86
CA LYS A 12 2.02 8.35 6.13
C LYS A 12 1.00 7.93 5.10
N LEU A 13 1.34 6.86 4.36
CA LEU A 13 0.48 6.33 3.33
C LEU A 13 -0.85 5.91 3.92
N ARG A 14 -0.83 5.14 5.02
CA ARG A 14 -2.06 4.68 5.64
C ARG A 14 -2.89 5.84 6.08
N ASN A 15 -2.26 6.81 6.78
CA ASN A 15 -2.99 7.97 7.28
C ASN A 15 -3.60 8.71 6.12
N SER A 16 -2.83 8.94 5.05
CA SER A 16 -3.33 9.66 3.91
C SER A 16 -4.42 8.87 3.24
N CYS A 17 -4.27 7.54 3.17
CA CYS A 17 -5.25 6.69 2.51
C CYS A 17 -6.59 6.82 3.20
N LYS A 18 -6.64 6.73 4.54
CA LYS A 18 -7.90 6.82 5.24
C LYS A 18 -8.49 8.19 5.03
N THR A 19 -7.62 9.22 5.09
CA THR A 19 -8.06 10.59 4.95
C THR A 19 -8.66 10.81 3.59
N TRP A 20 -8.08 10.22 2.53
CA TRP A 20 -8.59 10.45 1.20
C TRP A 20 -9.33 9.23 0.70
N ASN A 21 -9.87 8.36 1.58
CA ASN A 21 -10.56 7.21 1.08
C ASN A 21 -12.01 7.59 0.85
N HIS A 22 -12.86 7.45 1.90
CA HIS A 22 -14.26 7.82 1.74
C HIS A 22 -14.81 8.22 3.08
N PHE A 23 -14.00 8.10 4.17
CA PHE A 23 -14.47 8.42 5.51
C PHE A 23 -15.71 7.62 5.80
N SER A 24 -15.81 6.37 5.29
CA SER A 24 -16.99 5.56 5.52
C SER A 24 -16.71 4.65 6.68
N ASP A 25 -17.76 3.98 7.19
CA ASP A 25 -17.60 3.09 8.31
C ASP A 25 -17.30 1.72 7.78
N ASN A 26 -17.26 1.55 6.43
CA ASN A 26 -16.97 0.26 5.87
C ASN A 26 -15.48 0.13 5.82
N GLU A 27 -14.89 -0.41 6.90
CA GLU A 27 -13.45 -0.56 6.97
C GLU A 27 -13.05 -1.84 6.28
N ALA A 28 -14.02 -2.70 5.91
CA ALA A 28 -13.70 -3.96 5.25
C ALA A 28 -12.94 -3.71 3.97
N GLU A 29 -13.30 -2.65 3.22
CA GLU A 29 -12.62 -2.39 1.98
C GLU A 29 -11.17 -2.10 2.30
N ARG A 30 -10.95 -1.19 3.27
CA ARG A 30 -9.61 -0.86 3.67
C ARG A 30 -8.92 -2.03 4.29
N VAL A 31 -9.64 -3.02 4.85
CA VAL A 31 -8.97 -4.16 5.47
C VAL A 31 -8.16 -4.88 4.43
N LYS A 32 -8.75 -5.14 3.25
CA LYS A 32 -8.02 -5.84 2.20
C LYS A 32 -6.82 -5.01 1.80
N MET A 33 -7.03 -3.69 1.65
CA MET A 33 -5.94 -2.82 1.26
C MET A 33 -4.87 -2.81 2.31
N MET A 34 -5.26 -2.79 3.61
CA MET A 34 -4.29 -2.80 4.70
C MET A 34 -3.49 -4.08 4.63
N GLU A 35 -4.13 -5.21 4.34
CA GLU A 35 -3.41 -6.46 4.29
C GLU A 35 -2.36 -6.37 3.21
N GLU A 36 -2.73 -5.78 2.05
CA GLU A 36 -1.81 -5.67 0.94
C GLU A 36 -0.71 -4.66 1.26
N VAL A 37 -1.05 -3.54 1.92
CA VAL A 37 -0.04 -2.54 2.21
C VAL A 37 0.92 -3.09 3.25
N GLU A 38 0.41 -3.98 4.14
CA GLU A 38 1.25 -4.57 5.15
C GLU A 38 2.24 -5.45 4.44
N LYS A 39 1.76 -6.18 3.40
CA LYS A 39 2.62 -7.06 2.65
C LYS A 39 3.69 -6.25 1.95
N LEU A 40 3.35 -5.04 1.43
CA LEU A 40 4.34 -4.23 0.76
C LEU A 40 5.42 -3.84 1.74
N CYS A 41 5.01 -3.50 2.97
CA CYS A 41 5.96 -3.09 3.98
C CYS A 41 6.79 -4.26 4.40
N ASP A 42 6.30 -5.49 4.17
CA ASP A 42 7.00 -6.67 4.62
C ASP A 42 8.12 -7.03 3.67
N ARG A 43 7.87 -7.02 2.34
CA ARG A 43 8.92 -7.45 1.41
C ARG A 43 9.24 -6.42 0.36
N LEU A 44 8.35 -5.45 0.10
CA LEU A 44 8.63 -4.49 -0.95
C LEU A 44 9.57 -3.42 -0.47
N GLU A 45 10.34 -2.89 -1.44
CA GLU A 45 11.28 -1.84 -1.19
C GLU A 45 10.49 -0.59 -0.91
N LEU A 46 11.08 0.31 -0.08
CA LEU A 46 10.41 1.54 0.28
C LEU A 46 10.13 2.37 -0.95
N ALA A 47 10.88 2.16 -2.05
CA ALA A 47 10.66 2.92 -3.26
C ALA A 47 9.25 2.70 -3.75
N SER A 48 8.71 1.47 -3.61
CA SER A 48 7.36 1.20 -4.08
C SER A 48 6.39 1.95 -3.22
N LEU A 49 6.65 1.95 -1.90
CA LEU A 49 5.79 2.61 -0.95
C LEU A 49 5.81 4.10 -1.23
N GLN A 50 7.02 4.65 -1.49
CA GLN A 50 7.17 6.07 -1.75
C GLN A 50 6.45 6.43 -3.03
N CYS A 51 6.55 5.56 -4.05
CA CYS A 51 5.92 5.82 -5.32
C CYS A 51 4.42 5.92 -5.12
N LEU A 52 3.85 4.97 -4.36
CA LEU A 52 2.42 4.98 -4.12
C LEU A 52 2.05 6.23 -3.36
N ASN A 53 2.89 6.65 -2.40
CA ASN A 53 2.60 7.82 -1.61
C ASN A 53 2.59 9.03 -2.51
N GLU A 54 3.51 9.07 -3.50
CA GLU A 54 3.60 10.19 -4.39
C GLU A 54 2.33 10.27 -5.20
N THR A 55 1.84 9.13 -5.71
CA THR A 55 0.65 9.13 -6.54
C THR A 55 -0.53 9.65 -5.75
N LEU A 56 -0.71 9.14 -4.52
CA LEU A 56 -1.85 9.58 -3.73
C LEU A 56 -1.65 10.99 -3.24
N THR A 57 -0.44 11.59 -3.42
CA THR A 57 -0.22 12.95 -2.98
C THR A 57 -0.09 13.81 -4.21
N SER A 58 -0.31 13.18 -5.39
CA SER A 58 -0.20 13.91 -6.65
C SER A 58 -1.53 13.91 -7.35
N CYS A 59 -2.47 13.09 -6.87
CA CYS A 59 -3.76 13.00 -7.51
C CYS A 59 -4.84 13.42 -6.54
N THR A 60 -6.09 13.50 -7.04
CA THR A 60 -7.21 13.88 -6.22
C THR A 60 -7.50 12.73 -5.30
N LYS A 61 -8.42 12.92 -4.34
CA LYS A 61 -8.72 11.88 -3.39
C LYS A 61 -9.30 10.66 -4.08
N GLU A 62 -10.24 10.83 -5.04
CA GLU A 62 -10.84 9.68 -5.69
C GLU A 62 -9.83 9.01 -6.59
N VAL A 63 -9.04 9.81 -7.33
CA VAL A 63 -8.07 9.24 -8.24
C VAL A 63 -7.00 8.54 -7.44
N GLY A 64 -6.54 9.20 -6.37
CA GLY A 64 -5.51 8.66 -5.52
C GLY A 64 -5.98 7.38 -4.89
N LYS A 65 -7.28 7.30 -4.50
CA LYS A 65 -7.77 6.10 -3.85
C LYS A 65 -7.80 4.97 -4.85
N ALA A 66 -8.31 5.24 -6.07
CA ALA A 66 -8.41 4.21 -7.07
C ALA A 66 -7.03 3.78 -7.51
N ALA A 67 -6.14 4.77 -7.71
CA ALA A 67 -4.80 4.50 -8.16
C ALA A 67 -4.06 3.72 -7.10
N LEU A 68 -4.30 4.08 -5.82
CA LEU A 68 -3.64 3.43 -4.72
C LEU A 68 -4.05 1.99 -4.67
N GLU A 69 -5.36 1.72 -4.85
CA GLU A 69 -5.84 0.37 -4.76
C GLU A 69 -5.35 -0.40 -5.95
N LYS A 70 -5.41 0.23 -7.15
CA LYS A 70 -5.01 -0.43 -8.37
C LYS A 70 -3.54 -0.79 -8.31
N GLN A 71 -2.68 0.16 -7.90
CA GLN A 71 -1.26 -0.11 -7.87
C GLN A 71 -0.94 -1.07 -6.76
N ILE A 72 -1.61 -0.95 -5.59
CA ILE A 72 -1.31 -1.82 -4.47
C ILE A 72 -1.66 -3.25 -4.83
N GLU A 73 -2.75 -3.46 -5.59
CA GLU A 73 -3.13 -4.82 -5.95
C GLU A 73 -2.08 -5.39 -6.87
N GLU A 74 -1.57 -4.55 -7.80
CA GLU A 74 -0.55 -5.00 -8.74
C GLU A 74 0.70 -5.35 -7.98
N ILE A 75 1.05 -4.55 -6.95
CA ILE A 75 2.24 -4.80 -6.17
C ILE A 75 2.03 -6.07 -5.39
N ASN A 76 0.79 -6.28 -4.89
CA ASN A 76 0.49 -7.46 -4.11
C ASN A 76 0.73 -8.67 -4.98
N GLU A 77 0.37 -8.59 -6.28
CA GLU A 77 0.58 -9.71 -7.19
C GLU A 77 2.06 -10.00 -7.28
N GLN A 78 2.88 -8.93 -7.35
CA GLN A 78 4.31 -9.10 -7.43
C GLN A 78 4.80 -9.79 -6.19
N ILE A 79 4.22 -9.42 -5.02
CA ILE A 79 4.61 -10.00 -3.76
C ILE A 79 4.24 -11.46 -3.78
N ARG A 80 3.07 -11.79 -4.37
CA ARG A 80 2.61 -13.16 -4.42
C ARG A 80 3.60 -13.99 -5.22
N LYS A 81 4.14 -13.40 -6.30
CA LYS A 81 5.10 -14.12 -7.13
C LYS A 81 6.30 -14.48 -6.29
N GLU A 82 6.76 -13.55 -5.44
CA GLU A 82 7.91 -13.79 -4.59
C GLU A 82 7.53 -14.81 -3.55
N LYS A 83 6.27 -14.71 -3.06
CA LYS A 83 5.79 -15.60 -2.03
C LYS A 83 5.78 -17.01 -2.56
N GLU A 84 5.30 -17.18 -3.81
CA GLU A 84 5.24 -18.50 -4.39
C GLU A 84 6.63 -19.13 -4.39
N GLU A 85 7.66 -18.40 -4.86
CA GLU A 85 9.00 -18.95 -4.84
C GLU A 85 9.44 -19.18 -3.42
N ALA A 86 9.14 -18.21 -2.53
CA ALA A 86 9.51 -18.32 -1.14
C ALA A 86 8.88 -19.55 -0.54
N GLU A 87 7.62 -19.83 -0.90
CA GLU A 87 6.93 -21.00 -0.39
C GLU A 87 7.59 -22.22 -0.96
N ALA A 88 7.97 -22.14 -2.25
CA ALA A 88 8.62 -23.26 -2.90
C ALA A 88 9.90 -23.55 -2.16
N ARG A 89 10.74 -22.51 -1.97
CA ARG A 89 11.96 -22.69 -1.22
C ARG A 89 12.34 -21.33 -0.62
N GLY A 1 13.11 9.03 8.58
CA GLY A 1 14.38 8.45 8.05
C GLY A 1 15.16 7.80 9.14
N SER A 2 14.50 6.93 9.93
CA SER A 2 15.18 6.27 11.01
C SER A 2 14.49 4.96 11.21
N LYS A 3 15.26 3.92 11.60
CA LYS A 3 14.71 2.60 11.83
C LYS A 3 14.17 2.09 10.53
N LYS A 4 12.84 1.90 10.45
CA LYS A 4 12.23 1.40 9.24
C LYS A 4 11.58 2.56 8.56
N ALA A 5 12.25 3.09 7.51
CA ALA A 5 11.72 4.22 6.77
C ALA A 5 10.44 3.80 6.10
N ILE A 6 10.40 2.55 5.58
CA ILE A 6 9.23 2.05 4.90
C ILE A 6 8.07 1.98 5.87
N LYS A 7 8.34 1.70 7.16
CA LYS A 7 7.27 1.63 8.13
C LYS A 7 6.72 3.01 8.37
N LYS A 8 7.60 4.02 8.47
CA LYS A 8 7.17 5.38 8.71
C LYS A 8 6.35 5.83 7.52
N GLU A 9 6.79 5.44 6.31
CA GLU A 9 6.09 5.84 5.11
C GLU A 9 4.74 5.17 5.09
N ARG A 10 4.68 3.91 5.61
CA ARG A 10 3.44 3.17 5.63
C ARG A 10 2.44 3.90 6.49
N GLN A 11 2.89 4.43 7.64
CA GLN A 11 2.01 5.15 8.54
C GLN A 11 1.49 6.39 7.85
N LYS A 12 2.33 7.00 7.00
CA LYS A 12 1.91 8.22 6.33
C LYS A 12 0.91 7.85 5.27
N LEU A 13 1.27 6.82 4.48
CA LEU A 13 0.40 6.36 3.41
C LEU A 13 -0.93 5.90 3.96
N ARG A 14 -0.92 5.07 5.02
CA ARG A 14 -2.17 4.58 5.57
C ARG A 14 -2.99 5.71 6.13
N ASN A 15 -2.35 6.62 6.89
CA ASN A 15 -3.09 7.73 7.47
C ASN A 15 -3.72 8.57 6.39
N SER A 16 -2.98 8.88 5.30
CA SER A 16 -3.53 9.70 4.25
C SER A 16 -4.54 8.89 3.45
N CYS A 17 -4.31 7.57 3.31
CA CYS A 17 -5.20 6.73 2.53
C CYS A 17 -6.56 6.69 3.16
N LYS A 18 -6.63 6.45 4.49
CA LYS A 18 -7.91 6.37 5.16
C LYS A 18 -8.58 7.72 5.13
N THR A 19 -7.79 8.79 5.30
CA THR A 19 -8.33 10.13 5.33
C THR A 19 -8.95 10.46 3.99
N TRP A 20 -8.28 10.06 2.89
CA TRP A 20 -8.79 10.39 1.57
C TRP A 20 -9.49 9.20 0.98
N ASN A 21 -10.01 8.27 1.81
CA ASN A 21 -10.67 7.11 1.24
C ASN A 21 -12.07 7.51 0.88
N HIS A 22 -13.00 7.51 1.86
CA HIS A 22 -14.35 7.89 1.58
C HIS A 22 -14.96 8.51 2.80
N PHE A 23 -14.14 8.70 3.87
CA PHE A 23 -14.64 9.27 5.11
C PHE A 23 -15.81 8.46 5.60
N SER A 24 -15.87 7.16 5.26
CA SER A 24 -16.99 6.34 5.68
C SER A 24 -16.50 5.38 6.71
N ASP A 25 -17.43 4.67 7.37
CA ASP A 25 -17.07 3.72 8.40
C ASP A 25 -16.83 2.37 7.78
N ASN A 26 -16.78 2.30 6.42
CA ASN A 26 -16.55 1.04 5.77
C ASN A 26 -15.08 0.77 5.83
N GLU A 27 -14.65 0.02 6.87
CA GLU A 27 -13.24 -0.27 7.04
C GLU A 27 -12.88 -1.51 6.28
N ALA A 28 -13.87 -2.32 5.84
CA ALA A 28 -13.57 -3.55 5.13
C ALA A 28 -12.79 -3.25 3.87
N GLU A 29 -13.11 -2.14 3.19
CA GLU A 29 -12.41 -1.81 1.96
C GLU A 29 -10.96 -1.59 2.31
N ARG A 30 -10.71 -0.74 3.33
CA ARG A 30 -9.38 -0.46 3.77
C ARG A 30 -8.71 -1.69 4.32
N VAL A 31 -9.47 -2.69 4.84
CA VAL A 31 -8.82 -3.86 5.41
C VAL A 31 -8.03 -4.58 4.35
N LYS A 32 -8.64 -4.83 3.17
CA LYS A 32 -7.93 -5.52 2.12
C LYS A 32 -6.72 -4.73 1.70
N MET A 33 -6.89 -3.39 1.58
CA MET A 33 -5.78 -2.54 1.19
C MET A 33 -4.70 -2.59 2.25
N MET A 34 -5.10 -2.59 3.55
CA MET A 34 -4.14 -2.65 4.63
C MET A 34 -3.40 -3.96 4.58
N GLU A 35 -4.08 -5.05 4.24
CA GLU A 35 -3.41 -6.34 4.17
C GLU A 35 -2.36 -6.26 3.09
N GLU A 36 -2.71 -5.68 1.94
CA GLU A 36 -1.79 -5.56 0.83
C GLU A 36 -0.64 -4.65 1.18
N VAL A 37 -0.91 -3.54 1.92
CA VAL A 37 0.17 -2.62 2.27
C VAL A 37 1.03 -3.26 3.32
N GLU A 38 0.42 -4.11 4.18
CA GLU A 38 1.17 -4.80 5.21
C GLU A 38 2.15 -5.70 4.53
N LYS A 39 1.68 -6.42 3.49
CA LYS A 39 2.53 -7.31 2.74
C LYS A 39 3.59 -6.51 2.03
N LEU A 40 3.23 -5.32 1.50
CA LEU A 40 4.16 -4.49 0.78
C LEU A 40 5.25 -4.04 1.72
N CYS A 41 4.87 -3.60 2.92
CA CYS A 41 5.85 -3.11 3.88
C CYS A 41 6.80 -4.22 4.27
N ASP A 42 6.26 -5.44 4.45
CA ASP A 42 7.06 -6.55 4.91
C ASP A 42 8.16 -6.96 3.92
N ARG A 43 7.88 -7.02 2.59
CA ARG A 43 8.91 -7.51 1.68
C ARG A 43 9.23 -6.55 0.56
N LEU A 44 8.35 -5.59 0.26
CA LEU A 44 8.63 -4.70 -0.86
C LEU A 44 9.57 -3.60 -0.42
N GLU A 45 10.12 -2.91 -1.45
CA GLU A 45 11.04 -1.83 -1.24
C GLU A 45 10.25 -0.61 -0.88
N LEU A 46 10.90 0.33 -0.15
CA LEU A 46 10.24 1.55 0.26
C LEU A 46 9.95 2.38 -0.96
N ALA A 47 10.74 2.20 -2.05
CA ALA A 47 10.53 2.97 -3.26
C ALA A 47 9.14 2.72 -3.79
N SER A 48 8.62 1.48 -3.67
CA SER A 48 7.30 1.19 -4.19
C SER A 48 6.29 1.91 -3.34
N LEU A 49 6.53 1.93 -2.02
CA LEU A 49 5.62 2.57 -1.10
C LEU A 49 5.63 4.06 -1.35
N GLN A 50 6.83 4.63 -1.58
CA GLN A 50 6.96 6.04 -1.82
C GLN A 50 6.30 6.40 -3.12
N CYS A 51 6.44 5.54 -4.15
CA CYS A 51 5.86 5.81 -5.44
C CYS A 51 4.36 5.85 -5.31
N LEU A 52 3.77 4.86 -4.61
CA LEU A 52 2.35 4.80 -4.43
C LEU A 52 1.89 5.99 -3.63
N ASN A 53 2.68 6.39 -2.61
CA ASN A 53 2.31 7.51 -1.77
C ASN A 53 2.31 8.77 -2.60
N GLU A 54 3.29 8.89 -3.51
CA GLU A 54 3.39 10.07 -4.34
C GLU A 54 2.17 10.18 -5.20
N THR A 55 1.73 9.05 -5.79
CA THR A 55 0.58 9.07 -6.67
C THR A 55 -0.64 9.54 -5.92
N LEU A 56 -0.87 8.98 -4.71
CA LEU A 56 -2.05 9.36 -3.96
C LEU A 56 -1.88 10.75 -3.38
N THR A 57 -0.68 11.36 -3.47
CA THR A 57 -0.49 12.70 -2.94
C THR A 57 -0.34 13.61 -4.12
N SER A 58 -0.51 13.06 -5.34
CA SER A 58 -0.37 13.84 -6.54
C SER A 58 -1.68 13.86 -7.26
N CYS A 59 -2.66 13.04 -6.79
CA CYS A 59 -3.94 12.97 -7.43
C CYS A 59 -5.00 13.34 -6.44
N THR A 60 -6.27 13.43 -6.93
CA THR A 60 -7.38 13.77 -6.08
C THR A 60 -7.64 12.60 -5.16
N LYS A 61 -8.54 12.78 -4.19
CA LYS A 61 -8.82 11.73 -3.24
C LYS A 61 -9.40 10.51 -3.92
N GLU A 62 -10.34 10.66 -4.88
CA GLU A 62 -10.93 9.51 -5.53
C GLU A 62 -9.93 8.86 -6.45
N VAL A 63 -9.17 9.68 -7.19
CA VAL A 63 -8.20 9.15 -8.12
C VAL A 63 -7.11 8.44 -7.34
N GLY A 64 -6.66 9.08 -6.25
CA GLY A 64 -5.62 8.53 -5.40
C GLY A 64 -6.09 7.24 -4.80
N LYS A 65 -7.37 7.14 -4.43
CA LYS A 65 -7.88 5.95 -3.81
C LYS A 65 -7.89 4.82 -4.81
N ALA A 66 -8.38 5.10 -6.03
CA ALA A 66 -8.47 4.08 -7.05
C ALA A 66 -7.10 3.69 -7.51
N ALA A 67 -6.23 4.71 -7.73
CA ALA A 67 -4.89 4.46 -8.19
C ALA A 67 -4.12 3.69 -7.17
N LEU A 68 -4.31 4.01 -5.87
CA LEU A 68 -3.59 3.33 -4.83
C LEU A 68 -4.01 1.89 -4.78
N GLU A 69 -5.31 1.63 -4.95
CA GLU A 69 -5.80 0.27 -4.86
C GLU A 69 -5.32 -0.49 -6.06
N LYS A 70 -5.37 0.12 -7.25
CA LYS A 70 -4.94 -0.55 -8.46
C LYS A 70 -3.45 -0.81 -8.40
N GLN A 71 -2.67 0.17 -7.92
CA GLN A 71 -1.23 0.03 -7.88
C GLN A 71 -0.84 -0.96 -6.81
N ILE A 72 -1.52 -0.94 -5.64
CA ILE A 72 -1.14 -1.84 -4.57
C ILE A 72 -1.50 -3.26 -4.96
N GLU A 73 -2.48 -3.43 -5.86
CA GLU A 73 -2.86 -4.75 -6.29
C GLU A 73 -1.73 -5.31 -7.11
N GLU A 74 -1.11 -4.45 -7.96
CA GLU A 74 -0.01 -4.86 -8.79
C GLU A 74 1.16 -5.23 -7.89
N ILE A 75 1.33 -4.46 -6.80
CA ILE A 75 2.42 -4.70 -5.88
C ILE A 75 2.16 -6.01 -5.18
N ASN A 76 0.88 -6.27 -4.83
CA ASN A 76 0.53 -7.49 -4.14
C ASN A 76 0.84 -8.66 -5.03
N GLU A 77 0.58 -8.53 -6.36
CA GLU A 77 0.87 -9.60 -7.29
C GLU A 77 2.35 -9.86 -7.30
N GLN A 78 3.16 -8.78 -7.25
CA GLN A 78 4.61 -8.93 -7.24
C GLN A 78 5.00 -9.69 -6.00
N ILE A 79 4.30 -9.42 -4.88
CA ILE A 79 4.60 -10.07 -3.63
C ILE A 79 4.28 -11.54 -3.76
N ARG A 80 3.17 -11.86 -4.48
CA ARG A 80 2.76 -13.24 -4.66
C ARG A 80 3.84 -13.98 -5.40
N LYS A 81 4.51 -13.31 -6.37
CA LYS A 81 5.55 -13.96 -7.13
C LYS A 81 6.66 -14.35 -6.19
N GLU A 82 6.98 -13.46 -5.23
CA GLU A 82 8.02 -13.74 -4.26
C GLU A 82 7.56 -14.87 -3.36
N LYS A 83 6.26 -14.87 -3.04
CA LYS A 83 5.71 -15.88 -2.16
C LYS A 83 5.80 -17.23 -2.83
N GLU A 84 5.54 -17.26 -4.16
CA GLU A 84 5.61 -18.51 -4.88
C GLU A 84 6.98 -19.12 -4.72
N GLU A 85 8.07 -18.35 -4.97
CA GLU A 85 9.40 -18.90 -4.81
C GLU A 85 9.65 -19.20 -3.35
N ALA A 86 9.17 -18.30 -2.46
CA ALA A 86 9.36 -18.48 -1.03
C ALA A 86 8.71 -19.77 -0.59
N GLU A 87 7.51 -20.06 -1.13
CA GLU A 87 6.81 -21.28 -0.79
C GLU A 87 7.58 -22.44 -1.35
N ALA A 88 8.13 -22.25 -2.56
CA ALA A 88 8.89 -23.32 -3.20
C ALA A 88 10.05 -23.65 -2.30
N ARG A 89 10.84 -22.62 -1.92
CA ARG A 89 11.93 -22.86 -1.01
C ARG A 89 12.35 -21.52 -0.38
N GLY A 1 20.70 7.35 5.87
CA GLY A 1 20.75 7.62 7.34
C GLY A 1 19.36 7.65 7.90
N SER A 2 18.67 6.50 7.84
CA SER A 2 17.32 6.42 8.36
C SER A 2 17.05 4.99 8.69
N LYS A 3 16.01 4.74 9.50
CA LYS A 3 15.68 3.39 9.85
C LYS A 3 14.18 3.35 9.99
N LYS A 4 13.55 2.24 9.52
CA LYS A 4 12.12 2.10 9.57
C LYS A 4 11.48 3.16 8.72
N ALA A 5 12.17 3.52 7.60
CA ALA A 5 11.66 4.53 6.71
C ALA A 5 10.38 4.04 6.08
N ILE A 6 10.32 2.74 5.74
CA ILE A 6 9.15 2.18 5.11
C ILE A 6 8.00 2.23 6.08
N LYS A 7 8.26 2.06 7.40
CA LYS A 7 7.19 2.10 8.38
C LYS A 7 6.68 3.51 8.50
N LYS A 8 7.59 4.50 8.45
CA LYS A 8 7.19 5.89 8.57
C LYS A 8 6.34 6.23 7.37
N GLU A 9 6.73 5.75 6.18
CA GLU A 9 5.98 6.03 4.98
C GLU A 9 4.61 5.41 5.10
N ARG A 10 4.54 4.22 5.75
CA ARG A 10 3.26 3.55 5.91
C ARG A 10 2.36 4.41 6.73
N GLN A 11 2.91 5.07 7.78
CA GLN A 11 2.12 5.93 8.64
C GLN A 11 1.55 7.07 7.83
N LYS A 12 2.33 7.57 6.85
CA LYS A 12 1.86 8.69 6.05
C LYS A 12 0.80 8.19 5.12
N LEU A 13 1.08 7.04 4.48
CA LEU A 13 0.15 6.44 3.54
C LEU A 13 -1.16 6.13 4.23
N ARG A 14 -1.09 5.48 5.41
CA ARG A 14 -2.29 5.13 6.13
C ARG A 14 -3.07 6.38 6.48
N ASN A 15 -2.38 7.39 7.02
CA ASN A 15 -3.03 8.62 7.42
C ASN A 15 -3.70 9.26 6.23
N SER A 16 -2.98 9.38 5.09
CA SER A 16 -3.56 10.01 3.91
C SER A 16 -4.72 9.20 3.39
N CYS A 17 -4.60 7.86 3.40
CA CYS A 17 -5.65 7.01 2.88
C CYS A 17 -6.88 7.13 3.73
N LYS A 18 -6.68 7.24 5.06
CA LYS A 18 -7.79 7.31 5.98
C LYS A 18 -8.62 8.53 5.71
N THR A 19 -7.97 9.69 5.48
CA THR A 19 -8.71 10.91 5.27
C THR A 19 -9.18 11.02 3.85
N TRP A 20 -8.63 10.24 2.90
CA TRP A 20 -9.04 10.37 1.52
C TRP A 20 -9.71 9.10 1.05
N ASN A 21 -10.28 8.27 1.95
CA ASN A 21 -10.91 7.05 1.47
C ASN A 21 -12.33 7.39 1.08
N HIS A 22 -13.26 7.43 2.06
CA HIS A 22 -14.63 7.77 1.75
C HIS A 22 -15.21 8.48 2.93
N PHE A 23 -14.39 8.75 3.98
CA PHE A 23 -14.88 9.40 5.17
C PHE A 23 -15.99 8.58 5.76
N SER A 24 -16.00 7.25 5.48
CA SER A 24 -17.06 6.40 5.99
C SER A 24 -16.43 5.45 6.97
N ASP A 25 -17.29 4.71 7.70
CA ASP A 25 -16.81 3.78 8.70
C ASP A 25 -16.65 2.42 8.08
N ASN A 26 -16.74 2.30 6.73
CA ASN A 26 -16.59 1.01 6.10
C ASN A 26 -15.11 0.78 5.96
N GLU A 27 -14.53 0.06 6.94
CA GLU A 27 -13.12 -0.19 6.92
C GLU A 27 -12.81 -1.46 6.18
N ALA A 28 -13.84 -2.24 5.76
CA ALA A 28 -13.58 -3.49 5.05
C ALA A 28 -12.79 -3.24 3.79
N GLU A 29 -13.11 -2.13 3.08
CA GLU A 29 -12.40 -1.84 1.85
C GLU A 29 -10.94 -1.62 2.20
N ARG A 30 -10.72 -0.76 3.23
CA ARG A 30 -9.39 -0.48 3.69
C ARG A 30 -8.71 -1.71 4.24
N VAL A 31 -9.46 -2.71 4.72
CA VAL A 31 -8.83 -3.89 5.29
C VAL A 31 -8.03 -4.60 4.23
N LYS A 32 -8.62 -4.81 3.04
CA LYS A 32 -7.89 -5.51 1.98
C LYS A 32 -6.70 -4.69 1.56
N MET A 33 -6.88 -3.36 1.44
CA MET A 33 -5.77 -2.51 1.04
C MET A 33 -4.69 -2.56 2.09
N MET A 34 -5.07 -2.50 3.38
CA MET A 34 -4.10 -2.56 4.46
C MET A 34 -3.40 -3.89 4.44
N GLU A 35 -4.13 -4.98 4.15
CA GLU A 35 -3.51 -6.29 4.13
C GLU A 35 -2.42 -6.27 3.08
N GLU A 36 -2.73 -5.68 1.91
CA GLU A 36 -1.78 -5.61 0.82
C GLU A 36 -0.61 -4.72 1.19
N VAL A 37 -0.85 -3.61 1.92
CA VAL A 37 0.25 -2.72 2.28
C VAL A 37 1.11 -3.41 3.32
N GLU A 38 0.49 -4.28 4.14
CA GLU A 38 1.24 -5.00 5.15
C GLU A 38 2.20 -5.92 4.44
N LYS A 39 1.72 -6.57 3.36
CA LYS A 39 2.57 -7.47 2.62
C LYS A 39 3.63 -6.67 1.92
N LEU A 40 3.27 -5.46 1.41
CA LEU A 40 4.22 -4.63 0.70
C LEU A 40 5.32 -4.23 1.66
N CYS A 41 4.94 -3.82 2.88
CA CYS A 41 5.92 -3.41 3.85
C CYS A 41 6.83 -4.55 4.21
N ASP A 42 6.26 -5.77 4.31
CA ASP A 42 7.01 -6.92 4.72
C ASP A 42 8.12 -7.30 3.74
N ARG A 43 7.85 -7.30 2.40
CA ARG A 43 8.89 -7.77 1.48
C ARG A 43 9.25 -6.75 0.43
N LEU A 44 8.39 -5.76 0.14
CA LEU A 44 8.71 -4.82 -0.92
C LEU A 44 9.60 -3.73 -0.40
N GLU A 45 10.26 -3.06 -1.38
CA GLU A 45 11.15 -1.97 -1.09
C GLU A 45 10.33 -0.76 -0.77
N LEU A 46 10.89 0.14 0.08
CA LEU A 46 10.20 1.34 0.46
C LEU A 46 9.94 2.20 -0.75
N ALA A 47 10.75 2.06 -1.82
CA ALA A 47 10.57 2.85 -3.01
C ALA A 47 9.20 2.60 -3.58
N SER A 48 8.68 1.35 -3.49
CA SER A 48 7.38 1.05 -4.04
C SER A 48 6.35 1.80 -3.24
N LEU A 49 6.53 1.75 -1.91
CA LEU A 49 5.60 2.39 -1.00
C LEU A 49 5.63 3.89 -1.22
N GLN A 50 6.84 4.45 -1.43
CA GLN A 50 6.98 5.87 -1.65
C GLN A 50 6.32 6.26 -2.95
N CYS A 51 6.46 5.41 -3.99
CA CYS A 51 5.88 5.71 -5.28
C CYS A 51 4.38 5.77 -5.14
N LEU A 52 3.79 4.77 -4.44
CA LEU A 52 2.35 4.72 -4.26
C LEU A 52 1.92 5.92 -3.45
N ASN A 53 2.71 6.28 -2.42
CA ASN A 53 2.36 7.40 -1.57
C ASN A 53 2.37 8.67 -2.38
N GLU A 54 3.34 8.79 -3.30
CA GLU A 54 3.45 9.98 -4.10
C GLU A 54 2.23 10.09 -4.98
N THR A 55 1.79 8.96 -5.58
CA THR A 55 0.66 8.97 -6.47
C THR A 55 -0.57 9.42 -5.73
N LEU A 56 -0.82 8.84 -4.53
CA LEU A 56 -2.00 9.21 -3.78
C LEU A 56 -1.86 10.60 -3.21
N THR A 57 -0.67 11.22 -3.30
CA THR A 57 -0.50 12.57 -2.78
C THR A 57 -0.35 13.49 -3.97
N SER A 58 -0.51 12.92 -5.18
CA SER A 58 -0.38 13.70 -6.40
C SER A 58 -1.69 13.70 -7.12
N CYS A 59 -2.64 12.86 -6.67
CA CYS A 59 -3.93 12.79 -7.33
C CYS A 59 -5.01 13.16 -6.37
N THR A 60 -6.26 13.26 -6.89
CA THR A 60 -7.40 13.60 -6.07
C THR A 60 -7.69 12.43 -5.18
N LYS A 61 -8.62 12.60 -4.23
CA LYS A 61 -8.91 11.53 -3.30
C LYS A 61 -9.45 10.30 -4.01
N GLU A 62 -10.38 10.46 -4.97
CA GLU A 62 -10.93 9.30 -5.64
C GLU A 62 -9.90 8.68 -6.54
N VAL A 63 -9.15 9.51 -7.28
CA VAL A 63 -8.16 9.00 -8.21
C VAL A 63 -7.08 8.32 -7.42
N GLY A 64 -6.63 8.96 -6.33
CA GLY A 64 -5.58 8.42 -5.49
C GLY A 64 -6.01 7.10 -4.89
N LYS A 65 -7.29 6.99 -4.50
CA LYS A 65 -7.77 5.77 -3.89
C LYS A 65 -7.77 4.66 -4.92
N ALA A 66 -8.27 4.96 -6.13
CA ALA A 66 -8.34 3.96 -7.17
C ALA A 66 -6.96 3.59 -7.62
N ALA A 67 -6.09 4.60 -7.79
CA ALA A 67 -4.74 4.38 -8.24
C ALA A 67 -4.00 3.57 -7.22
N LEU A 68 -4.22 3.85 -5.92
CA LEU A 68 -3.52 3.15 -4.88
C LEU A 68 -3.95 1.71 -4.87
N GLU A 69 -5.26 1.45 -5.05
CA GLU A 69 -5.75 0.10 -4.99
C GLU A 69 -5.24 -0.64 -6.21
N LYS A 70 -5.27 0.02 -7.38
CA LYS A 70 -4.83 -0.61 -8.61
C LYS A 70 -3.36 -0.90 -8.52
N GLN A 71 -2.56 0.08 -8.04
CA GLN A 71 -1.13 -0.08 -7.98
C GLN A 71 -0.75 -1.09 -6.92
N ILE A 72 -1.42 -1.07 -5.75
CA ILE A 72 -1.05 -1.96 -4.68
C ILE A 72 -1.41 -3.38 -5.06
N GLU A 73 -2.40 -3.56 -5.96
CA GLU A 73 -2.77 -4.90 -6.39
C GLU A 73 -1.65 -5.44 -7.23
N GLU A 74 -1.07 -4.56 -8.09
CA GLU A 74 0.01 -4.97 -8.96
C GLU A 74 1.21 -5.33 -8.10
N ILE A 75 1.41 -4.57 -7.00
CA ILE A 75 2.53 -4.82 -6.13
C ILE A 75 2.29 -6.11 -5.39
N ASN A 76 1.03 -6.36 -4.98
CA ASN A 76 0.70 -7.56 -4.26
C ASN A 76 0.99 -8.74 -5.16
N GLU A 77 0.69 -8.61 -6.47
CA GLU A 77 0.94 -9.69 -7.41
C GLU A 77 2.42 -9.98 -7.46
N GLN A 78 3.26 -8.92 -7.44
CA GLN A 78 4.70 -9.11 -7.47
C GLN A 78 5.12 -9.86 -6.23
N ILE A 79 4.46 -9.55 -5.09
CA ILE A 79 4.78 -10.20 -3.84
C ILE A 79 4.41 -11.65 -3.95
N ARG A 80 3.28 -11.94 -4.63
CA ARG A 80 2.80 -13.30 -4.80
C ARG A 80 3.84 -14.09 -5.57
N LYS A 81 4.46 -13.44 -6.58
CA LYS A 81 5.45 -14.10 -7.39
C LYS A 81 6.60 -14.53 -6.50
N GLU A 82 7.04 -13.64 -5.59
CA GLU A 82 8.12 -13.96 -4.69
C GLU A 82 7.66 -15.02 -3.73
N LYS A 83 6.37 -14.95 -3.33
CA LYS A 83 5.81 -15.89 -2.40
C LYS A 83 5.85 -17.27 -3.00
N GLU A 84 5.50 -17.36 -4.30
CA GLU A 84 5.51 -18.65 -4.98
C GLU A 84 6.89 -19.26 -4.87
N GLU A 85 7.96 -18.49 -5.16
CA GLU A 85 9.30 -19.02 -5.04
C GLU A 85 9.58 -19.35 -3.58
N ALA A 86 9.11 -18.48 -2.67
CA ALA A 86 9.30 -18.68 -1.25
C ALA A 86 8.66 -19.99 -0.84
N GLU A 87 7.47 -20.29 -1.40
CA GLU A 87 6.77 -21.53 -1.09
C GLU A 87 7.56 -22.66 -1.70
N ALA A 88 8.11 -22.41 -2.90
CA ALA A 88 8.89 -23.41 -3.59
C ALA A 88 10.28 -23.39 -3.02
N ARG A 89 11.26 -23.97 -3.75
CA ARG A 89 12.62 -23.98 -3.28
C ARG A 89 13.32 -22.74 -3.82
N GLY A 1 16.20 -1.87 18.17
CA GLY A 1 17.05 -0.66 18.11
C GLY A 1 17.31 -0.27 16.69
N SER A 2 16.23 -0.04 15.92
CA SER A 2 16.38 0.33 14.53
C SER A 2 15.13 1.05 14.13
N LYS A 3 15.20 1.80 13.02
CA LYS A 3 14.05 2.52 12.54
C LYS A 3 13.81 2.06 11.14
N LYS A 4 12.52 1.99 10.74
CA LYS A 4 12.18 1.53 9.41
C LYS A 4 11.55 2.69 8.70
N ALA A 5 12.21 3.16 7.62
CA ALA A 5 11.69 4.25 6.84
C ALA A 5 10.41 3.81 6.17
N ILE A 6 10.37 2.54 5.71
CA ILE A 6 9.20 2.02 5.04
C ILE A 6 8.04 1.98 6.01
N LYS A 7 8.31 1.76 7.31
CA LYS A 7 7.24 1.71 8.29
C LYS A 7 6.68 3.10 8.47
N LYS A 8 7.57 4.11 8.55
CA LYS A 8 7.13 5.48 8.74
C LYS A 8 6.36 5.90 7.53
N GLU A 9 6.82 5.47 6.34
CA GLU A 9 6.17 5.82 5.10
C GLU A 9 4.80 5.19 5.10
N ARG A 10 4.70 3.96 5.64
CA ARG A 10 3.43 3.25 5.70
C ARG A 10 2.47 4.03 6.56
N GLN A 11 2.96 4.61 7.67
CA GLN A 11 2.11 5.38 8.55
C GLN A 11 1.57 6.57 7.82
N LYS A 12 2.35 7.13 6.88
CA LYS A 12 1.90 8.31 6.16
C LYS A 12 0.89 7.86 5.13
N LEU A 13 1.24 6.79 4.38
CA LEU A 13 0.36 6.26 3.36
C LEU A 13 -0.95 5.83 3.97
N ARG A 14 -0.90 5.05 5.07
CA ARG A 14 -2.11 4.58 5.71
C ARG A 14 -2.95 5.74 6.18
N ASN A 15 -2.32 6.70 6.89
CA ASN A 15 -3.07 7.83 7.40
C ASN A 15 -3.68 8.62 6.27
N SER A 16 -2.92 8.87 5.18
CA SER A 16 -3.44 9.63 4.06
C SER A 16 -4.52 8.85 3.36
N CYS A 17 -4.33 7.51 3.23
CA CYS A 17 -5.29 6.68 2.54
C CYS A 17 -6.62 6.73 3.24
N LYS A 18 -6.64 6.61 4.58
CA LYS A 18 -7.88 6.61 5.31
C LYS A 18 -8.59 7.94 5.13
N THR A 19 -7.83 9.06 5.21
CA THR A 19 -8.44 10.37 5.10
C THR A 19 -8.95 10.60 3.70
N TRP A 20 -8.36 9.95 2.69
CA TRP A 20 -8.81 10.15 1.33
C TRP A 20 -9.49 8.92 0.83
N ASN A 21 -10.04 8.09 1.75
CA ASN A 21 -10.70 6.88 1.32
C ASN A 21 -12.12 7.25 0.96
N HIS A 22 -13.02 7.33 1.96
CA HIS A 22 -14.39 7.70 1.68
C HIS A 22 -14.93 8.48 2.83
N PHE A 23 -14.06 8.78 3.84
CA PHE A 23 -14.50 9.51 5.02
C PHE A 23 -15.65 8.76 5.66
N SER A 24 -15.78 7.44 5.39
CA SER A 24 -16.86 6.67 5.95
C SER A 24 -16.24 5.55 6.73
N ASP A 25 -17.08 4.82 7.51
CA ASP A 25 -16.58 3.74 8.32
C ASP A 25 -16.49 2.49 7.48
N ASN A 26 -15.99 2.61 6.23
CA ASN A 26 -15.84 1.45 5.39
C ASN A 26 -14.49 0.90 5.74
N GLU A 27 -14.45 0.01 6.76
CA GLU A 27 -13.19 -0.52 7.19
C GLU A 27 -12.84 -1.74 6.40
N ALA A 28 -13.83 -2.57 6.02
CA ALA A 28 -13.55 -3.80 5.29
C ALA A 28 -12.84 -3.51 4.00
N GLU A 29 -13.21 -2.42 3.30
CA GLU A 29 -12.57 -2.11 2.04
C GLU A 29 -11.11 -1.81 2.31
N ARG A 30 -10.86 -0.90 3.27
CA ARG A 30 -9.50 -0.54 3.61
C ARG A 30 -8.76 -1.71 4.23
N VAL A 31 -9.47 -2.70 4.82
CA VAL A 31 -8.77 -3.81 5.44
C VAL A 31 -8.01 -4.58 4.41
N LYS A 32 -8.65 -4.92 3.26
CA LYS A 32 -7.97 -5.67 2.24
C LYS A 32 -6.81 -4.87 1.69
N MET A 33 -7.05 -3.58 1.40
CA MET A 33 -6.00 -2.75 0.85
C MET A 33 -4.86 -2.62 1.83
N MET A 34 -5.17 -2.38 3.12
CA MET A 34 -4.13 -2.25 4.11
C MET A 34 -3.41 -3.55 4.29
N GLU A 35 -4.12 -4.70 4.22
CA GLU A 35 -3.48 -5.98 4.38
C GLU A 35 -2.46 -6.16 3.27
N GLU A 36 -2.84 -5.79 2.04
CA GLU A 36 -1.94 -5.91 0.92
C GLU A 36 -0.77 -4.97 1.11
N VAL A 37 -1.05 -3.77 1.66
CA VAL A 37 -0.01 -2.78 1.89
C VAL A 37 0.94 -3.31 2.94
N GLU A 38 0.38 -3.98 3.96
CA GLU A 38 1.19 -4.54 5.03
C GLU A 38 2.16 -5.52 4.42
N LYS A 39 1.72 -6.32 3.44
CA LYS A 39 2.59 -7.28 2.80
C LYS A 39 3.64 -6.53 2.02
N LEU A 40 3.31 -5.34 1.48
CA LEU A 40 4.27 -4.60 0.71
C LEU A 40 5.32 -4.07 1.64
N CYS A 41 4.91 -3.64 2.84
CA CYS A 41 5.86 -3.11 3.80
C CYS A 41 6.83 -4.19 4.20
N ASP A 42 6.33 -5.42 4.35
CA ASP A 42 7.14 -6.53 4.80
C ASP A 42 8.24 -6.90 3.81
N ARG A 43 7.94 -6.97 2.48
CA ARG A 43 8.97 -7.44 1.55
C ARG A 43 9.29 -6.45 0.45
N LEU A 44 8.42 -5.47 0.18
CA LEU A 44 8.69 -4.55 -0.91
C LEU A 44 9.62 -3.46 -0.45
N GLU A 45 10.27 -2.83 -1.45
CA GLU A 45 11.19 -1.75 -1.20
C GLU A 45 10.39 -0.53 -0.86
N LEU A 46 10.97 0.36 -0.04
CA LEU A 46 10.28 1.55 0.38
C LEU A 46 10.05 2.45 -0.81
N ALA A 47 10.88 2.32 -1.87
CA ALA A 47 10.73 3.15 -3.04
C ALA A 47 9.37 2.94 -3.65
N SER A 48 8.86 1.67 -3.64
CA SER A 48 7.58 1.41 -4.26
C SER A 48 6.51 2.01 -3.40
N LEU A 49 6.68 1.88 -2.06
CA LEU A 49 5.70 2.40 -1.13
C LEU A 49 5.66 3.91 -1.26
N GLN A 50 6.85 4.53 -1.42
CA GLN A 50 6.94 5.97 -1.55
C GLN A 50 6.27 6.39 -2.83
N CYS A 51 6.46 5.59 -3.91
CA CYS A 51 5.87 5.93 -5.20
C CYS A 51 4.37 5.93 -5.06
N LEU A 52 3.81 4.91 -4.39
CA LEU A 52 2.37 4.83 -4.21
C LEU A 52 1.89 6.02 -3.44
N ASN A 53 2.67 6.45 -2.43
CA ASN A 53 2.30 7.58 -1.61
C ASN A 53 2.30 8.83 -2.46
N GLU A 54 3.24 8.92 -3.41
CA GLU A 54 3.33 10.10 -4.25
C GLU A 54 2.08 10.20 -5.09
N THR A 55 1.62 9.07 -5.66
CA THR A 55 0.45 9.08 -6.52
C THR A 55 -0.75 9.54 -5.73
N LEU A 56 -0.97 8.98 -4.52
CA LEU A 56 -2.13 9.37 -3.75
C LEU A 56 -1.96 10.77 -3.19
N THR A 57 -0.76 11.38 -3.32
CA THR A 57 -0.56 12.72 -2.80
C THR A 57 -0.42 13.64 -4.00
N SER A 58 -0.62 13.07 -5.21
CA SER A 58 -0.50 13.85 -6.43
C SER A 58 -1.81 13.84 -7.15
N CYS A 59 -2.75 13.00 -6.70
CA CYS A 59 -4.04 12.91 -7.36
C CYS A 59 -5.11 13.29 -6.39
N THR A 60 -6.38 13.35 -6.91
CA THR A 60 -7.52 13.67 -6.09
C THR A 60 -7.78 12.50 -5.18
N LYS A 61 -8.72 12.65 -4.24
CA LYS A 61 -9.00 11.58 -3.31
C LYS A 61 -9.53 10.36 -4.02
N GLU A 62 -10.47 10.52 -4.99
CA GLU A 62 -11.03 9.36 -5.66
C GLU A 62 -10.00 8.74 -6.57
N VAL A 63 -9.27 9.58 -7.32
CA VAL A 63 -8.28 9.08 -8.25
C VAL A 63 -7.18 8.41 -7.47
N GLY A 64 -6.75 9.07 -6.38
CA GLY A 64 -5.69 8.56 -5.53
C GLY A 64 -6.09 7.26 -4.92
N LYS A 65 -7.38 7.11 -4.53
CA LYS A 65 -7.81 5.88 -3.89
C LYS A 65 -7.82 4.78 -4.91
N ALA A 66 -8.35 5.06 -6.12
CA ALA A 66 -8.44 4.05 -7.15
C ALA A 66 -7.06 3.66 -7.62
N ALA A 67 -6.21 4.68 -7.82
CA ALA A 67 -4.86 4.45 -8.28
C ALA A 67 -4.09 3.70 -7.23
N LEU A 68 -4.32 4.05 -5.94
CA LEU A 68 -3.61 3.42 -4.87
C LEU A 68 -4.00 1.96 -4.81
N GLU A 69 -5.31 1.66 -4.96
CA GLU A 69 -5.76 0.28 -4.87
C GLU A 69 -5.18 -0.47 -6.04
N LYS A 70 -5.18 0.17 -7.22
CA LYS A 70 -4.68 -0.46 -8.42
C LYS A 70 -3.22 -0.79 -8.23
N GLN A 71 -2.44 0.16 -7.67
CA GLN A 71 -1.02 -0.06 -7.47
C GLN A 71 -0.80 -1.08 -6.38
N ILE A 72 -1.61 -1.04 -5.30
CA ILE A 72 -1.44 -1.97 -4.19
C ILE A 72 -1.66 -3.36 -4.69
N GLU A 73 -2.66 -3.56 -5.56
CA GLU A 73 -2.96 -4.90 -6.04
C GLU A 73 -1.84 -5.37 -6.94
N GLU A 74 -1.32 -4.47 -7.81
CA GLU A 74 -0.26 -4.85 -8.73
C GLU A 74 0.99 -5.19 -7.96
N ILE A 75 1.30 -4.42 -6.91
CA ILE A 75 2.50 -4.67 -6.13
C ILE A 75 2.28 -5.95 -5.35
N ASN A 76 1.02 -6.17 -4.89
CA ASN A 76 0.72 -7.36 -4.11
C ASN A 76 0.96 -8.57 -4.98
N GLU A 77 0.64 -8.48 -6.30
CA GLU A 77 0.87 -9.58 -7.20
C GLU A 77 2.34 -9.90 -7.22
N GLN A 78 3.19 -8.83 -7.17
CA GLN A 78 4.62 -9.03 -7.16
C GLN A 78 5.00 -9.81 -5.91
N ILE A 79 4.31 -9.52 -4.79
CA ILE A 79 4.58 -10.21 -3.53
C ILE A 79 4.21 -11.65 -3.69
N ARG A 80 3.08 -11.93 -4.39
CA ARG A 80 2.63 -13.30 -4.58
C ARG A 80 3.66 -14.06 -5.38
N LYS A 81 4.26 -13.40 -6.39
CA LYS A 81 5.25 -14.07 -7.21
C LYS A 81 6.41 -14.49 -6.35
N GLU A 82 6.85 -13.58 -5.45
CA GLU A 82 7.96 -13.87 -4.57
C GLU A 82 7.55 -14.95 -3.60
N LYS A 83 6.27 -14.90 -3.17
CA LYS A 83 5.75 -15.85 -2.22
C LYS A 83 5.77 -17.22 -2.83
N GLU A 84 5.37 -17.33 -4.12
CA GLU A 84 5.36 -18.61 -4.77
C GLU A 84 6.74 -19.24 -4.73
N GLU A 85 7.80 -18.49 -5.11
CA GLU A 85 9.15 -19.04 -5.04
C GLU A 85 9.52 -19.31 -3.60
N ALA A 86 9.14 -18.38 -2.70
CA ALA A 86 9.43 -18.53 -1.29
C ALA A 86 8.81 -19.80 -0.76
N GLU A 87 7.57 -20.09 -1.19
CA GLU A 87 6.88 -21.29 -0.74
C GLU A 87 7.56 -22.49 -1.34
N ALA A 88 7.98 -22.35 -2.63
CA ALA A 88 8.66 -23.45 -3.29
C ALA A 88 9.92 -23.73 -2.53
N ARG A 89 10.74 -22.68 -2.30
CA ARG A 89 11.95 -22.82 -1.52
C ARG A 89 12.88 -23.83 -2.24
N GLY A 1 17.10 6.08 1.82
CA GLY A 1 17.42 7.23 2.70
C GLY A 1 17.61 6.77 4.12
N SER A 2 16.68 5.92 4.60
CA SER A 2 16.78 5.43 5.95
C SER A 2 16.07 4.12 6.00
N LYS A 3 16.52 3.22 6.88
CA LYS A 3 15.90 1.92 7.01
C LYS A 3 14.49 2.11 7.51
N LYS A 4 14.29 3.07 8.43
CA LYS A 4 12.97 3.29 8.99
C LYS A 4 12.21 4.25 8.10
N ALA A 5 12.79 4.63 6.94
CA ALA A 5 12.10 5.54 6.04
C ALA A 5 10.83 4.87 5.58
N ILE A 6 10.90 3.55 5.33
CA ILE A 6 9.73 2.82 4.86
C ILE A 6 8.65 2.88 5.91
N LYS A 7 9.02 2.90 7.20
CA LYS A 7 8.04 2.94 8.26
C LYS A 7 7.40 4.31 8.28
N LYS A 8 8.22 5.37 8.07
CA LYS A 8 7.69 6.72 8.08
C LYS A 8 6.77 6.87 6.90
N GLU A 9 7.14 6.29 5.75
CA GLU A 9 6.33 6.39 4.56
C GLU A 9 5.04 5.65 4.80
N ARG A 10 5.11 4.50 5.52
CA ARG A 10 3.92 3.72 5.79
C ARG A 10 2.98 4.53 6.65
N GLN A 11 3.54 5.25 7.64
CA GLN A 11 2.72 6.04 8.55
C GLN A 11 2.01 7.13 7.78
N LYS A 12 2.64 7.65 6.72
CA LYS A 12 2.04 8.73 5.98
C LYS A 12 1.06 8.17 4.98
N LEU A 13 1.52 7.18 4.19
CA LEU A 13 0.70 6.58 3.18
C LEU A 13 -0.53 5.95 3.80
N ARG A 14 -0.35 5.14 4.85
CA ARG A 14 -1.48 4.48 5.49
C ARG A 14 -2.44 5.50 6.05
N ASN A 15 -1.92 6.51 6.80
CA ASN A 15 -2.79 7.50 7.38
C ASN A 15 -3.54 8.25 6.31
N SER A 16 -2.86 8.65 5.22
CA SER A 16 -3.52 9.38 4.16
C SER A 16 -4.52 8.48 3.47
N CYS A 17 -4.13 7.21 3.23
CA CYS A 17 -4.99 6.28 2.53
C CYS A 17 -6.24 6.02 3.32
N LYS A 18 -6.10 5.77 4.64
CA LYS A 18 -7.25 5.47 5.46
C LYS A 18 -8.17 6.66 5.51
N THR A 19 -7.60 7.88 5.61
CA THR A 19 -8.38 9.09 5.69
C THR A 19 -9.19 9.29 4.44
N TRP A 20 -8.60 8.99 3.26
CA TRP A 20 -9.29 9.22 2.02
C TRP A 20 -9.67 7.90 1.39
N ASN A 21 -9.86 6.86 2.21
CA ASN A 21 -10.18 5.56 1.66
C ASN A 21 -11.59 5.52 1.15
N HIS A 22 -12.60 5.33 2.04
CA HIS A 22 -13.96 5.25 1.53
C HIS A 22 -14.87 6.09 2.38
N PHE A 23 -14.54 6.29 3.69
CA PHE A 23 -15.37 7.10 4.57
C PHE A 23 -16.63 6.35 4.92
N SER A 24 -16.78 5.09 4.46
CA SER A 24 -17.96 4.33 4.79
C SER A 24 -17.73 3.65 6.10
N ASP A 25 -18.83 3.13 6.72
CA ASP A 25 -18.71 2.44 7.98
C ASP A 25 -18.23 1.04 7.72
N ASN A 26 -18.31 0.58 6.45
CA ASN A 26 -17.86 -0.75 6.13
C ASN A 26 -16.37 -0.70 6.01
N GLU A 27 -15.68 -1.07 7.11
CA GLU A 27 -14.24 -1.04 7.12
C GLU A 27 -13.71 -2.34 6.62
N ALA A 28 -14.57 -3.36 6.40
CA ALA A 28 -14.11 -4.65 5.92
C ALA A 28 -13.42 -4.50 4.59
N GLU A 29 -13.94 -3.59 3.73
CA GLU A 29 -13.35 -3.41 2.43
C GLU A 29 -11.94 -2.89 2.64
N ARG A 30 -11.84 -1.83 3.46
CA ARG A 30 -10.56 -1.23 3.78
C ARG A 30 -9.66 -2.20 4.50
N VAL A 31 -10.22 -3.20 5.23
CA VAL A 31 -9.38 -4.13 5.94
C VAL A 31 -8.54 -4.90 4.96
N LYS A 32 -9.15 -5.36 3.85
CA LYS A 32 -8.39 -6.10 2.85
C LYS A 32 -7.30 -5.20 2.30
N MET A 33 -7.64 -3.92 2.06
CA MET A 33 -6.65 -3.00 1.53
C MET A 33 -5.56 -2.79 2.56
N MET A 34 -5.92 -2.73 3.85
CA MET A 34 -4.93 -2.55 4.89
C MET A 34 -4.01 -3.75 4.89
N GLU A 35 -4.58 -4.95 4.69
CA GLU A 35 -3.76 -6.15 4.67
C GLU A 35 -2.82 -6.07 3.49
N GLU A 36 -3.32 -5.62 2.32
CA GLU A 36 -2.51 -5.53 1.13
C GLU A 36 -1.41 -4.50 1.32
N VAL A 37 -1.70 -3.36 1.98
CA VAL A 37 -0.66 -2.36 2.15
C VAL A 37 0.32 -2.83 3.19
N GLU A 38 -0.16 -3.66 4.16
CA GLU A 38 0.73 -4.18 5.17
C GLU A 38 1.71 -5.11 4.50
N LYS A 39 1.20 -5.98 3.61
CA LYS A 39 2.06 -6.91 2.90
C LYS A 39 2.99 -6.13 2.02
N LEU A 40 2.48 -5.04 1.41
CA LEU A 40 3.27 -4.23 0.54
C LEU A 40 4.42 -3.63 1.30
N CYS A 41 4.16 -3.07 2.49
CA CYS A 41 5.21 -2.44 3.26
C CYS A 41 6.27 -3.45 3.62
N ASP A 42 5.85 -4.70 3.93
CA ASP A 42 6.79 -5.71 4.35
C ASP A 42 7.80 -6.08 3.27
N ARG A 43 7.39 -6.20 1.98
CA ARG A 43 8.33 -6.65 0.97
C ARG A 43 8.65 -5.58 -0.06
N LEU A 44 7.86 -4.50 -0.12
CA LEU A 44 8.11 -3.47 -1.11
C LEU A 44 9.15 -2.52 -0.59
N GLU A 45 10.15 -2.22 -1.46
CA GLU A 45 11.20 -1.31 -1.11
C GLU A 45 10.60 0.07 -0.95
N LEU A 46 11.24 0.91 -0.12
CA LEU A 46 10.73 2.24 0.12
C LEU A 46 10.81 3.06 -1.14
N ALA A 47 11.72 2.67 -2.04
CA ALA A 47 11.86 3.40 -3.30
C ALA A 47 10.54 3.38 -4.04
N SER A 48 9.84 2.23 -4.06
CA SER A 48 8.59 2.15 -4.76
C SER A 48 7.49 2.67 -3.87
N LEU A 49 7.67 2.53 -2.54
CA LEU A 49 6.67 3.00 -1.60
C LEU A 49 6.57 4.51 -1.72
N GLN A 50 7.73 5.18 -1.86
CA GLN A 50 7.76 6.61 -2.00
C GLN A 50 7.10 6.97 -3.30
N CYS A 51 7.33 6.16 -4.35
CA CYS A 51 6.73 6.43 -5.64
C CYS A 51 5.23 6.40 -5.51
N LEU A 52 4.70 5.36 -4.82
CA LEU A 52 3.26 5.25 -4.63
C LEU A 52 2.75 6.44 -3.87
N ASN A 53 3.55 6.91 -2.87
CA ASN A 53 3.15 8.03 -2.07
C ASN A 53 3.10 9.28 -2.94
N GLU A 54 4.04 9.39 -3.89
CA GLU A 54 4.08 10.55 -4.74
C GLU A 54 2.82 10.61 -5.56
N THR A 55 2.37 9.46 -6.10
CA THR A 55 1.18 9.44 -6.93
C THR A 55 -0.01 9.91 -6.14
N LEU A 56 -0.17 9.39 -4.90
CA LEU A 56 -1.32 9.79 -4.11
C LEU A 56 -1.14 11.20 -3.60
N THR A 57 0.05 11.82 -3.79
CA THR A 57 0.25 13.18 -3.33
C THR A 57 0.34 14.05 -4.56
N SER A 58 0.11 13.44 -5.74
CA SER A 58 0.21 14.18 -6.99
C SER A 58 -1.14 14.17 -7.66
N CYS A 59 -2.07 13.33 -7.17
CA CYS A 59 -3.38 13.25 -7.78
C CYS A 59 -4.39 13.68 -6.77
N THR A 60 -5.69 13.68 -7.18
CA THR A 60 -6.75 14.06 -6.27
C THR A 60 -6.79 13.03 -5.18
N LYS A 61 -7.62 13.24 -4.15
CA LYS A 61 -7.66 12.31 -3.06
C LYS A 61 -8.28 11.01 -3.50
N GLU A 62 -9.40 11.06 -4.26
CA GLU A 62 -10.05 9.83 -4.70
C GLU A 62 -9.21 9.18 -5.77
N VAL A 63 -8.67 9.99 -6.70
CA VAL A 63 -7.86 9.46 -7.78
C VAL A 63 -6.64 8.82 -7.18
N GLY A 64 -6.04 9.52 -6.20
CA GLY A 64 -4.87 9.03 -5.51
C GLY A 64 -5.20 7.74 -4.82
N LYS A 65 -6.45 7.61 -4.34
CA LYS A 65 -6.83 6.41 -3.64
C LYS A 65 -6.94 5.27 -4.62
N ALA A 66 -7.55 5.55 -5.80
CA ALA A 66 -7.73 4.50 -6.79
C ALA A 66 -6.40 4.11 -7.35
N ALA A 67 -5.54 5.13 -7.61
CA ALA A 67 -4.23 4.88 -8.16
C ALA A 67 -3.44 4.09 -7.16
N LEU A 68 -3.59 4.41 -5.86
CA LEU A 68 -2.86 3.71 -4.84
C LEU A 68 -3.36 2.30 -4.76
N GLU A 69 -4.68 2.09 -4.88
CA GLU A 69 -5.24 0.76 -4.77
C GLU A 69 -4.75 -0.06 -5.93
N LYS A 70 -4.75 0.55 -7.13
CA LYS A 70 -4.32 -0.14 -8.33
C LYS A 70 -2.88 -0.57 -8.17
N GLN A 71 -2.01 0.34 -7.67
CA GLN A 71 -0.62 0.01 -7.52
C GLN A 71 -0.43 -0.97 -6.39
N ILE A 72 -1.22 -0.85 -5.30
CA ILE A 72 -1.08 -1.74 -4.16
C ILE A 72 -1.45 -3.14 -4.59
N GLU A 73 -2.51 -3.29 -5.40
CA GLU A 73 -2.95 -4.61 -5.81
C GLU A 73 -1.91 -5.21 -6.72
N GLU A 74 -1.31 -4.37 -7.59
CA GLU A 74 -0.30 -4.86 -8.52
C GLU A 74 0.89 -5.38 -7.75
N ILE A 75 1.26 -4.66 -6.67
CA ILE A 75 2.40 -5.06 -5.87
C ILE A 75 2.02 -6.28 -5.08
N ASN A 76 0.75 -6.34 -4.64
CA ASN A 76 0.29 -7.46 -3.85
C ASN A 76 0.41 -8.71 -4.70
N GLU A 77 0.05 -8.61 -5.99
CA GLU A 77 0.15 -9.73 -6.90
C GLU A 77 1.59 -10.17 -6.99
N GLN A 78 2.51 -9.18 -7.03
CA GLN A 78 3.94 -9.47 -7.11
C GLN A 78 4.35 -10.20 -5.86
N ILE A 79 3.75 -9.83 -4.72
CA ILE A 79 4.08 -10.44 -3.46
C ILE A 79 3.60 -11.87 -3.47
N ARG A 80 2.40 -12.10 -4.05
CA ARG A 80 1.84 -13.42 -4.11
C ARG A 80 2.71 -14.29 -4.99
N LYS A 81 3.24 -13.71 -6.07
CA LYS A 81 4.09 -14.45 -6.99
C LYS A 81 5.30 -14.94 -6.23
N GLU A 82 5.90 -14.04 -5.42
CA GLU A 82 7.08 -14.39 -4.64
C GLU A 82 6.67 -15.38 -3.57
N LYS A 83 5.43 -15.23 -3.07
CA LYS A 83 4.94 -16.10 -2.02
C LYS A 83 4.83 -17.50 -2.57
N GLU A 84 4.33 -17.62 -3.82
CA GLU A 84 4.19 -18.94 -4.42
C GLU A 84 5.54 -19.63 -4.44
N GLU A 85 6.61 -18.94 -4.89
CA GLU A 85 7.93 -19.56 -4.89
C GLU A 85 8.36 -19.83 -3.46
N ALA A 86 8.07 -18.87 -2.56
CA ALA A 86 8.42 -19.02 -1.16
C ALA A 86 7.75 -20.25 -0.60
N GLU A 87 6.48 -20.49 -0.98
CA GLU A 87 5.76 -21.65 -0.51
C GLU A 87 6.38 -22.87 -1.15
N ALA A 88 6.77 -22.72 -2.42
CA ALA A 88 7.38 -23.81 -3.15
C ALA A 88 8.84 -23.83 -2.77
N ARG A 89 9.64 -24.59 -3.54
CA ARG A 89 11.06 -24.67 -3.25
C ARG A 89 11.79 -23.72 -4.20
N GLY A 1 8.29 -0.24 18.64
CA GLY A 1 9.41 -1.20 18.88
C GLY A 1 10.54 -0.93 17.93
N SER A 2 10.22 -0.89 16.62
CA SER A 2 11.25 -0.64 15.63
C SER A 2 10.73 0.45 14.75
N LYS A 3 11.66 1.28 14.22
CA LYS A 3 11.27 2.35 13.35
C LYS A 3 12.02 2.17 12.06
N LYS A 4 11.28 2.18 10.93
CA LYS A 4 11.92 2.01 9.64
C LYS A 4 11.40 3.10 8.77
N ALA A 5 12.18 3.47 7.73
CA ALA A 5 11.77 4.51 6.82
C ALA A 5 10.51 4.07 6.12
N ILE A 6 10.44 2.78 5.73
CA ILE A 6 9.27 2.27 5.04
C ILE A 6 8.12 2.26 6.00
N LYS A 7 8.38 2.03 7.32
CA LYS A 7 7.33 2.00 8.30
C LYS A 7 6.75 3.38 8.44
N LYS A 8 7.62 4.41 8.45
CA LYS A 8 7.17 5.78 8.58
C LYS A 8 6.34 6.12 7.37
N GLU A 9 6.79 5.67 6.19
CA GLU A 9 6.07 5.96 4.97
C GLU A 9 4.73 5.28 5.04
N ARG A 10 4.68 4.07 5.64
CA ARG A 10 3.45 3.33 5.76
C ARG A 10 2.48 4.11 6.61
N GLN A 11 2.98 4.73 7.69
CA GLN A 11 2.11 5.48 8.58
C GLN A 11 1.55 6.69 7.85
N LYS A 12 2.26 7.17 6.82
CA LYS A 12 1.78 8.33 6.10
C LYS A 12 0.80 7.87 5.06
N LEU A 13 1.21 6.87 4.25
CA LEU A 13 0.38 6.35 3.20
C LEU A 13 -0.90 5.77 3.77
N ARG A 14 -0.80 4.94 4.82
CA ARG A 14 -1.97 4.32 5.41
C ARG A 14 -2.90 5.38 5.95
N ASN A 15 -2.36 6.35 6.72
CA ASN A 15 -3.19 7.38 7.29
C ASN A 15 -3.87 8.15 6.19
N SER A 16 -3.12 8.52 5.13
CA SER A 16 -3.68 9.28 4.04
C SER A 16 -4.70 8.45 3.30
N CYS A 17 -4.42 7.15 3.13
CA CYS A 17 -5.31 6.28 2.37
C CYS A 17 -6.65 6.19 3.06
N LYS A 18 -6.67 5.92 4.38
CA LYS A 18 -7.92 5.78 5.09
C LYS A 18 -8.64 7.10 5.15
N THR A 19 -7.88 8.19 5.38
CA THR A 19 -8.47 9.50 5.51
C THR A 19 -9.09 9.93 4.21
N TRP A 20 -8.42 9.64 3.07
CA TRP A 20 -8.95 10.09 1.80
C TRP A 20 -9.66 8.97 1.10
N ASN A 21 -10.17 7.95 1.83
CA ASN A 21 -10.85 6.87 1.17
C ASN A 21 -12.27 7.30 0.90
N HIS A 22 -13.16 7.18 1.91
CA HIS A 22 -14.54 7.58 1.72
C HIS A 22 -15.08 8.13 3.01
N PHE A 23 -14.22 8.19 4.05
CA PHE A 23 -14.66 8.68 5.36
C PHE A 23 -15.87 7.87 5.80
N SER A 24 -15.94 6.58 5.40
CA SER A 24 -17.08 5.77 5.78
C SER A 24 -16.67 4.90 6.93
N ASP A 25 -17.66 4.23 7.56
CA ASP A 25 -17.38 3.38 8.69
C ASP A 25 -17.10 1.99 8.18
N ASN A 26 -17.18 1.78 6.86
CA ASN A 26 -16.91 0.47 6.31
C ASN A 26 -15.43 0.37 6.11
N GLU A 27 -14.71 -0.12 7.15
CA GLU A 27 -13.28 -0.22 7.07
C GLU A 27 -12.89 -1.52 6.42
N ALA A 28 -13.86 -2.42 6.16
CA ALA A 28 -13.54 -3.71 5.55
C ALA A 28 -12.86 -3.53 4.21
N GLU A 29 -13.30 -2.51 3.44
CA GLU A 29 -12.69 -2.31 2.13
C GLU A 29 -11.24 -1.97 2.35
N ARG A 30 -10.98 -1.00 3.24
CA ARG A 30 -9.62 -0.60 3.54
C ARG A 30 -8.87 -1.72 4.20
N VAL A 31 -9.53 -2.69 4.85
CA VAL A 31 -8.81 -3.76 5.51
C VAL A 31 -8.04 -4.55 4.48
N LYS A 32 -8.69 -4.92 3.35
CA LYS A 32 -8.01 -5.68 2.33
C LYS A 32 -6.84 -4.88 1.79
N MET A 33 -7.08 -3.58 1.52
CA MET A 33 -6.03 -2.74 0.99
C MET A 33 -4.91 -2.64 2.00
N MET A 34 -5.25 -2.47 3.29
CA MET A 34 -4.25 -2.37 4.33
C MET A 34 -3.45 -3.64 4.41
N GLU A 35 -4.10 -4.80 4.25
CA GLU A 35 -3.39 -6.07 4.32
C GLU A 35 -2.36 -6.11 3.21
N GLU A 36 -2.76 -5.72 1.99
CA GLU A 36 -1.86 -5.75 0.86
C GLU A 36 -0.75 -4.73 1.06
N VAL A 37 -1.11 -3.57 1.64
CA VAL A 37 -0.13 -2.52 1.90
C VAL A 37 0.85 -3.04 2.92
N GLU A 38 0.34 -3.77 3.93
CA GLU A 38 1.18 -4.33 4.97
C GLU A 38 2.16 -5.28 4.34
N LYS A 39 1.67 -6.10 3.38
CA LYS A 39 2.54 -7.04 2.71
C LYS A 39 3.60 -6.27 1.97
N LEU A 40 3.25 -5.11 1.36
CA LEU A 40 4.20 -4.32 0.64
C LEU A 40 5.23 -3.78 1.60
N CYS A 41 4.79 -3.35 2.80
CA CYS A 41 5.70 -2.80 3.78
C CYS A 41 6.61 -3.89 4.31
N ASP A 42 6.22 -5.17 4.12
CA ASP A 42 7.00 -6.25 4.66
C ASP A 42 8.07 -6.71 3.68
N ARG A 43 7.74 -6.84 2.37
CA ARG A 43 8.71 -7.37 1.43
C ARG A 43 9.10 -6.34 0.39
N LEU A 44 8.20 -5.41 0.05
CA LEU A 44 8.50 -4.46 -1.00
C LEU A 44 9.43 -3.38 -0.51
N GLU A 45 10.19 -2.83 -1.48
CA GLU A 45 11.13 -1.78 -1.23
C GLU A 45 10.36 -0.52 -0.93
N LEU A 46 10.95 0.35 -0.07
CA LEU A 46 10.31 1.58 0.32
C LEU A 46 10.12 2.46 -0.89
N ALA A 47 10.96 2.30 -1.93
CA ALA A 47 10.82 3.12 -3.13
C ALA A 47 9.45 2.93 -3.72
N SER A 48 8.89 1.70 -3.66
CA SER A 48 7.58 1.48 -4.24
C SER A 48 6.56 2.19 -3.39
N LEU A 49 6.76 2.16 -2.06
CA LEU A 49 5.84 2.80 -1.15
C LEU A 49 5.88 4.28 -1.37
N GLN A 50 7.09 4.85 -1.56
CA GLN A 50 7.23 6.28 -1.76
C GLN A 50 6.60 6.66 -3.08
N CYS A 51 6.75 5.82 -4.12
CA CYS A 51 6.19 6.13 -5.41
C CYS A 51 4.69 6.19 -5.30
N LEU A 52 4.10 5.19 -4.62
CA LEU A 52 2.66 5.15 -4.45
C LEU A 52 2.21 6.34 -3.64
N ASN A 53 3.01 6.73 -2.63
CA ASN A 53 2.66 7.86 -1.80
C ASN A 53 2.67 9.11 -2.63
N GLU A 54 3.61 9.20 -3.58
CA GLU A 54 3.71 10.38 -4.42
C GLU A 54 2.46 10.48 -5.26
N THR A 55 2.01 9.33 -5.81
CA THR A 55 0.84 9.32 -6.66
C THR A 55 -0.36 9.80 -5.89
N LEU A 56 -0.57 9.26 -4.67
CA LEU A 56 -1.73 9.66 -3.90
C LEU A 56 -1.56 11.07 -3.38
N THR A 57 -0.35 11.68 -3.55
CA THR A 57 -0.16 13.06 -3.08
C THR A 57 -0.05 13.92 -4.31
N SER A 58 -0.26 13.30 -5.49
CA SER A 58 -0.16 14.02 -6.74
C SER A 58 -1.50 14.01 -7.43
N CYS A 59 -2.44 13.17 -6.93
CA CYS A 59 -3.73 13.08 -7.55
C CYS A 59 -4.78 13.46 -6.55
N THR A 60 -6.06 13.50 -7.02
CA THR A 60 -7.17 13.85 -6.16
C THR A 60 -7.41 12.68 -5.24
N LYS A 61 -8.31 12.84 -4.26
CA LYS A 61 -8.56 11.78 -3.31
C LYS A 61 -9.14 10.56 -4.01
N GLU A 62 -10.10 10.74 -4.94
CA GLU A 62 -10.70 9.59 -5.59
C GLU A 62 -9.71 8.94 -6.53
N VAL A 63 -8.95 9.76 -7.29
CA VAL A 63 -8.00 9.23 -8.24
C VAL A 63 -6.90 8.54 -7.47
N GLY A 64 -6.43 9.18 -6.40
CA GLY A 64 -5.38 8.64 -5.57
C GLY A 64 -5.82 7.34 -4.96
N LYS A 65 -7.10 7.22 -4.58
CA LYS A 65 -7.57 6.00 -3.96
C LYS A 65 -7.58 4.91 -4.98
N ALA A 66 -8.10 5.20 -6.19
CA ALA A 66 -8.19 4.19 -7.22
C ALA A 66 -6.81 3.78 -7.66
N ALA A 67 -5.93 4.78 -7.84
CA ALA A 67 -4.57 4.53 -8.28
C ALA A 67 -3.84 3.75 -7.23
N LEU A 68 -4.06 4.09 -5.94
CA LEU A 68 -3.36 3.41 -4.89
C LEU A 68 -3.83 1.99 -4.80
N GLU A 69 -5.14 1.74 -4.96
CA GLU A 69 -5.65 0.40 -4.85
C GLU A 69 -5.11 -0.40 -6.01
N LYS A 70 -5.09 0.23 -7.20
CA LYS A 70 -4.61 -0.44 -8.40
C LYS A 70 -3.16 -0.80 -8.21
N GLN A 71 -2.35 0.14 -7.68
CA GLN A 71 -0.93 -0.12 -7.50
C GLN A 71 -0.71 -1.12 -6.40
N ILE A 72 -1.49 -1.04 -5.31
CA ILE A 72 -1.33 -1.95 -4.19
C ILE A 72 -1.63 -3.36 -4.64
N GLU A 73 -2.66 -3.53 -5.50
CA GLU A 73 -3.01 -4.87 -5.95
C GLU A 73 -1.89 -5.40 -6.82
N GLU A 74 -1.31 -4.52 -7.67
CA GLU A 74 -0.23 -4.93 -8.56
C GLU A 74 0.97 -5.32 -7.72
N ILE A 75 1.22 -4.56 -6.63
CA ILE A 75 2.33 -4.84 -5.76
C ILE A 75 2.08 -6.16 -5.08
N ASN A 76 0.82 -6.41 -4.70
CA ASN A 76 0.46 -7.63 -4.01
C ASN A 76 0.75 -8.80 -4.93
N GLU A 77 0.44 -8.64 -6.24
CA GLU A 77 0.67 -9.71 -7.19
C GLU A 77 2.15 -10.03 -7.24
N GLN A 78 3.01 -8.98 -7.23
CA GLN A 78 4.44 -9.19 -7.28
C GLN A 78 4.87 -9.93 -6.03
N ILE A 79 4.24 -9.59 -4.89
CA ILE A 79 4.58 -10.22 -3.63
C ILE A 79 4.17 -11.67 -3.69
N ARG A 80 3.00 -11.95 -4.31
CA ARG A 80 2.50 -13.31 -4.41
C ARG A 80 3.46 -14.12 -5.25
N LYS A 81 4.04 -13.50 -6.29
CA LYS A 81 4.96 -14.19 -7.16
C LYS A 81 6.16 -14.65 -6.34
N GLU A 82 6.69 -13.75 -5.49
CA GLU A 82 7.83 -14.07 -4.65
C GLU A 82 7.41 -15.08 -3.61
N LYS A 83 6.14 -14.95 -3.14
CA LYS A 83 5.62 -15.84 -2.12
C LYS A 83 5.57 -17.24 -2.68
N GLU A 84 5.11 -17.36 -3.94
CA GLU A 84 5.02 -18.66 -4.58
C GLU A 84 6.38 -19.33 -4.55
N GLU A 85 7.45 -18.63 -4.98
CA GLU A 85 8.77 -19.23 -4.95
C GLU A 85 9.18 -19.51 -3.53
N ALA A 86 8.87 -18.56 -2.62
CA ALA A 86 9.21 -18.71 -1.22
C ALA A 86 8.53 -19.94 -0.66
N GLU A 87 7.26 -20.16 -1.05
CA GLU A 87 6.52 -21.31 -0.59
C GLU A 87 7.13 -22.55 -1.20
N ALA A 88 7.53 -22.43 -2.47
CA ALA A 88 8.13 -23.56 -3.16
C ALA A 88 9.38 -23.94 -2.41
N ARG A 89 10.27 -22.95 -2.15
CA ARG A 89 11.46 -23.23 -1.39
C ARG A 89 11.95 -21.92 -0.78
N GLY A 1 18.20 4.02 10.98
CA GLY A 1 16.87 3.38 10.80
C GLY A 1 16.34 3.61 9.42
N SER A 2 17.18 3.35 8.39
CA SER A 2 16.78 3.56 7.02
C SER A 2 15.77 2.49 6.65
N LYS A 3 15.73 1.39 7.42
CA LYS A 3 14.80 0.33 7.13
C LYS A 3 13.47 0.68 7.72
N LYS A 4 13.43 1.75 8.55
CA LYS A 4 12.19 2.16 9.16
C LYS A 4 11.53 3.15 8.26
N ALA A 5 12.19 3.51 7.14
CA ALA A 5 11.65 4.48 6.22
C ALA A 5 10.37 3.92 5.64
N ILE A 6 10.36 2.62 5.32
CA ILE A 6 9.18 2.00 4.75
C ILE A 6 8.08 1.97 5.79
N LYS A 7 8.45 1.82 7.09
CA LYS A 7 7.47 1.78 8.15
C LYS A 7 6.82 3.13 8.26
N LYS A 8 7.63 4.21 8.20
CA LYS A 8 7.11 5.55 8.31
C LYS A 8 6.22 5.82 7.12
N GLU A 9 6.63 5.31 5.95
CA GLU A 9 5.86 5.52 4.75
C GLU A 9 4.55 4.79 4.87
N ARG A 10 4.56 3.60 5.51
CA ARG A 10 3.33 2.83 5.67
C ARG A 10 2.36 3.64 6.49
N GLN A 11 2.84 4.28 7.57
CA GLN A 11 1.98 5.06 8.44
C GLN A 11 1.39 6.22 7.67
N LYS A 12 2.13 6.70 6.65
CA LYS A 12 1.66 7.83 5.90
C LYS A 12 0.67 7.35 4.87
N LEU A 13 1.06 6.32 4.11
CA LEU A 13 0.24 5.75 3.05
C LEU A 13 -1.06 5.23 3.63
N ARG A 14 -0.99 4.42 4.69
CA ARG A 14 -2.19 3.87 5.29
C ARG A 14 -3.09 4.96 5.81
N ASN A 15 -2.52 5.91 6.57
CA ASN A 15 -3.32 6.98 7.13
C ASN A 15 -3.97 7.78 6.03
N SER A 16 -3.19 8.13 4.98
CA SER A 16 -3.71 8.91 3.88
C SER A 16 -4.80 8.13 3.17
N CYS A 17 -4.58 6.82 2.98
CA CYS A 17 -5.52 6.01 2.26
C CYS A 17 -6.83 5.91 3.01
N LYS A 18 -6.77 5.62 4.33
CA LYS A 18 -7.99 5.45 5.10
C LYS A 18 -8.72 6.76 5.25
N THR A 19 -7.99 7.86 5.49
CA THR A 19 -8.64 9.14 5.72
C THR A 19 -9.29 9.66 4.47
N TRP A 20 -8.81 9.25 3.28
CA TRP A 20 -9.40 9.76 2.05
C TRP A 20 -10.07 8.62 1.33
N ASN A 21 -10.49 7.56 2.06
CA ASN A 21 -11.13 6.45 1.40
C ASN A 21 -12.54 6.86 1.03
N HIS A 22 -13.49 6.78 1.98
CA HIS A 22 -14.85 7.17 1.68
C HIS A 22 -15.48 7.73 2.92
N PHE A 23 -14.68 7.89 4.00
CA PHE A 23 -15.19 8.41 5.26
C PHE A 23 -16.39 7.61 5.70
N SER A 24 -16.45 6.30 5.34
CA SER A 24 -17.58 5.49 5.73
C SER A 24 -17.17 4.62 6.87
N ASP A 25 -18.15 3.95 7.50
CA ASP A 25 -17.85 3.08 8.62
C ASP A 25 -17.51 1.71 8.10
N ASN A 26 -17.46 1.53 6.76
CA ASN A 26 -17.13 0.25 6.20
C ASN A 26 -15.63 0.17 6.15
N GLU A 27 -15.03 -0.48 7.16
CA GLU A 27 -13.59 -0.60 7.21
C GLU A 27 -13.17 -1.84 6.48
N ALA A 28 -14.14 -2.70 6.06
CA ALA A 28 -13.80 -3.93 5.37
C ALA A 28 -13.02 -3.64 4.11
N GLU A 29 -13.37 -2.54 3.40
CA GLU A 29 -12.66 -2.23 2.18
C GLU A 29 -11.22 -1.95 2.53
N ARG A 30 -11.03 -1.07 3.53
CA ARG A 30 -9.69 -0.74 3.98
C ARG A 30 -8.99 -1.94 4.53
N VAL A 31 -9.71 -2.96 5.06
CA VAL A 31 -9.02 -4.10 5.63
C VAL A 31 -8.21 -4.78 4.57
N LYS A 32 -8.81 -5.03 3.37
CA LYS A 32 -8.07 -5.70 2.32
C LYS A 32 -6.89 -4.86 1.90
N MET A 33 -7.09 -3.53 1.79
CA MET A 33 -6.00 -2.65 1.39
C MET A 33 -4.93 -2.65 2.45
N MET A 34 -5.34 -2.65 3.74
CA MET A 34 -4.37 -2.67 4.83
C MET A 34 -3.59 -3.95 4.78
N GLU A 35 -4.24 -5.07 4.46
CA GLU A 35 -3.53 -6.33 4.40
C GLU A 35 -2.49 -6.25 3.30
N GLU A 36 -2.87 -5.67 2.15
CA GLU A 36 -1.97 -5.57 1.03
C GLU A 36 -0.86 -4.58 1.34
N VAL A 37 -1.19 -3.45 2.02
CA VAL A 37 -0.16 -2.46 2.32
C VAL A 37 0.78 -3.05 3.33
N GLU A 38 0.27 -3.98 4.17
CA GLU A 38 1.12 -4.62 5.16
C GLU A 38 2.11 -5.46 4.40
N LYS A 39 1.65 -6.12 3.32
CA LYS A 39 2.51 -6.94 2.51
C LYS A 39 3.58 -6.09 1.89
N LEU A 40 3.24 -4.84 1.48
CA LEU A 40 4.22 -3.97 0.87
C LEU A 40 5.29 -3.66 1.87
N CYS A 41 4.88 -3.36 3.10
CA CYS A 41 5.84 -3.01 4.13
C CYS A 41 6.67 -4.20 4.51
N ASP A 42 6.17 -5.42 4.23
CA ASP A 42 6.87 -6.62 4.63
C ASP A 42 7.99 -6.96 3.67
N ARG A 43 7.74 -6.93 2.33
CA ARG A 43 8.79 -7.34 1.40
C ARG A 43 9.05 -6.31 0.34
N LEU A 44 8.13 -5.38 0.08
CA LEU A 44 8.34 -4.41 -0.99
C LEU A 44 9.40 -3.41 -0.59
N GLU A 45 10.17 -2.98 -1.62
CA GLU A 45 11.20 -1.98 -1.41
C GLU A 45 10.50 -0.68 -1.14
N LEU A 46 11.11 0.16 -0.27
CA LEU A 46 10.50 1.43 0.09
C LEU A 46 10.38 2.31 -1.13
N ALA A 47 11.27 2.13 -2.13
CA ALA A 47 11.21 2.95 -3.33
C ALA A 47 9.88 2.79 -4.02
N SER A 48 9.32 1.57 -4.05
CA SER A 48 8.05 1.36 -4.72
C SER A 48 6.95 1.97 -3.87
N LEU A 49 7.05 1.82 -2.54
CA LEU A 49 6.05 2.36 -1.64
C LEU A 49 6.05 3.87 -1.79
N GLN A 50 7.25 4.45 -1.91
CA GLN A 50 7.40 5.88 -2.07
C GLN A 50 6.80 6.31 -3.38
N CYS A 51 6.96 5.48 -4.44
CA CYS A 51 6.42 5.81 -5.74
C CYS A 51 4.92 5.93 -5.62
N LEU A 52 4.28 4.98 -4.92
CA LEU A 52 2.85 5.00 -4.73
C LEU A 52 2.47 6.28 -4.02
N ASN A 53 3.33 6.74 -3.09
CA ASN A 53 3.06 7.94 -2.34
C ASN A 53 3.05 9.12 -3.29
N GLU A 54 3.96 9.11 -4.30
CA GLU A 54 4.03 10.21 -5.22
C GLU A 54 2.74 10.31 -5.99
N THR A 55 2.21 9.17 -6.46
CA THR A 55 1.00 9.17 -7.24
C THR A 55 -0.14 9.73 -6.42
N LEU A 56 -0.29 9.25 -5.16
CA LEU A 56 -1.37 9.73 -4.34
C LEU A 56 -1.13 11.14 -3.89
N THR A 57 0.07 11.72 -4.14
CA THR A 57 0.33 13.09 -3.75
C THR A 57 0.40 13.91 -5.02
N SER A 58 0.14 13.25 -6.16
CA SER A 58 0.20 13.93 -7.44
C SER A 58 -1.18 13.97 -8.04
N CYS A 59 -2.13 13.21 -7.45
CA CYS A 59 -3.46 13.18 -7.97
C CYS A 59 -4.41 13.66 -6.91
N THR A 60 -5.70 13.84 -7.30
CA THR A 60 -6.72 14.27 -6.38
C THR A 60 -6.83 13.23 -5.31
N LYS A 61 -7.49 13.55 -4.18
CA LYS A 61 -7.58 12.60 -3.09
C LYS A 61 -8.34 11.36 -3.52
N GLU A 62 -9.47 11.52 -4.26
CA GLU A 62 -10.23 10.36 -4.69
C GLU A 62 -9.48 9.62 -5.77
N VAL A 63 -8.85 10.36 -6.69
CA VAL A 63 -8.12 9.73 -7.78
C VAL A 63 -6.98 8.95 -7.19
N GLY A 64 -6.28 9.57 -6.21
CA GLY A 64 -5.15 8.94 -5.56
C GLY A 64 -5.63 7.73 -4.79
N LYS A 65 -6.92 7.72 -4.38
CA LYS A 65 -7.44 6.61 -3.63
C LYS A 65 -7.57 5.43 -4.56
N ALA A 66 -8.13 5.68 -5.75
CA ALA A 66 -8.33 4.62 -6.72
C ALA A 66 -6.99 4.18 -7.25
N ALA A 67 -6.11 5.16 -7.54
CA ALA A 67 -4.81 4.86 -8.08
C ALA A 67 -4.01 4.08 -7.07
N LEU A 68 -4.12 4.44 -5.78
CA LEU A 68 -3.36 3.77 -4.76
C LEU A 68 -3.86 2.36 -4.62
N GLU A 69 -5.20 2.16 -4.70
CA GLU A 69 -5.74 0.83 -4.55
C GLU A 69 -5.29 -0.01 -5.72
N LYS A 70 -5.36 0.58 -6.93
CA LYS A 70 -4.96 -0.13 -8.13
C LYS A 70 -3.50 -0.50 -8.07
N GLN A 71 -2.65 0.46 -7.62
CA GLN A 71 -1.23 0.21 -7.55
C GLN A 71 -0.93 -0.79 -6.47
N ILE A 72 -1.64 -0.71 -5.32
CA ILE A 72 -1.40 -1.62 -4.22
C ILE A 72 -1.72 -3.02 -4.64
N GLU A 73 -2.79 -3.20 -5.44
CA GLU A 73 -3.18 -4.53 -5.85
C GLU A 73 -2.12 -5.11 -6.75
N GLU A 74 -1.55 -4.27 -7.65
CA GLU A 74 -0.53 -4.72 -8.56
C GLU A 74 0.70 -5.12 -7.77
N ILE A 75 1.02 -4.33 -6.72
CA ILE A 75 2.18 -4.61 -5.90
C ILE A 75 1.95 -5.89 -5.14
N ASN A 76 0.69 -6.11 -4.69
CA ASN A 76 0.38 -7.30 -3.93
C ASN A 76 0.68 -8.51 -4.78
N GLU A 77 0.37 -8.43 -6.10
CA GLU A 77 0.64 -9.54 -6.98
C GLU A 77 2.14 -9.76 -7.03
N GLN A 78 2.92 -8.66 -7.07
CA GLN A 78 4.37 -8.78 -7.12
C GLN A 78 4.85 -9.46 -5.86
N ILE A 79 4.24 -9.11 -4.71
CA ILE A 79 4.63 -9.70 -3.44
C ILE A 79 4.28 -11.17 -3.47
N ARG A 80 3.11 -11.49 -4.08
CA ARG A 80 2.65 -12.86 -4.16
C ARG A 80 3.67 -13.68 -4.92
N LYS A 81 4.26 -13.08 -5.98
CA LYS A 81 5.24 -13.80 -6.79
C LYS A 81 6.42 -14.17 -5.91
N GLU A 82 6.83 -13.23 -5.03
CA GLU A 82 7.95 -13.47 -4.14
C GLU A 82 7.54 -14.53 -3.13
N LYS A 83 6.28 -14.46 -2.68
CA LYS A 83 5.79 -15.40 -1.69
C LYS A 83 5.77 -16.78 -2.28
N GLU A 84 5.39 -16.89 -3.56
CA GLU A 84 5.36 -18.19 -4.20
C GLU A 84 6.73 -18.83 -4.14
N GLU A 85 7.80 -18.10 -4.53
CA GLU A 85 9.14 -18.67 -4.46
C GLU A 85 9.50 -18.90 -3.02
N ALA A 86 9.13 -17.95 -2.14
CA ALA A 86 9.44 -18.06 -0.72
C ALA A 86 8.80 -19.32 -0.17
N GLU A 87 7.54 -19.59 -0.58
CA GLU A 87 6.84 -20.77 -0.12
C GLU A 87 7.52 -21.98 -0.69
N ALA A 88 7.98 -21.87 -1.95
CA ALA A 88 8.66 -22.98 -2.59
C ALA A 88 9.89 -23.28 -1.79
N ARG A 89 10.72 -22.25 -1.52
CA ARG A 89 11.89 -22.47 -0.69
C ARG A 89 12.27 -21.12 -0.07
N GLY A 1 11.83 -5.41 5.98
CA GLY A 1 11.81 -4.09 6.65
C GLY A 1 13.11 -3.86 7.38
N SER A 2 14.20 -3.63 6.61
CA SER A 2 15.49 -3.41 7.21
C SER A 2 15.59 -1.95 7.60
N LYS A 3 14.64 -1.12 7.12
CA LYS A 3 14.65 0.28 7.42
C LYS A 3 13.30 0.63 7.93
N LYS A 4 13.23 1.64 8.83
CA LYS A 4 11.97 2.06 9.39
C LYS A 4 11.39 3.13 8.50
N ALA A 5 12.14 3.51 7.43
CA ALA A 5 11.67 4.52 6.53
C ALA A 5 10.41 4.04 5.86
N ILE A 6 10.36 2.74 5.50
CA ILE A 6 9.19 2.19 4.85
C ILE A 6 8.05 2.14 5.84
N LYS A 7 8.36 1.95 7.15
CA LYS A 7 7.31 1.88 8.15
C LYS A 7 6.69 3.24 8.31
N LYS A 8 7.54 4.30 8.35
CA LYS A 8 7.04 5.64 8.52
C LYS A 8 6.29 6.03 7.28
N GLU A 9 6.79 5.61 6.11
CA GLU A 9 6.16 5.95 4.86
C GLU A 9 4.81 5.28 4.82
N ARG A 10 4.73 4.04 5.35
CA ARG A 10 3.49 3.30 5.35
C ARG A 10 2.49 4.03 6.19
N GLN A 11 2.93 4.61 7.32
CA GLN A 11 2.02 5.33 8.21
C GLN A 11 1.49 6.55 7.50
N LYS A 12 2.26 7.08 6.52
CA LYS A 12 1.82 8.26 5.80
C LYS A 12 0.90 7.84 4.69
N LEU A 13 1.15 6.64 4.16
CA LEU A 13 0.38 6.11 3.06
C LEU A 13 -0.97 5.64 3.56
N ARG A 14 -0.97 4.75 4.57
CA ARG A 14 -2.19 4.20 5.12
C ARG A 14 -3.05 5.28 5.70
N ASN A 15 -2.45 6.18 6.51
CA ASN A 15 -3.22 7.24 7.14
C ASN A 15 -3.90 8.08 6.09
N SER A 16 -3.16 8.46 5.03
CA SER A 16 -3.73 9.28 3.98
C SER A 16 -4.79 8.50 3.26
N CYS A 17 -4.54 7.20 3.03
CA CYS A 17 -5.47 6.37 2.28
C CYS A 17 -6.77 6.25 3.02
N LYS A 18 -6.72 5.94 4.34
CA LYS A 18 -7.93 5.75 5.10
C LYS A 18 -8.66 7.07 5.25
N THR A 19 -7.91 8.16 5.47
CA THR A 19 -8.49 9.46 5.66
C THR A 19 -9.24 9.90 4.42
N TRP A 20 -8.70 9.61 3.23
CA TRP A 20 -9.34 10.07 2.02
C TRP A 20 -10.01 8.91 1.33
N ASN A 21 -10.39 7.86 2.08
CA ASN A 21 -11.03 6.72 1.44
C ASN A 21 -12.46 7.10 1.15
N HIS A 22 -13.37 6.98 2.15
CA HIS A 22 -14.74 7.35 1.93
C HIS A 22 -15.33 7.84 3.21
N PHE A 23 -14.51 7.90 4.29
CA PHE A 23 -15.00 8.35 5.59
C PHE A 23 -16.19 7.50 5.98
N SER A 24 -16.23 6.22 5.57
CA SER A 24 -17.36 5.36 5.88
C SER A 24 -16.96 4.50 7.04
N ASP A 25 -17.94 3.79 7.63
CA ASP A 25 -17.67 2.93 8.75
C ASP A 25 -17.36 1.55 8.23
N ASN A 26 -17.43 1.34 6.90
CA ASN A 26 -17.14 0.03 6.35
C ASN A 26 -15.66 -0.01 6.13
N GLU A 27 -14.92 -0.58 7.10
CA GLU A 27 -13.48 -0.66 7.01
C GLU A 27 -13.08 -1.93 6.32
N ALA A 28 -14.03 -2.83 5.99
CA ALA A 28 -13.68 -4.09 5.36
C ALA A 28 -12.97 -3.86 4.06
N GLU A 29 -13.36 -2.83 3.28
CA GLU A 29 -12.71 -2.59 2.01
C GLU A 29 -11.27 -2.26 2.28
N ARG A 30 -11.05 -1.33 3.22
CA ARG A 30 -9.72 -0.93 3.59
C ARG A 30 -8.98 -2.06 4.26
N VAL A 31 -9.68 -3.06 4.85
CA VAL A 31 -8.96 -4.13 5.52
C VAL A 31 -8.16 -4.88 4.49
N LYS A 32 -8.75 -5.19 3.31
CA LYS A 32 -8.02 -5.91 2.29
C LYS A 32 -6.85 -5.07 1.82
N MET A 33 -7.08 -3.75 1.66
CA MET A 33 -6.00 -2.89 1.22
C MET A 33 -4.91 -2.84 2.28
N MET A 34 -5.30 -2.80 3.57
CA MET A 34 -4.33 -2.77 4.65
C MET A 34 -3.56 -4.06 4.67
N GLU A 35 -4.21 -5.20 4.40
CA GLU A 35 -3.48 -6.46 4.41
C GLU A 35 -2.45 -6.42 3.32
N GLU A 36 -2.82 -5.88 2.15
CA GLU A 36 -1.90 -5.79 1.03
C GLU A 36 -0.80 -4.80 1.34
N VAL A 37 -1.15 -3.70 2.03
CA VAL A 37 -0.16 -2.68 2.35
C VAL A 37 0.79 -3.24 3.37
N GLU A 38 0.31 -4.18 4.22
CA GLU A 38 1.16 -4.77 5.22
C GLU A 38 2.15 -5.66 4.51
N LYS A 39 1.65 -6.43 3.51
CA LYS A 39 2.50 -7.34 2.77
C LYS A 39 3.54 -6.58 2.00
N LEU A 40 3.19 -5.41 1.42
CA LEU A 40 4.16 -4.69 0.64
C LEU A 40 5.06 -3.93 1.58
N CYS A 41 4.56 -3.50 2.74
CA CYS A 41 5.42 -2.79 3.67
C CYS A 41 6.52 -3.71 4.11
N ASP A 42 6.19 -5.00 4.30
CA ASP A 42 7.14 -5.98 4.77
C ASP A 42 8.20 -6.33 3.72
N ARG A 43 7.82 -6.46 2.42
CA ARG A 43 8.82 -6.91 1.44
C ARG A 43 9.09 -5.90 0.35
N LEU A 44 8.12 -5.03 0.01
CA LEU A 44 8.32 -4.08 -1.06
C LEU A 44 9.36 -3.05 -0.68
N GLU A 45 10.13 -2.60 -1.70
CA GLU A 45 11.15 -1.60 -1.49
C GLU A 45 10.46 -0.31 -1.16
N LEU A 46 11.06 0.48 -0.24
CA LEU A 46 10.46 1.73 0.17
C LEU A 46 10.38 2.67 -1.00
N ALA A 47 11.30 2.55 -1.97
CA ALA A 47 11.27 3.42 -3.13
C ALA A 47 9.95 3.29 -3.85
N SER A 48 9.40 2.05 -3.95
CA SER A 48 8.15 1.86 -4.64
C SER A 48 7.04 2.43 -3.80
N LEU A 49 7.14 2.25 -2.47
CA LEU A 49 6.13 2.74 -1.56
C LEU A 49 6.08 4.24 -1.65
N GLN A 50 7.26 4.88 -1.74
CA GLN A 50 7.34 6.32 -1.85
C GLN A 50 6.71 6.76 -3.14
N CYS A 51 6.91 5.96 -4.22
CA CYS A 51 6.34 6.30 -5.51
C CYS A 51 4.84 6.32 -5.39
N LEU A 52 4.25 5.30 -4.73
CA LEU A 52 2.81 5.22 -4.56
C LEU A 52 2.34 6.42 -3.78
N ASN A 53 3.11 6.83 -2.75
CA ASN A 53 2.73 7.96 -1.94
C ASN A 53 2.72 9.21 -2.80
N GLU A 54 3.70 9.31 -3.72
CA GLU A 54 3.81 10.48 -4.57
C GLU A 54 2.59 10.57 -5.45
N THR A 55 2.16 9.44 -6.03
CA THR A 55 1.02 9.45 -6.93
C THR A 55 -0.21 9.92 -6.18
N LEU A 56 -0.44 9.38 -4.97
CA LEU A 56 -1.61 9.77 -4.22
C LEU A 56 -1.46 11.19 -3.71
N THR A 57 -0.26 11.81 -3.83
CA THR A 57 -0.08 13.17 -3.37
C THR A 57 0.09 14.04 -4.59
N SER A 58 -0.07 13.43 -5.78
CA SER A 58 0.10 14.15 -7.03
C SER A 58 -1.21 14.20 -7.76
N CYS A 59 -2.19 13.37 -7.33
CA CYS A 59 -3.46 13.34 -8.01
C CYS A 59 -4.53 13.75 -7.03
N THR A 60 -5.79 13.78 -7.53
CA THR A 60 -6.93 14.14 -6.69
C THR A 60 -7.02 13.09 -5.62
N LYS A 61 -7.73 13.38 -4.52
CA LYS A 61 -7.82 12.43 -3.43
C LYS A 61 -8.49 11.16 -3.89
N GLU A 62 -9.58 11.25 -4.69
CA GLU A 62 -10.27 10.07 -5.15
C GLU A 62 -9.40 9.33 -6.14
N VAL A 63 -8.74 10.09 -7.03
CA VAL A 63 -7.88 9.49 -8.04
C VAL A 63 -6.77 8.77 -7.35
N GLY A 64 -6.18 9.43 -6.33
CA GLY A 64 -5.09 8.87 -5.56
C GLY A 64 -5.55 7.63 -4.87
N LYS A 65 -6.82 7.61 -4.40
CA LYS A 65 -7.32 6.46 -3.68
C LYS A 65 -7.41 5.28 -4.63
N ALA A 66 -7.99 5.52 -5.84
CA ALA A 66 -8.16 4.46 -6.80
C ALA A 66 -6.81 4.02 -7.31
N ALA A 67 -5.93 4.99 -7.59
CA ALA A 67 -4.62 4.70 -8.11
C ALA A 67 -3.84 3.93 -7.08
N LEU A 68 -3.98 4.30 -5.80
CA LEU A 68 -3.24 3.65 -4.75
C LEU A 68 -3.71 2.21 -4.64
N GLU A 69 -5.04 1.98 -4.74
CA GLU A 69 -5.56 0.65 -4.60
C GLU A 69 -5.07 -0.19 -5.76
N LYS A 70 -5.12 0.41 -6.98
CA LYS A 70 -4.70 -0.30 -8.16
C LYS A 70 -3.23 -0.63 -8.07
N GLN A 71 -2.41 0.32 -7.58
CA GLN A 71 -0.99 0.09 -7.48
C GLN A 71 -0.70 -0.95 -6.41
N ILE A 72 -1.44 -0.90 -5.28
CA ILE A 72 -1.21 -1.83 -4.19
C ILE A 72 -1.54 -3.22 -4.66
N GLU A 73 -2.60 -3.38 -5.47
CA GLU A 73 -2.99 -4.69 -5.91
C GLU A 73 -1.91 -5.27 -6.79
N GLU A 74 -1.29 -4.42 -7.64
CA GLU A 74 -0.23 -4.87 -8.52
C GLU A 74 0.96 -5.28 -7.69
N ILE A 75 1.21 -4.54 -6.59
CA ILE A 75 2.33 -4.85 -5.73
C ILE A 75 2.05 -6.16 -5.04
N ASN A 76 0.78 -6.38 -4.65
CA ASN A 76 0.40 -7.59 -3.95
C ASN A 76 0.68 -8.76 -4.86
N GLU A 77 0.41 -8.61 -6.17
CA GLU A 77 0.65 -9.69 -7.12
C GLU A 77 2.13 -10.03 -7.09
N GLN A 78 3.00 -8.99 -7.02
CA GLN A 78 4.43 -9.21 -6.99
C GLN A 78 4.77 -9.96 -5.72
N ILE A 79 4.07 -9.65 -4.61
CA ILE A 79 4.34 -10.31 -3.35
C ILE A 79 3.93 -11.76 -3.48
N ARG A 80 2.81 -12.02 -4.18
CA ARG A 80 2.32 -13.38 -4.34
C ARG A 80 3.33 -14.17 -5.13
N LYS A 81 3.98 -13.54 -6.13
CA LYS A 81 4.97 -14.22 -6.94
C LYS A 81 6.10 -14.68 -6.04
N GLU A 82 6.56 -13.78 -5.14
CA GLU A 82 7.63 -14.10 -4.24
C GLU A 82 7.16 -15.16 -3.27
N LYS A 83 5.88 -15.06 -2.87
CA LYS A 83 5.30 -16.01 -1.93
C LYS A 83 5.31 -17.38 -2.55
N GLU A 84 4.96 -17.47 -3.84
CA GLU A 84 4.93 -18.75 -4.51
C GLU A 84 6.29 -19.40 -4.42
N GLU A 85 7.38 -18.67 -4.74
CA GLU A 85 8.72 -19.26 -4.62
C GLU A 85 9.01 -19.56 -3.17
N ALA A 86 8.60 -18.64 -2.28
CA ALA A 86 8.83 -18.80 -0.85
C ALA A 86 8.15 -20.07 -0.39
N GLU A 87 6.93 -20.33 -0.88
CA GLU A 87 6.21 -21.53 -0.51
C GLU A 87 6.92 -22.70 -1.11
N ALA A 88 7.42 -22.52 -2.35
CA ALA A 88 8.13 -23.57 -3.06
C ALA A 88 7.19 -24.73 -3.23
N ARG A 89 6.14 -24.54 -4.05
CA ARG A 89 5.17 -25.58 -4.25
C ARG A 89 5.63 -26.40 -5.46
N GLY A 1 17.80 5.61 4.18
CA GLY A 1 18.77 4.56 4.60
C GLY A 1 18.31 3.91 5.86
N SER A 2 17.05 3.43 5.89
CA SER A 2 16.53 2.80 7.07
C SER A 2 15.46 1.85 6.61
N LYS A 3 15.31 0.72 7.34
CA LYS A 3 14.30 -0.25 6.96
C LYS A 3 13.01 0.18 7.59
N LYS A 4 13.06 1.18 8.49
CA LYS A 4 11.86 1.65 9.14
C LYS A 4 11.32 2.80 8.33
N ALA A 5 12.06 3.20 7.26
CA ALA A 5 11.61 4.29 6.44
C ALA A 5 10.31 3.91 5.78
N ILE A 6 10.20 2.64 5.31
CA ILE A 6 8.99 2.20 4.66
C ILE A 6 7.89 2.13 5.69
N LYS A 7 8.23 1.82 6.96
CA LYS A 7 7.22 1.72 8.00
C LYS A 7 6.63 3.08 8.25
N LYS A 8 7.50 4.13 8.33
CA LYS A 8 7.02 5.47 8.58
C LYS A 8 6.19 5.91 7.40
N GLU A 9 6.61 5.52 6.19
CA GLU A 9 5.89 5.89 5.00
C GLU A 9 4.55 5.19 5.01
N ARG A 10 4.51 3.95 5.54
CA ARG A 10 3.28 3.20 5.60
C ARG A 10 2.30 3.91 6.49
N GLN A 11 2.77 4.44 7.63
CA GLN A 11 1.89 5.13 8.56
C GLN A 11 1.39 6.40 7.92
N LYS A 12 2.14 6.92 6.95
CA LYS A 12 1.75 8.15 6.30
C LYS A 12 0.75 7.83 5.23
N LEU A 13 1.14 6.90 4.34
CA LEU A 13 0.29 6.49 3.23
C LEU A 13 -0.99 5.91 3.73
N ARG A 14 -0.93 4.99 4.72
CA ARG A 14 -2.13 4.37 5.24
C ARG A 14 -3.03 5.40 5.86
N ASN A 15 -2.48 6.26 6.74
CA ASN A 15 -3.32 7.24 7.41
C ASN A 15 -3.97 8.17 6.41
N SER A 16 -3.20 8.70 5.45
CA SER A 16 -3.75 9.63 4.49
C SER A 16 -4.72 8.94 3.56
N CYS A 17 -4.40 7.72 3.13
CA CYS A 17 -5.24 7.03 2.19
C CYS A 17 -6.52 6.58 2.85
N LYS A 18 -6.44 6.11 4.11
CA LYS A 18 -7.62 5.63 4.80
C LYS A 18 -8.53 6.77 5.13
N THR A 19 -7.97 7.92 5.57
CA THR A 19 -8.80 9.04 5.94
C THR A 19 -9.40 9.69 4.73
N TRP A 20 -8.84 9.44 3.53
CA TRP A 20 -9.40 10.03 2.33
C TRP A 20 -9.95 8.93 1.47
N ASN A 21 -10.32 7.79 2.09
CA ASN A 21 -10.83 6.68 1.31
C ASN A 21 -12.26 6.99 0.93
N HIS A 22 -13.23 6.74 1.82
CA HIS A 22 -14.61 7.05 1.51
C HIS A 22 -15.33 7.40 2.78
N PHE A 23 -14.60 7.42 3.93
CA PHE A 23 -15.21 7.73 5.21
C PHE A 23 -16.40 6.83 5.43
N SER A 24 -16.37 5.57 4.94
CA SER A 24 -17.50 4.69 5.12
C SER A 24 -17.36 4.00 6.44
N ASP A 25 -18.51 3.60 7.03
CA ASP A 25 -18.49 2.91 8.30
C ASP A 25 -17.89 1.55 8.09
N ASN A 26 -17.99 1.02 6.85
CA ASN A 26 -17.43 -0.29 6.57
C ASN A 26 -15.98 -0.11 6.25
N GLU A 27 -15.11 -0.36 7.26
CA GLU A 27 -13.69 -0.23 7.07
C GLU A 27 -13.13 -1.52 6.54
N ALA A 28 -13.99 -2.57 6.38
CA ALA A 28 -13.54 -3.86 5.91
C ALA A 28 -12.90 -3.72 4.54
N GLU A 29 -13.37 -2.75 3.73
CA GLU A 29 -12.81 -2.59 2.41
C GLU A 29 -11.35 -2.22 2.59
N ARG A 30 -11.10 -1.19 3.44
CA ARG A 30 -9.76 -0.76 3.70
C ARG A 30 -8.98 -1.84 4.40
N VAL A 31 -9.65 -2.79 5.11
CA VAL A 31 -8.92 -3.81 5.82
C VAL A 31 -8.16 -4.66 4.82
N LYS A 32 -8.80 -5.04 3.69
CA LYS A 32 -8.11 -5.85 2.69
C LYS A 32 -6.95 -5.06 2.14
N MET A 33 -7.17 -3.75 1.89
CA MET A 33 -6.10 -2.93 1.36
C MET A 33 -4.99 -2.85 2.38
N MET A 34 -5.34 -2.73 3.68
CA MET A 34 -4.35 -2.66 4.73
C MET A 34 -3.57 -3.96 4.77
N GLU A 35 -4.25 -5.11 4.58
CA GLU A 35 -3.54 -6.36 4.61
C GLU A 35 -2.51 -6.38 3.52
N GLU A 36 -2.89 -5.89 2.32
CA GLU A 36 -1.99 -5.85 1.20
C GLU A 36 -0.88 -4.86 1.46
N VAL A 37 -1.20 -3.73 2.13
CA VAL A 37 -0.19 -2.71 2.39
C VAL A 37 0.80 -3.24 3.39
N GLU A 38 0.35 -4.15 4.29
CA GLU A 38 1.24 -4.71 5.28
C GLU A 38 2.19 -5.63 4.56
N LYS A 39 1.67 -6.40 3.59
CA LYS A 39 2.49 -7.32 2.84
C LYS A 39 3.53 -6.58 2.04
N LEU A 40 3.17 -5.42 1.44
CA LEU A 40 4.14 -4.72 0.65
C LEU A 40 5.07 -3.98 1.56
N CYS A 41 4.61 -3.55 2.74
CA CYS A 41 5.50 -2.87 3.66
C CYS A 41 6.61 -3.82 4.04
N ASP A 42 6.26 -5.09 4.25
CA ASP A 42 7.21 -6.09 4.68
C ASP A 42 8.25 -6.42 3.61
N ARG A 43 7.88 -6.50 2.30
CA ARG A 43 8.88 -6.92 1.31
C ARG A 43 9.13 -5.89 0.23
N LEU A 44 8.17 -5.00 -0.05
CA LEU A 44 8.35 -4.03 -1.12
C LEU A 44 9.37 -2.99 -0.74
N GLU A 45 10.13 -2.54 -1.76
CA GLU A 45 11.14 -1.52 -1.57
C GLU A 45 10.43 -0.23 -1.25
N LEU A 46 11.03 0.61 -0.38
CA LEU A 46 10.43 1.85 0.02
C LEU A 46 10.32 2.77 -1.17
N ALA A 47 11.20 2.62 -2.17
CA ALA A 47 11.16 3.47 -3.35
C ALA A 47 9.82 3.34 -4.04
N SER A 48 9.26 2.11 -4.08
CA SER A 48 7.98 1.92 -4.76
C SER A 48 6.89 2.57 -3.94
N LEU A 49 6.99 2.42 -2.60
CA LEU A 49 5.99 2.98 -1.71
C LEU A 49 6.04 4.49 -1.85
N GLN A 50 7.26 5.04 -1.97
CA GLN A 50 7.43 6.47 -2.12
C GLN A 50 6.78 6.90 -3.42
N CYS A 51 6.89 6.06 -4.48
CA CYS A 51 6.30 6.41 -5.76
C CYS A 51 4.81 6.55 -5.58
N LEU A 52 4.19 5.60 -4.84
CA LEU A 52 2.75 5.64 -4.61
C LEU A 52 2.42 6.95 -3.91
N ASN A 53 3.31 7.41 -3.02
CA ASN A 53 3.09 8.65 -2.29
C ASN A 53 3.06 9.80 -3.26
N GLU A 54 3.95 9.77 -4.27
CA GLU A 54 4.00 10.86 -5.21
C GLU A 54 2.71 10.91 -5.98
N THR A 55 2.18 9.75 -6.42
CA THR A 55 0.96 9.73 -7.18
C THR A 55 -0.17 10.26 -6.35
N LEU A 56 -0.27 9.81 -5.09
CA LEU A 56 -1.35 10.26 -4.23
C LEU A 56 -1.16 11.71 -3.85
N THR A 57 0.03 12.32 -4.13
CA THR A 57 0.25 13.70 -3.78
C THR A 57 0.28 14.49 -5.07
N SER A 58 0.03 13.79 -6.20
CA SER A 58 0.06 14.44 -7.50
C SER A 58 -1.32 14.39 -8.09
N CYS A 59 -2.21 13.58 -7.49
CA CYS A 59 -3.55 13.45 -8.03
C CYS A 59 -4.52 13.82 -6.94
N THR A 60 -5.83 13.83 -7.30
CA THR A 60 -6.87 14.16 -6.35
C THR A 60 -6.94 13.04 -5.35
N LYS A 61 -7.68 13.26 -4.25
CA LYS A 61 -7.78 12.27 -3.21
C LYS A 61 -8.42 11.01 -3.73
N GLU A 62 -9.48 11.11 -4.55
CA GLU A 62 -10.16 9.93 -5.06
C GLU A 62 -9.26 9.22 -6.05
N VAL A 63 -8.59 10.00 -6.93
CA VAL A 63 -7.73 9.41 -7.93
C VAL A 63 -6.59 8.72 -7.22
N GLY A 64 -6.04 9.39 -6.20
CA GLY A 64 -4.94 8.85 -5.42
C GLY A 64 -5.39 7.59 -4.75
N LYS A 65 -6.66 7.53 -4.31
CA LYS A 65 -7.17 6.36 -3.63
C LYS A 65 -7.22 5.21 -4.60
N ALA A 66 -7.74 5.47 -5.82
CA ALA A 66 -7.86 4.43 -6.82
C ALA A 66 -6.49 3.99 -7.25
N ALA A 67 -5.57 4.97 -7.42
CA ALA A 67 -4.23 4.67 -7.84
C ALA A 67 -3.54 3.85 -6.80
N LEU A 68 -3.77 4.17 -5.51
CA LEU A 68 -3.11 3.45 -4.45
C LEU A 68 -3.60 2.03 -4.43
N GLU A 69 -4.93 1.84 -4.60
CA GLU A 69 -5.48 0.51 -4.54
C GLU A 69 -4.97 -0.28 -5.73
N LYS A 70 -4.95 0.38 -6.91
CA LYS A 70 -4.49 -0.27 -8.11
C LYS A 70 -3.03 -0.67 -7.96
N GLN A 71 -2.20 0.26 -7.46
CA GLN A 71 -0.78 -0.03 -7.32
C GLN A 71 -0.56 -1.08 -6.28
N ILE A 72 -1.31 -1.04 -5.16
CA ILE A 72 -1.13 -2.00 -4.10
C ILE A 72 -1.48 -3.38 -4.59
N GLU A 73 -2.54 -3.51 -5.43
CA GLU A 73 -2.94 -4.82 -5.89
C GLU A 73 -1.85 -5.37 -6.78
N GLU A 74 -1.25 -4.51 -7.64
CA GLU A 74 -0.18 -4.95 -8.52
C GLU A 74 0.98 -5.42 -7.70
N ILE A 75 1.28 -4.69 -6.60
CA ILE A 75 2.40 -5.04 -5.76
C ILE A 75 2.09 -6.34 -5.05
N ASN A 76 0.82 -6.51 -4.64
CA ASN A 76 0.41 -7.70 -3.93
C ASN A 76 0.66 -8.90 -4.82
N GLU A 77 0.35 -8.77 -6.12
CA GLU A 77 0.56 -9.87 -7.04
C GLU A 77 2.03 -10.20 -7.09
N GLN A 78 2.89 -9.16 -7.06
CA GLN A 78 4.33 -9.38 -7.08
C GLN A 78 4.74 -10.13 -5.84
N ILE A 79 4.10 -9.79 -4.69
CA ILE A 79 4.41 -10.45 -3.44
C ILE A 79 3.99 -11.89 -3.52
N ARG A 80 2.82 -12.14 -4.15
CA ARG A 80 2.30 -13.49 -4.25
C ARG A 80 3.24 -14.31 -5.09
N LYS A 81 3.81 -13.71 -6.16
CA LYS A 81 4.73 -14.43 -7.03
C LYS A 81 5.92 -14.87 -6.22
N GLU A 82 6.45 -13.97 -5.38
CA GLU A 82 7.60 -14.28 -4.55
C GLU A 82 7.20 -15.31 -3.53
N LYS A 83 5.94 -15.19 -3.04
CA LYS A 83 5.44 -16.08 -2.02
C LYS A 83 5.38 -17.48 -2.59
N GLU A 84 4.90 -17.62 -3.84
CA GLU A 84 4.81 -18.93 -4.45
C GLU A 84 6.18 -19.59 -4.47
N GLU A 85 7.23 -18.88 -4.93
CA GLU A 85 8.56 -19.47 -4.94
C GLU A 85 9.01 -19.74 -3.52
N ALA A 86 8.76 -18.76 -2.63
CA ALA A 86 9.15 -18.89 -1.23
C ALA A 86 8.48 -20.11 -0.63
N GLU A 87 7.20 -20.34 -0.97
CA GLU A 87 6.48 -21.48 -0.45
C GLU A 87 7.06 -22.73 -1.05
N ALA A 88 7.42 -22.65 -2.35
CA ALA A 88 8.00 -23.79 -3.02
C ALA A 88 9.28 -24.16 -2.31
N ARG A 89 10.17 -23.16 -2.11
CA ARG A 89 11.38 -23.44 -1.38
C ARG A 89 11.91 -22.12 -0.83
N GLY A 1 19.00 1.62 4.07
CA GLY A 1 18.71 0.16 4.01
C GLY A 1 18.03 -0.29 5.27
N SER A 2 16.98 0.44 5.68
CA SER A 2 16.26 0.09 6.87
C SER A 2 14.80 0.07 6.52
N LYS A 3 14.02 -0.80 7.21
CA LYS A 3 12.61 -0.88 6.93
C LYS A 3 11.90 0.13 7.79
N LYS A 4 12.65 0.90 8.60
CA LYS A 4 12.05 1.91 9.42
C LYS A 4 11.47 2.97 8.52
N ALA A 5 12.19 3.28 7.42
CA ALA A 5 11.74 4.31 6.50
C ALA A 5 10.44 3.88 5.85
N ILE A 6 10.33 2.60 5.43
CA ILE A 6 9.11 2.15 4.78
C ILE A 6 7.99 2.11 5.79
N LYS A 7 8.33 1.86 7.09
CA LYS A 7 7.31 1.81 8.11
C LYS A 7 6.75 3.19 8.32
N LYS A 8 7.63 4.22 8.36
CA LYS A 8 7.17 5.58 8.55
C LYS A 8 6.33 5.99 7.37
N GLU A 9 6.76 5.56 6.16
CA GLU A 9 6.03 5.90 4.97
C GLU A 9 4.68 5.23 5.03
N ARG A 10 4.62 4.01 5.61
CA ARG A 10 3.36 3.28 5.70
C ARG A 10 2.42 4.07 6.59
N GLN A 11 2.95 4.66 7.68
CA GLN A 11 2.12 5.42 8.58
C GLN A 11 1.58 6.64 7.88
N LYS A 12 2.29 7.13 6.85
CA LYS A 12 1.84 8.31 6.16
C LYS A 12 0.84 7.89 5.11
N LEU A 13 1.23 6.92 4.27
CA LEU A 13 0.37 6.44 3.21
C LEU A 13 -0.91 5.88 3.77
N ARG A 14 -0.84 5.01 4.79
CA ARG A 14 -2.04 4.43 5.35
C ARG A 14 -2.92 5.50 5.95
N ASN A 15 -2.33 6.42 6.75
CA ASN A 15 -3.13 7.46 7.37
C ASN A 15 -3.80 8.29 6.30
N SER A 16 -3.05 8.67 5.25
CA SER A 16 -3.62 9.49 4.19
C SER A 16 -4.66 8.70 3.44
N CYS A 17 -4.41 7.40 3.22
CA CYS A 17 -5.30 6.57 2.47
C CYS A 17 -6.63 6.44 3.18
N LYS A 18 -6.60 6.15 4.50
CA LYS A 18 -7.83 5.98 5.24
C LYS A 18 -8.55 7.29 5.36
N THR A 19 -7.79 8.38 5.57
CA THR A 19 -8.40 9.69 5.74
C THR A 19 -9.07 10.12 4.46
N TRP A 20 -8.46 9.83 3.31
CA TRP A 20 -9.03 10.26 2.05
C TRP A 20 -9.67 9.09 1.37
N ASN A 21 -10.11 8.06 2.13
CA ASN A 21 -10.71 6.90 1.52
C ASN A 21 -12.13 7.24 1.13
N HIS A 22 -13.08 7.16 2.09
CA HIS A 22 -14.45 7.48 1.77
C HIS A 22 -15.12 8.03 2.99
N PHE A 23 -14.36 8.20 4.10
CA PHE A 23 -14.92 8.70 5.34
C PHE A 23 -16.14 7.88 5.73
N SER A 24 -16.18 6.58 5.33
CA SER A 24 -17.32 5.76 5.65
C SER A 24 -16.89 4.79 6.72
N ASP A 25 -17.87 4.07 7.30
CA ASP A 25 -17.58 3.12 8.34
C ASP A 25 -17.30 1.77 7.73
N ASN A 26 -17.19 1.70 6.38
CA ASN A 26 -16.92 0.45 5.74
C ASN A 26 -15.43 0.24 5.80
N GLU A 27 -14.98 -0.43 6.88
CA GLU A 27 -13.57 -0.66 7.05
C GLU A 27 -13.14 -1.91 6.34
N ALA A 28 -14.10 -2.77 5.93
CA ALA A 28 -13.75 -4.02 5.26
C ALA A 28 -12.98 -3.74 3.98
N GLU A 29 -13.35 -2.68 3.25
CA GLU A 29 -12.67 -2.39 2.00
C GLU A 29 -11.23 -2.06 2.32
N ARG A 30 -11.04 -1.14 3.28
CA ARG A 30 -9.72 -0.74 3.70
C ARG A 30 -8.98 -1.88 4.34
N VAL A 31 -9.67 -2.88 4.91
CA VAL A 31 -8.97 -3.98 5.55
C VAL A 31 -8.15 -4.72 4.53
N LYS A 32 -8.75 -5.04 3.36
CA LYS A 32 -8.00 -5.77 2.35
C LYS A 32 -6.84 -4.93 1.87
N MET A 33 -7.07 -3.62 1.69
CA MET A 33 -5.99 -2.76 1.23
C MET A 33 -4.90 -2.70 2.28
N MET A 34 -5.30 -2.62 3.57
CA MET A 34 -4.34 -2.57 4.65
C MET A 34 -3.54 -3.84 4.69
N GLU A 35 -4.17 -4.99 4.43
CA GLU A 35 -3.44 -6.24 4.46
C GLU A 35 -2.43 -6.24 3.35
N GLU A 36 -2.82 -5.73 2.16
CA GLU A 36 -1.93 -5.70 1.02
C GLU A 36 -0.80 -4.72 1.26
N VAL A 37 -1.08 -3.56 1.90
CA VAL A 37 -0.04 -2.58 2.12
C VAL A 37 0.87 -3.10 3.20
N GLU A 38 0.33 -3.92 4.13
CA GLU A 38 1.14 -4.49 5.19
C GLU A 38 2.12 -5.42 4.55
N LYS A 39 1.65 -6.22 3.57
CA LYS A 39 2.51 -7.14 2.86
C LYS A 39 3.57 -6.38 2.13
N LEU A 40 3.20 -5.21 1.54
CA LEU A 40 4.15 -4.42 0.80
C LEU A 40 5.23 -3.93 1.73
N CYS A 41 4.85 -3.49 2.94
CA CYS A 41 5.83 -2.97 3.87
C CYS A 41 6.82 -4.07 4.23
N ASP A 42 6.31 -5.30 4.42
CA ASP A 42 7.15 -6.40 4.83
C ASP A 42 8.19 -6.80 3.79
N ARG A 43 7.84 -6.87 2.47
CA ARG A 43 8.83 -7.35 1.51
C ARG A 43 9.15 -6.35 0.42
N LEU A 44 8.27 -5.39 0.14
CA LEU A 44 8.54 -4.45 -0.94
C LEU A 44 9.51 -3.39 -0.51
N GLU A 45 10.23 -2.85 -1.52
CA GLU A 45 11.20 -1.80 -1.31
C GLU A 45 10.44 -0.54 -1.04
N LEU A 46 11.06 0.37 -0.24
CA LEU A 46 10.41 1.62 0.10
C LEU A 46 10.26 2.46 -1.14
N ALA A 47 11.10 2.23 -2.16
CA ALA A 47 10.99 2.99 -3.39
C ALA A 47 9.62 2.83 -3.99
N SER A 48 9.05 1.61 -3.92
CA SER A 48 7.74 1.38 -4.51
C SER A 48 6.71 2.11 -3.68
N LEU A 49 6.88 2.06 -2.35
CA LEU A 49 5.94 2.69 -1.44
C LEU A 49 5.98 4.19 -1.64
N GLN A 50 7.20 4.74 -1.81
CA GLN A 50 7.35 6.17 -2.01
C GLN A 50 6.68 6.57 -3.30
N CYS A 51 6.80 5.72 -4.35
CA CYS A 51 6.19 6.04 -5.62
C CYS A 51 4.70 6.14 -5.44
N LEU A 52 4.09 5.18 -4.71
CA LEU A 52 2.67 5.18 -4.48
C LEU A 52 2.28 6.41 -3.71
N ASN A 53 3.13 6.83 -2.75
CA ASN A 53 2.83 8.01 -1.95
C ASN A 53 2.82 9.21 -2.85
N GLU A 54 3.73 9.28 -3.82
CA GLU A 54 3.80 10.43 -4.69
C GLU A 54 2.53 10.49 -5.51
N THR A 55 2.05 9.33 -6.01
CA THR A 55 0.86 9.32 -6.84
C THR A 55 -0.31 9.83 -6.05
N LEU A 56 -0.49 9.32 -4.81
CA LEU A 56 -1.63 9.74 -4.01
C LEU A 56 -1.43 11.16 -3.51
N THR A 57 -0.23 11.76 -3.70
CA THR A 57 -0.02 13.13 -3.24
C THR A 57 0.08 13.98 -4.48
N SER A 58 -0.17 13.36 -5.66
CA SER A 58 -0.09 14.08 -6.91
C SER A 58 -1.45 14.07 -7.55
N CYS A 59 -2.38 13.26 -6.99
CA CYS A 59 -3.71 13.17 -7.56
C CYS A 59 -4.71 13.55 -6.53
N THR A 60 -6.00 13.63 -6.95
CA THR A 60 -7.08 13.98 -6.06
C THR A 60 -7.33 12.80 -5.17
N LYS A 61 -8.22 12.96 -4.17
CA LYS A 61 -8.48 11.89 -3.24
C LYS A 61 -9.11 10.70 -3.93
N GLU A 62 -10.06 10.91 -4.87
CA GLU A 62 -10.70 9.79 -5.54
C GLU A 62 -9.73 9.12 -6.47
N VAL A 63 -8.94 9.92 -7.21
CA VAL A 63 -7.99 9.36 -8.16
C VAL A 63 -6.93 8.63 -7.39
N GLY A 64 -6.45 9.26 -6.31
CA GLY A 64 -5.42 8.67 -5.47
C GLY A 64 -5.91 7.39 -4.88
N LYS A 65 -7.21 7.32 -4.52
CA LYS A 65 -7.75 6.11 -3.91
C LYS A 65 -7.75 5.00 -4.92
N ALA A 66 -8.23 5.29 -6.14
CA ALA A 66 -8.31 4.27 -7.17
C ALA A 66 -6.92 3.87 -7.60
N ALA A 67 -6.04 4.87 -7.80
CA ALA A 67 -4.69 4.61 -8.26
C ALA A 67 -3.95 3.82 -7.21
N LEU A 68 -4.14 4.17 -5.92
CA LEU A 68 -3.42 3.49 -4.87
C LEU A 68 -3.88 2.07 -4.78
N GLU A 69 -5.20 1.82 -4.92
CA GLU A 69 -5.70 0.46 -4.80
C GLU A 69 -5.17 -0.34 -5.96
N LYS A 70 -5.20 0.24 -7.17
CA LYS A 70 -4.74 -0.45 -8.35
C LYS A 70 -3.27 -0.75 -8.24
N GLN A 71 -2.48 0.22 -7.72
CA GLN A 71 -1.05 0.03 -7.59
C GLN A 71 -0.76 -0.99 -6.52
N ILE A 72 -1.52 -0.94 -5.41
CA ILE A 72 -1.30 -1.85 -4.30
C ILE A 72 -1.62 -3.26 -4.74
N GLU A 73 -2.67 -3.45 -5.56
CA GLU A 73 -3.04 -4.78 -5.96
C GLU A 73 -1.96 -5.35 -6.84
N GLU A 74 -1.37 -4.51 -7.72
CA GLU A 74 -0.30 -4.95 -8.61
C GLU A 74 0.88 -5.35 -7.76
N ILE A 75 1.15 -4.58 -6.70
CA ILE A 75 2.26 -4.83 -5.83
C ILE A 75 2.01 -6.13 -5.10
N ASN A 76 0.75 -6.36 -4.69
CA ASN A 76 0.39 -7.56 -3.97
C ASN A 76 0.68 -8.74 -4.85
N GLU A 77 0.38 -8.62 -6.16
CA GLU A 77 0.63 -9.72 -7.08
C GLU A 77 2.11 -9.98 -7.14
N GLN A 78 2.93 -8.90 -7.15
CA GLN A 78 4.37 -9.06 -7.18
C GLN A 78 4.81 -9.80 -5.95
N ILE A 79 4.18 -9.49 -4.80
CA ILE A 79 4.53 -10.13 -3.55
C ILE A 79 4.15 -11.59 -3.65
N ARG A 80 3.00 -11.88 -4.29
CA ARG A 80 2.52 -13.24 -4.43
C ARG A 80 3.54 -14.04 -5.21
N LYS A 81 4.18 -13.41 -6.22
CA LYS A 81 5.17 -14.11 -7.02
C LYS A 81 6.31 -14.50 -6.13
N GLU A 82 6.71 -13.60 -5.20
CA GLU A 82 7.79 -13.89 -4.28
C GLU A 82 7.37 -14.97 -3.33
N LYS A 83 6.07 -14.94 -2.94
CA LYS A 83 5.54 -15.92 -2.01
C LYS A 83 5.57 -17.27 -2.67
N GLU A 84 5.25 -17.31 -3.97
CA GLU A 84 5.26 -18.58 -4.69
C GLU A 84 6.62 -19.21 -4.56
N GLU A 85 7.71 -18.47 -4.87
CA GLU A 85 9.04 -19.03 -4.74
C GLU A 85 9.33 -19.33 -3.29
N ALA A 86 8.89 -18.42 -2.40
CA ALA A 86 9.12 -18.60 -0.98
C ALA A 86 8.47 -19.88 -0.52
N GLU A 87 7.26 -20.17 -1.01
CA GLU A 87 6.55 -21.38 -0.64
C GLU A 87 7.29 -22.56 -1.24
N ALA A 88 7.80 -22.38 -2.47
CA ALA A 88 8.51 -23.45 -3.12
C ALA A 88 9.73 -23.78 -2.28
N ARG A 89 10.54 -22.75 -1.96
CA ARG A 89 11.68 -22.97 -1.11
C ARG A 89 12.06 -21.64 -0.46
N GLY A 1 12.48 -5.97 9.15
CA GLY A 1 12.72 -4.56 9.59
C GLY A 1 14.04 -4.08 9.12
N SER A 2 14.26 -4.09 7.78
CA SER A 2 15.51 -3.65 7.21
C SER A 2 15.68 -2.19 7.52
N LYS A 3 14.60 -1.40 7.38
CA LYS A 3 14.67 0.01 7.66
C LYS A 3 13.30 0.41 8.10
N LYS A 4 13.21 1.34 9.07
CA LYS A 4 11.92 1.76 9.57
C LYS A 4 11.38 2.87 8.71
N ALA A 5 12.15 3.29 7.69
CA ALA A 5 11.70 4.36 6.82
C ALA A 5 10.46 3.90 6.10
N ILE A 6 10.43 2.62 5.67
CA ILE A 6 9.28 2.10 4.96
C ILE A 6 8.10 2.05 5.90
N LYS A 7 8.36 1.82 7.22
CA LYS A 7 7.29 1.75 8.18
C LYS A 7 6.67 3.11 8.32
N LYS A 8 7.52 4.17 8.33
CA LYS A 8 7.04 5.53 8.45
C LYS A 8 6.23 5.87 7.24
N GLU A 9 6.68 5.37 6.06
CA GLU A 9 5.98 5.65 4.84
C GLU A 9 4.64 4.99 4.89
N ARG A 10 4.58 3.77 5.49
CA ARG A 10 3.33 3.04 5.59
C ARG A 10 2.38 3.81 6.46
N GLN A 11 2.88 4.41 7.55
CA GLN A 11 2.04 5.17 8.45
C GLN A 11 1.48 6.38 7.73
N LYS A 12 2.24 6.88 6.74
CA LYS A 12 1.80 8.06 6.02
C LYS A 12 0.78 7.64 4.99
N LEU A 13 1.16 6.65 4.17
CA LEU A 13 0.29 6.16 3.12
C LEU A 13 -1.00 5.60 3.69
N ARG A 14 -0.91 4.77 4.74
CA ARG A 14 -2.12 4.19 5.32
C ARG A 14 -3.02 5.28 5.85
N ASN A 15 -2.45 6.23 6.62
CA ASN A 15 -3.25 7.30 7.18
C ASN A 15 -3.90 8.09 6.07
N SER A 16 -3.12 8.42 5.02
CA SER A 16 -3.65 9.18 3.91
C SER A 16 -4.70 8.40 3.18
N CYS A 17 -4.48 7.07 3.03
CA CYS A 17 -5.40 6.24 2.30
C CYS A 17 -6.75 6.23 2.97
N LYS A 18 -6.79 6.00 4.31
CA LYS A 18 -8.06 5.95 5.00
C LYS A 18 -8.71 7.31 4.96
N THR A 19 -7.91 8.37 5.14
CA THR A 19 -8.43 9.71 5.16
C THR A 19 -9.03 10.07 3.83
N TRP A 20 -8.39 9.64 2.72
CA TRP A 20 -8.90 9.99 1.41
C TRP A 20 -9.65 8.84 0.81
N ASN A 21 -10.20 7.92 1.64
CA ASN A 21 -10.92 6.80 1.06
C ASN A 21 -12.34 7.25 0.84
N HIS A 22 -13.20 7.16 1.87
CA HIS A 22 -14.57 7.61 1.71
C HIS A 22 -15.08 8.10 3.04
N PHE A 23 -14.21 8.07 4.10
CA PHE A 23 -14.64 8.49 5.42
C PHE A 23 -15.86 7.69 5.81
N SER A 24 -15.96 6.41 5.36
CA SER A 24 -17.13 5.61 5.68
C SER A 24 -16.77 4.71 6.83
N ASP A 25 -17.80 4.03 7.39
CA ASP A 25 -17.57 3.14 8.49
C ASP A 25 -17.23 1.78 7.96
N ASN A 26 -17.22 1.60 6.61
CA ASN A 26 -16.89 0.31 6.05
C ASN A 26 -15.40 0.25 5.92
N GLU A 27 -14.73 -0.27 6.97
CA GLU A 27 -13.29 -0.35 6.96
C GLU A 27 -12.87 -1.64 6.32
N ALA A 28 -13.82 -2.54 5.99
CA ALA A 28 -13.48 -3.81 5.39
C ALA A 28 -12.73 -3.60 4.10
N GLU A 29 -13.09 -2.55 3.33
CA GLU A 29 -12.43 -2.31 2.07
C GLU A 29 -10.98 -1.99 2.37
N ARG A 30 -10.76 -1.04 3.29
CA ARG A 30 -9.42 -0.65 3.68
C ARG A 30 -8.69 -1.79 4.33
N VAL A 31 -9.39 -2.75 4.96
CA VAL A 31 -8.70 -3.84 5.64
C VAL A 31 -7.91 -4.63 4.62
N LYS A 32 -8.54 -4.97 3.46
CA LYS A 32 -7.84 -5.73 2.46
C LYS A 32 -6.67 -4.94 1.94
N MET A 33 -6.86 -3.62 1.75
CA MET A 33 -5.78 -2.77 1.26
C MET A 33 -4.67 -2.74 2.29
N MET A 34 -5.04 -2.66 3.59
CA MET A 34 -4.07 -2.63 4.65
C MET A 34 -3.27 -3.91 4.64
N GLU A 35 -3.92 -5.05 4.38
CA GLU A 35 -3.19 -6.30 4.35
C GLU A 35 -2.20 -6.26 3.22
N GLU A 36 -2.62 -5.72 2.06
CA GLU A 36 -1.76 -5.65 0.90
C GLU A 36 -0.62 -4.68 1.13
N VAL A 37 -0.90 -3.52 1.78
CA VAL A 37 0.15 -2.56 2.02
C VAL A 37 1.09 -3.10 3.06
N GLU A 38 0.56 -3.92 3.99
CA GLU A 38 1.39 -4.52 5.01
C GLU A 38 2.37 -5.44 4.35
N LYS A 39 1.88 -6.21 3.35
CA LYS A 39 2.71 -7.14 2.64
C LYS A 39 3.82 -6.42 1.91
N LEU A 40 3.52 -5.23 1.32
CA LEU A 40 4.55 -4.54 0.59
C LEU A 40 5.50 -3.88 1.56
N CYS A 41 4.99 -3.50 2.75
CA CYS A 41 5.84 -2.89 3.75
C CYS A 41 6.79 -3.93 4.31
N ASP A 42 6.44 -5.22 4.14
CA ASP A 42 7.24 -6.27 4.70
C ASP A 42 8.34 -6.70 3.75
N ARG A 43 8.07 -6.80 2.42
CA ARG A 43 9.09 -7.29 1.52
C ARG A 43 9.38 -6.35 0.38
N LEU A 44 8.49 -5.38 0.09
CA LEU A 44 8.75 -4.50 -1.03
C LEU A 44 9.69 -3.40 -0.60
N GLU A 45 10.43 -2.87 -1.60
CA GLU A 45 11.35 -1.79 -1.37
C GLU A 45 10.55 -0.56 -1.03
N LEU A 46 11.11 0.30 -0.14
CA LEU A 46 10.42 1.50 0.27
C LEU A 46 10.16 2.38 -0.92
N ALA A 47 10.96 2.25 -2.00
CA ALA A 47 10.76 3.05 -3.18
C ALA A 47 9.38 2.81 -3.73
N SER A 48 8.86 1.56 -3.62
CA SER A 48 7.55 1.26 -4.15
C SER A 48 6.53 2.01 -3.33
N LEU A 49 6.73 1.99 -2.00
CA LEU A 49 5.80 2.64 -1.10
C LEU A 49 5.85 4.13 -1.33
N GLN A 50 7.07 4.67 -1.56
CA GLN A 50 7.24 6.09 -1.78
C GLN A 50 6.59 6.47 -3.09
N CYS A 51 6.72 5.62 -4.12
CA CYS A 51 6.15 5.90 -5.42
C CYS A 51 4.65 6.01 -5.28
N LEU A 52 4.03 5.03 -4.58
CA LEU A 52 2.60 5.05 -4.40
C LEU A 52 2.20 6.28 -3.62
N ASN A 53 3.05 6.70 -2.66
CA ASN A 53 2.76 7.87 -1.86
C ASN A 53 2.73 9.07 -2.76
N GLU A 54 3.62 9.11 -3.76
CA GLU A 54 3.68 10.25 -4.66
C GLU A 54 2.39 10.33 -5.43
N THR A 55 1.85 9.17 -5.86
CA THR A 55 0.63 9.16 -6.64
C THR A 55 -0.50 9.75 -5.83
N LEU A 56 -0.64 9.31 -4.57
CA LEU A 56 -1.73 9.80 -3.74
C LEU A 56 -1.45 11.22 -3.29
N THR A 57 -0.24 11.76 -3.54
CA THR A 57 0.07 13.12 -3.13
C THR A 57 0.16 13.96 -4.39
N SER A 58 -0.14 13.34 -5.55
CA SER A 58 -0.06 14.04 -6.82
C SER A 58 -1.41 14.02 -7.48
N CYS A 59 -2.35 13.21 -6.96
CA CYS A 59 -3.65 13.11 -7.56
C CYS A 59 -4.69 13.56 -6.58
N THR A 60 -5.95 13.64 -7.06
CA THR A 60 -7.05 14.06 -6.22
C THR A 60 -7.33 12.92 -5.27
N LYS A 61 -8.23 13.14 -4.30
CA LYS A 61 -8.52 12.11 -3.33
C LYS A 61 -9.15 10.90 -4.00
N GLU A 62 -10.10 11.09 -4.94
CA GLU A 62 -10.73 9.95 -5.57
C GLU A 62 -9.78 9.25 -6.50
N VAL A 63 -9.00 10.04 -7.27
CA VAL A 63 -8.07 9.46 -8.22
C VAL A 63 -7.00 8.74 -7.45
N GLY A 64 -6.48 9.38 -6.40
CA GLY A 64 -5.44 8.80 -5.57
C GLY A 64 -5.94 7.54 -4.92
N LYS A 65 -7.23 7.51 -4.54
CA LYS A 65 -7.76 6.34 -3.88
C LYS A 65 -7.79 5.19 -4.85
N ALA A 66 -8.30 5.44 -6.08
CA ALA A 66 -8.41 4.38 -7.06
C ALA A 66 -7.03 3.97 -7.52
N ALA A 67 -6.16 4.96 -7.78
CA ALA A 67 -4.83 4.68 -8.26
C ALA A 67 -4.07 3.92 -7.22
N LEU A 68 -4.23 4.29 -5.94
CA LEU A 68 -3.52 3.62 -4.88
C LEU A 68 -3.98 2.20 -4.77
N GLU A 69 -5.30 1.95 -4.90
CA GLU A 69 -5.80 0.60 -4.76
C GLU A 69 -5.29 -0.21 -5.93
N LYS A 70 -5.34 0.38 -7.14
CA LYS A 70 -4.89 -0.33 -8.33
C LYS A 70 -3.42 -0.64 -8.23
N GLN A 71 -2.61 0.32 -7.75
CA GLN A 71 -1.19 0.10 -7.65
C GLN A 71 -0.90 -0.90 -6.55
N ILE A 72 -1.63 -0.80 -5.42
CA ILE A 72 -1.42 -1.71 -4.30
C ILE A 72 -1.70 -3.12 -4.72
N GLU A 73 -2.75 -3.32 -5.55
CA GLU A 73 -3.09 -4.67 -5.96
C GLU A 73 -1.99 -5.22 -6.83
N GLU A 74 -1.39 -4.37 -7.70
CA GLU A 74 -0.30 -4.82 -8.56
C GLU A 74 0.87 -5.20 -7.70
N ILE A 75 1.11 -4.43 -6.62
CA ILE A 75 2.22 -4.70 -5.73
C ILE A 75 1.95 -6.00 -5.03
N ASN A 76 0.67 -6.24 -4.67
CA ASN A 76 0.29 -7.45 -3.97
C ASN A 76 0.61 -8.63 -4.86
N GLU A 77 0.37 -8.50 -6.18
CA GLU A 77 0.64 -9.58 -7.10
C GLU A 77 2.12 -9.87 -7.08
N GLN A 78 2.96 -8.81 -7.02
CA GLN A 78 4.40 -8.99 -6.99
C GLN A 78 4.76 -9.74 -5.73
N ILE A 79 4.07 -9.42 -4.61
CA ILE A 79 4.34 -10.10 -3.36
C ILE A 79 3.93 -11.55 -3.50
N ARG A 80 2.81 -11.81 -4.20
CA ARG A 80 2.33 -13.16 -4.38
C ARG A 80 3.36 -13.95 -5.14
N LYS A 81 3.97 -13.33 -6.17
CA LYS A 81 4.98 -14.02 -6.96
C LYS A 81 6.12 -14.42 -6.07
N GLU A 82 6.55 -13.49 -5.18
CA GLU A 82 7.64 -13.77 -4.26
C GLU A 82 7.20 -14.84 -3.30
N LYS A 83 5.91 -14.80 -2.91
CA LYS A 83 5.38 -15.76 -1.97
C LYS A 83 5.43 -17.13 -2.58
N GLU A 84 5.10 -17.23 -3.89
CA GLU A 84 5.14 -18.52 -4.56
C GLU A 84 6.51 -19.12 -4.42
N GLU A 85 7.58 -18.35 -4.74
CA GLU A 85 8.93 -18.88 -4.59
C GLU A 85 9.21 -19.14 -3.13
N ALA A 86 8.74 -18.24 -2.26
CA ALA A 86 8.95 -18.39 -0.83
C ALA A 86 8.33 -19.70 -0.37
N GLU A 87 7.13 -20.02 -0.89
CA GLU A 87 6.46 -21.25 -0.54
C GLU A 87 7.26 -22.41 -1.10
N ALA A 88 7.81 -22.22 -2.32
CA ALA A 88 8.58 -23.25 -2.97
C ALA A 88 10.02 -23.16 -2.53
N ARG A 89 10.27 -22.51 -1.37
CA ARG A 89 11.63 -22.37 -0.88
C ARG A 89 11.82 -23.39 0.24
N GLY A 1 18.35 4.18 3.81
CA GLY A 1 18.74 5.04 4.96
C GLY A 1 18.43 4.36 6.25
N SER A 2 17.20 3.82 6.38
CA SER A 2 16.83 3.15 7.60
C SER A 2 15.79 2.14 7.23
N LYS A 3 15.80 0.98 7.93
CA LYS A 3 14.84 -0.06 7.67
C LYS A 3 13.50 0.39 8.14
N LYS A 4 13.47 1.42 9.02
CA LYS A 4 12.21 1.91 9.54
C LYS A 4 11.71 3.01 8.63
N ALA A 5 12.47 3.32 7.56
CA ALA A 5 12.04 4.36 6.65
C ALA A 5 10.75 3.95 6.00
N ILE A 6 10.63 2.64 5.65
CA ILE A 6 9.44 2.16 5.01
C ILE A 6 8.30 2.19 6.00
N LYS A 7 8.61 1.97 7.31
CA LYS A 7 7.58 1.98 8.32
C LYS A 7 7.03 3.37 8.45
N LYS A 8 7.92 4.39 8.47
CA LYS A 8 7.50 5.76 8.60
C LYS A 8 6.67 6.14 7.40
N GLU A 9 7.11 5.69 6.21
CA GLU A 9 6.39 6.02 5.00
C GLU A 9 5.04 5.35 5.04
N ARG A 10 4.98 4.13 5.60
CA ARG A 10 3.74 3.39 5.67
C ARG A 10 2.78 4.14 6.54
N GLN A 11 3.26 4.73 7.65
CA GLN A 11 2.38 5.47 8.56
C GLN A 11 1.88 6.70 7.86
N LYS A 12 2.62 7.18 6.84
CA LYS A 12 2.20 8.37 6.15
C LYS A 12 1.18 7.97 5.12
N LEU A 13 1.53 6.95 4.30
CA LEU A 13 0.65 6.46 3.26
C LEU A 13 -0.64 5.97 3.86
N ARG A 14 -0.57 5.15 4.93
CA ARG A 14 -1.76 4.61 5.55
C ARG A 14 -2.63 5.73 6.08
N ASN A 15 -2.03 6.67 6.84
CA ASN A 15 -2.80 7.75 7.42
C ASN A 15 -3.44 8.59 6.34
N SER A 16 -2.70 8.90 5.26
CA SER A 16 -3.27 9.73 4.20
C SER A 16 -4.30 8.94 3.44
N CYS A 17 -4.10 7.63 3.30
CA CYS A 17 -5.03 6.80 2.55
C CYS A 17 -6.37 6.81 3.22
N LYS A 18 -6.40 6.64 4.56
CA LYS A 18 -7.66 6.61 5.27
C LYS A 18 -8.38 7.93 5.13
N THR A 19 -7.64 9.05 5.23
CA THR A 19 -8.28 10.35 5.15
C THR A 19 -8.77 10.62 3.74
N TRP A 20 -8.23 9.91 2.73
CA TRP A 20 -8.67 10.16 1.38
C TRP A 20 -9.35 8.93 0.85
N ASN A 21 -9.88 8.04 1.72
CA ASN A 21 -10.51 6.85 1.22
C ASN A 21 -11.97 7.14 0.95
N HIS A 22 -12.85 7.03 1.98
CA HIS A 22 -14.25 7.28 1.74
C HIS A 22 -14.89 7.82 3.01
N PHE A 23 -14.14 7.84 4.14
CA PHE A 23 -14.72 8.28 5.41
C PHE A 23 -15.97 7.49 5.70
N SER A 24 -16.05 6.22 5.23
CA SER A 24 -17.25 5.44 5.46
C SER A 24 -17.00 4.55 6.63
N ASP A 25 -18.11 4.06 7.26
CA ASP A 25 -17.99 3.20 8.40
C ASP A 25 -17.65 1.81 7.92
N ASN A 26 -17.73 1.57 6.59
CA ASN A 26 -17.40 0.27 6.05
C ASN A 26 -15.91 0.26 5.84
N GLU A 27 -15.16 -0.18 6.87
CA GLU A 27 -13.73 -0.21 6.78
C GLU A 27 -13.28 -1.52 6.19
N ALA A 28 -14.21 -2.46 5.93
CA ALA A 28 -13.85 -3.75 5.39
C ALA A 28 -13.14 -3.58 4.06
N GLU A 29 -13.56 -2.59 3.25
CA GLU A 29 -12.93 -2.40 1.96
C GLU A 29 -11.48 -2.04 2.21
N ARG A 30 -11.25 -1.04 3.08
CA ARG A 30 -9.91 -0.63 3.40
C ARG A 30 -9.15 -1.72 4.12
N VAL A 31 -9.83 -2.66 4.79
CA VAL A 31 -9.11 -3.69 5.51
C VAL A 31 -8.32 -4.51 4.52
N LYS A 32 -8.94 -4.92 3.40
CA LYS A 32 -8.22 -5.72 2.42
C LYS A 32 -7.08 -4.92 1.86
N MET A 33 -7.33 -3.61 1.58
CA MET A 33 -6.27 -2.77 1.03
C MET A 33 -5.14 -2.66 2.02
N MET A 34 -5.48 -2.45 3.31
CA MET A 34 -4.49 -2.31 4.35
C MET A 34 -3.71 -3.59 4.48
N GLU A 35 -4.37 -4.75 4.34
CA GLU A 35 -3.67 -6.02 4.46
C GLU A 35 -2.62 -6.10 3.36
N GLU A 36 -3.00 -5.71 2.13
CA GLU A 36 -2.08 -5.77 1.01
C GLU A 36 -0.97 -4.75 1.22
N VAL A 37 -1.33 -3.58 1.79
CA VAL A 37 -0.35 -2.53 2.04
C VAL A 37 0.62 -3.04 3.08
N GLU A 38 0.10 -3.77 4.08
CA GLU A 38 0.94 -4.32 5.13
C GLU A 38 1.91 -5.27 4.51
N LYS A 39 1.43 -6.11 3.56
CA LYS A 39 2.29 -7.05 2.90
C LYS A 39 3.36 -6.30 2.16
N LEU A 40 3.01 -5.15 1.53
CA LEU A 40 3.97 -4.37 0.79
C LEU A 40 5.02 -3.85 1.75
N CYS A 41 4.59 -3.40 2.93
CA CYS A 41 5.51 -2.87 3.91
C CYS A 41 6.39 -3.98 4.45
N ASP A 42 5.97 -5.25 4.25
CA ASP A 42 6.71 -6.35 4.80
C ASP A 42 7.80 -6.82 3.85
N ARG A 43 7.51 -6.93 2.53
CA ARG A 43 8.53 -7.46 1.62
C ARG A 43 8.88 -6.49 0.52
N LEU A 44 8.04 -5.49 0.24
CA LEU A 44 8.33 -4.60 -0.86
C LEU A 44 9.29 -3.52 -0.42
N GLU A 45 10.08 -3.05 -1.40
CA GLU A 45 11.05 -2.01 -1.17
C GLU A 45 10.32 -0.72 -0.90
N LEU A 46 10.94 0.16 -0.08
CA LEU A 46 10.34 1.42 0.26
C LEU A 46 10.15 2.27 -0.97
N ALA A 47 10.96 2.02 -2.03
CA ALA A 47 10.82 2.79 -3.25
C ALA A 47 9.42 2.64 -3.80
N SER A 48 8.83 1.43 -3.69
CA SER A 48 7.49 1.23 -4.21
C SER A 48 6.52 1.99 -3.35
N LEU A 49 6.75 1.97 -2.02
CA LEU A 49 5.87 2.65 -1.10
C LEU A 49 5.93 4.13 -1.37
N GLN A 50 7.15 4.66 -1.60
CA GLN A 50 7.32 6.07 -1.87
C GLN A 50 6.63 6.42 -3.17
N CYS A 51 6.74 5.55 -4.19
CA CYS A 51 6.13 5.82 -5.47
C CYS A 51 4.64 5.91 -5.30
N LEU A 52 4.05 4.95 -4.57
CA LEU A 52 2.61 4.93 -4.35
C LEU A 52 2.20 6.19 -3.61
N ASN A 53 3.05 6.64 -2.66
CA ASN A 53 2.76 7.82 -1.88
C ASN A 53 2.72 9.02 -2.79
N GLU A 54 3.61 9.06 -3.81
CA GLU A 54 3.65 10.19 -4.69
C GLU A 54 2.35 10.28 -5.47
N THR A 55 1.83 9.13 -5.92
CA THR A 55 0.60 9.13 -6.71
C THR A 55 -0.53 9.69 -5.88
N LEU A 56 -0.68 9.21 -4.63
CA LEU A 56 -1.77 9.68 -3.80
C LEU A 56 -1.52 11.09 -3.34
N THR A 57 -0.31 11.66 -3.59
CA THR A 57 -0.03 13.03 -3.18
C THR A 57 0.04 13.87 -4.43
N SER A 58 -0.25 13.23 -5.59
CA SER A 58 -0.19 13.94 -6.86
C SER A 58 -1.54 13.92 -7.51
N CYS A 59 -2.45 13.08 -6.99
CA CYS A 59 -3.77 12.98 -7.59
C CYS A 59 -4.80 13.39 -6.59
N THR A 60 -6.08 13.47 -7.06
CA THR A 60 -7.17 13.85 -6.20
C THR A 60 -7.44 12.69 -5.28
N LYS A 61 -8.32 12.89 -4.29
CA LYS A 61 -8.60 11.84 -3.33
C LYS A 61 -9.22 10.63 -4.00
N GLU A 62 -10.17 10.82 -4.95
CA GLU A 62 -10.80 9.67 -5.58
C GLU A 62 -9.82 8.98 -6.50
N VAL A 63 -9.04 9.76 -7.25
CA VAL A 63 -8.09 9.18 -8.19
C VAL A 63 -7.01 8.49 -7.41
N GLY A 64 -6.51 9.15 -6.35
CA GLY A 64 -5.46 8.59 -5.52
C GLY A 64 -5.91 7.32 -4.88
N LYS A 65 -7.19 7.26 -4.46
CA LYS A 65 -7.69 6.07 -3.80
C LYS A 65 -7.72 4.93 -4.78
N ALA A 66 -8.24 5.20 -6.00
CA ALA A 66 -8.36 4.16 -7.00
C ALA A 66 -7.00 3.73 -7.45
N ALA A 67 -6.11 4.72 -7.71
CA ALA A 67 -4.78 4.43 -8.18
C ALA A 67 -4.02 3.67 -7.13
N LEU A 68 -4.21 4.03 -5.84
CA LEU A 68 -3.50 3.37 -4.77
C LEU A 68 -3.96 1.94 -4.69
N GLU A 69 -5.27 1.69 -4.85
CA GLU A 69 -5.78 0.34 -4.75
C GLU A 69 -5.22 -0.47 -5.89
N LYS A 70 -5.20 0.14 -7.10
CA LYS A 70 -4.72 -0.56 -8.27
C LYS A 70 -3.25 -0.89 -8.09
N GLN A 71 -2.46 0.06 -7.55
CA GLN A 71 -1.04 -0.18 -7.39
C GLN A 71 -0.80 -1.18 -6.27
N ILE A 72 -1.59 -1.09 -5.17
CA ILE A 72 -1.44 -1.99 -4.05
C ILE A 72 -1.74 -3.39 -4.50
N GLU A 73 -2.76 -3.58 -5.36
CA GLU A 73 -3.12 -4.90 -5.81
C GLU A 73 -2.00 -5.45 -6.66
N GLU A 74 -1.38 -4.59 -7.51
CA GLU A 74 -0.30 -5.02 -8.36
C GLU A 74 0.87 -5.42 -7.49
N ILE A 75 1.10 -4.67 -6.40
CA ILE A 75 2.20 -4.95 -5.51
C ILE A 75 1.93 -6.27 -4.84
N ASN A 76 0.65 -6.53 -4.49
CA ASN A 76 0.29 -7.76 -3.83
C ASN A 76 0.63 -8.92 -4.74
N GLU A 77 0.37 -8.77 -6.05
CA GLU A 77 0.65 -9.83 -6.99
C GLU A 77 2.15 -10.09 -7.01
N GLN A 78 2.95 -9.01 -6.96
CA GLN A 78 4.40 -9.15 -6.95
C GLN A 78 4.81 -9.92 -5.72
N ILE A 79 4.15 -9.63 -4.58
CA ILE A 79 4.46 -10.29 -3.34
C ILE A 79 4.11 -11.76 -3.47
N ARG A 80 2.98 -12.05 -4.13
CA ARG A 80 2.56 -13.43 -4.31
C ARG A 80 3.60 -14.14 -5.13
N LYS A 81 4.15 -13.46 -6.16
CA LYS A 81 5.17 -14.06 -6.99
C LYS A 81 6.36 -14.40 -6.12
N GLU A 82 6.73 -13.49 -5.19
CA GLU A 82 7.85 -13.74 -4.31
C GLU A 82 7.56 -14.95 -3.46
N LYS A 83 6.27 -15.13 -3.09
CA LYS A 83 5.88 -16.24 -2.26
C LYS A 83 6.11 -17.51 -3.04
N GLU A 84 5.78 -17.48 -4.36
CA GLU A 84 5.94 -18.63 -5.21
C GLU A 84 7.33 -18.62 -5.79
N GLU A 85 8.15 -17.65 -5.36
CA GLU A 85 9.50 -17.56 -5.87
C GLU A 85 10.33 -18.45 -5.02
N ALA A 86 10.14 -18.33 -3.68
CA ALA A 86 10.90 -19.12 -2.74
C ALA A 86 10.15 -20.39 -2.49
N GLU A 87 8.91 -20.50 -3.04
CA GLU A 87 8.12 -21.70 -2.82
C GLU A 87 8.81 -22.82 -3.53
N ALA A 88 9.34 -22.55 -4.74
CA ALA A 88 10.03 -23.58 -5.47
C ALA A 88 11.47 -23.55 -5.03
N ARG A 89 12.22 -22.51 -5.46
CA ARG A 89 13.61 -22.41 -5.07
C ARG A 89 14.08 -20.99 -5.40
N GLY A 1 17.24 2.12 11.36
CA GLY A 1 16.80 3.52 11.19
C GLY A 1 16.14 3.71 9.86
N SER A 2 16.92 3.53 8.76
CA SER A 2 16.37 3.69 7.43
C SER A 2 15.45 2.53 7.15
N LYS A 3 15.59 1.43 7.92
CA LYS A 3 14.75 0.29 7.73
C LYS A 3 13.36 0.62 8.22
N LYS A 4 13.26 1.60 9.14
CA LYS A 4 11.97 1.98 9.67
C LYS A 4 11.40 3.08 8.82
N ALA A 5 12.16 3.54 7.80
CA ALA A 5 11.68 4.60 6.94
C ALA A 5 10.45 4.12 6.22
N ILE A 6 10.47 2.84 5.76
CA ILE A 6 9.35 2.30 5.04
C ILE A 6 8.18 2.16 5.99
N LYS A 7 8.45 1.90 7.28
CA LYS A 7 7.38 1.75 8.25
C LYS A 7 6.73 3.09 8.48
N LYS A 8 7.55 4.16 8.56
CA LYS A 8 7.02 5.50 8.79
C LYS A 8 6.20 5.88 7.58
N GLU A 9 6.69 5.50 6.39
CA GLU A 9 6.01 5.84 5.16
C GLU A 9 4.69 5.10 5.14
N ARG A 10 4.67 3.86 5.66
CA ARG A 10 3.46 3.06 5.67
C ARG A 10 2.43 3.75 6.52
N GLN A 11 2.86 4.31 7.67
CA GLN A 11 1.93 4.97 8.57
C GLN A 11 1.39 6.21 7.90
N LYS A 12 2.15 6.73 6.92
CA LYS A 12 1.71 7.92 6.23
C LYS A 12 0.73 7.51 5.16
N LEU A 13 1.15 6.51 4.35
CA LEU A 13 0.33 6.02 3.26
C LEU A 13 -0.98 5.47 3.77
N ARG A 14 -0.96 4.59 4.81
CA ARG A 14 -2.19 4.02 5.30
C ARG A 14 -3.08 5.08 5.90
N ASN A 15 -2.50 6.02 6.67
CA ASN A 15 -3.30 7.07 7.26
C ASN A 15 -3.93 7.89 6.16
N SER A 16 -3.14 8.27 5.14
CA SER A 16 -3.63 9.07 4.05
C SER A 16 -4.69 8.30 3.28
N CYS A 17 -4.48 6.99 3.11
CA CYS A 17 -5.41 6.18 2.33
C CYS A 17 -6.77 6.22 2.96
N LYS A 18 -6.86 5.99 4.29
CA LYS A 18 -8.15 5.97 4.95
C LYS A 18 -8.78 7.33 4.91
N THR A 19 -7.99 8.41 5.10
CA THR A 19 -8.54 9.75 5.12
C THR A 19 -8.99 10.16 3.74
N TRP A 20 -8.39 9.61 2.68
CA TRP A 20 -8.78 10.00 1.35
C TRP A 20 -9.52 8.86 0.69
N ASN A 21 -10.12 7.95 1.48
CA ASN A 21 -10.84 6.86 0.86
C ASN A 21 -12.24 7.34 0.60
N HIS A 22 -13.14 7.22 1.60
CA HIS A 22 -14.49 7.69 1.42
C HIS A 22 -15.04 8.08 2.76
N PHE A 23 -14.20 8.01 3.84
CA PHE A 23 -14.67 8.32 5.18
C PHE A 23 -15.87 7.47 5.49
N SER A 24 -15.90 6.21 5.01
CA SER A 24 -17.03 5.36 5.26
C SER A 24 -16.77 4.56 6.51
N ASP A 25 -17.86 4.10 7.16
CA ASP A 25 -17.73 3.32 8.36
C ASP A 25 -17.23 1.95 7.99
N ASN A 26 -17.32 1.58 6.70
CA ASN A 26 -16.87 0.28 6.28
C ASN A 26 -15.40 0.37 6.03
N GLU A 27 -14.59 0.00 7.06
CA GLU A 27 -13.16 0.06 6.94
C GLU A 27 -12.66 -1.23 6.37
N ALA A 28 -13.55 -2.22 6.16
CA ALA A 28 -13.16 -3.51 5.64
C ALA A 28 -12.49 -3.36 4.29
N GLU A 29 -12.95 -2.39 3.47
CA GLU A 29 -12.36 -2.21 2.17
C GLU A 29 -10.91 -1.83 2.35
N ARG A 30 -10.65 -0.83 3.21
CA ARG A 30 -9.30 -0.40 3.47
C ARG A 30 -8.53 -1.47 4.19
N VAL A 31 -9.20 -2.40 4.89
CA VAL A 31 -8.48 -3.43 5.61
C VAL A 31 -7.70 -4.28 4.63
N LYS A 32 -8.34 -4.70 3.53
CA LYS A 32 -7.65 -5.53 2.56
C LYS A 32 -6.54 -4.75 1.94
N MET A 33 -6.80 -3.46 1.62
CA MET A 33 -5.76 -2.63 1.01
C MET A 33 -4.60 -2.48 1.97
N MET A 34 -4.90 -2.23 3.26
CA MET A 34 -3.85 -2.09 4.25
C MET A 34 -3.08 -3.37 4.39
N GLU A 35 -3.76 -4.53 4.30
CA GLU A 35 -3.07 -5.80 4.42
C GLU A 35 -2.11 -5.95 3.26
N GLU A 36 -2.56 -5.56 2.05
CA GLU A 36 -1.72 -5.65 0.87
C GLU A 36 -0.56 -4.69 1.01
N VAL A 37 -0.83 -3.51 1.60
CA VAL A 37 0.20 -2.51 1.82
C VAL A 37 1.19 -3.06 2.80
N GLU A 38 0.67 -3.78 3.82
CA GLU A 38 1.52 -4.38 4.83
C GLU A 38 2.44 -5.34 4.15
N LYS A 39 1.90 -6.13 3.18
CA LYS A 39 2.72 -7.07 2.45
C LYS A 39 3.79 -6.32 1.70
N LEU A 40 3.44 -5.14 1.14
CA LEU A 40 4.40 -4.35 0.40
C LEU A 40 5.47 -3.89 1.34
N CYS A 41 5.07 -3.47 2.56
CA CYS A 41 6.02 -2.99 3.54
C CYS A 41 6.90 -4.12 4.01
N ASP A 42 6.47 -5.37 3.78
CA ASP A 42 7.20 -6.50 4.25
C ASP A 42 8.35 -6.85 3.32
N ARG A 43 8.12 -6.84 1.98
CA ARG A 43 9.20 -7.25 1.07
C ARG A 43 9.51 -6.20 0.04
N LEU A 44 8.58 -5.28 -0.27
CA LEU A 44 8.86 -4.31 -1.31
C LEU A 44 9.72 -3.21 -0.77
N GLU A 45 10.57 -2.66 -1.68
CA GLU A 45 11.47 -1.59 -1.34
C GLU A 45 10.64 -0.37 -1.02
N LEU A 46 11.17 0.49 -0.12
CA LEU A 46 10.47 1.69 0.27
C LEU A 46 10.24 2.58 -0.92
N ALA A 47 11.06 2.44 -1.98
CA ALA A 47 10.88 3.25 -3.17
C ALA A 47 9.50 3.03 -3.73
N SER A 48 8.98 1.78 -3.66
CA SER A 48 7.67 1.48 -4.20
C SER A 48 6.64 2.20 -3.36
N LEU A 49 6.84 2.15 -2.03
CA LEU A 49 5.91 2.78 -1.11
C LEU A 49 5.93 4.27 -1.34
N GLN A 50 7.14 4.84 -1.56
CA GLN A 50 7.27 6.26 -1.79
C GLN A 50 6.56 6.62 -3.06
N CYS A 51 6.67 5.76 -4.10
CA CYS A 51 6.04 6.03 -5.37
C CYS A 51 4.55 6.09 -5.18
N LEU A 52 3.99 5.10 -4.45
CA LEU A 52 2.55 5.06 -4.22
C LEU A 52 2.14 6.29 -3.46
N ASN A 53 2.97 6.72 -2.48
CA ASN A 53 2.65 7.88 -1.68
C ASN A 53 2.60 9.11 -2.56
N GLU A 54 3.53 9.19 -3.54
CA GLU A 54 3.57 10.33 -4.41
C GLU A 54 2.31 10.40 -5.23
N THR A 55 1.83 9.24 -5.73
CA THR A 55 0.63 9.24 -6.55
C THR A 55 -0.54 9.73 -5.77
N LEU A 56 -0.73 9.23 -4.53
CA LEU A 56 -1.85 9.65 -3.73
C LEU A 56 -1.65 11.06 -3.22
N THR A 57 -0.45 11.66 -3.41
CA THR A 57 -0.22 13.01 -2.95
C THR A 57 -0.12 13.89 -4.18
N SER A 58 -0.36 13.28 -5.37
CA SER A 58 -0.28 14.02 -6.62
C SER A 58 -1.62 13.99 -7.28
N CYS A 59 -2.55 13.16 -6.77
CA CYS A 59 -3.85 13.06 -7.38
C CYS A 59 -4.89 13.45 -6.37
N THR A 60 -6.16 13.55 -6.85
CA THR A 60 -7.26 13.91 -5.99
C THR A 60 -7.53 12.74 -5.09
N LYS A 61 -8.43 12.91 -4.11
CA LYS A 61 -8.72 11.85 -3.18
C LYS A 61 -9.32 10.66 -3.90
N GLU A 62 -10.26 10.87 -4.85
CA GLU A 62 -10.88 9.76 -5.52
C GLU A 62 -9.91 9.09 -6.45
N VAL A 63 -9.15 9.91 -7.22
CA VAL A 63 -8.21 9.37 -8.17
C VAL A 63 -7.12 8.64 -7.41
N GLY A 64 -6.63 9.27 -6.33
CA GLY A 64 -5.60 8.70 -5.51
C GLY A 64 -6.07 7.40 -4.91
N LYS A 65 -7.37 7.33 -4.53
CA LYS A 65 -7.88 6.12 -3.92
C LYS A 65 -7.86 5.00 -4.92
N ALA A 66 -8.34 5.27 -6.15
CA ALA A 66 -8.41 4.25 -7.18
C ALA A 66 -7.03 3.88 -7.62
N ALA A 67 -6.17 4.89 -7.84
CA ALA A 67 -4.82 4.66 -8.30
C ALA A 67 -4.05 3.91 -7.26
N LEU A 68 -4.27 4.26 -5.97
CA LEU A 68 -3.54 3.64 -4.90
C LEU A 68 -3.95 2.19 -4.81
N GLU A 69 -5.25 1.89 -4.95
CA GLU A 69 -5.70 0.52 -4.85
C GLU A 69 -5.14 -0.25 -6.01
N LYS A 70 -5.14 0.38 -7.19
CA LYS A 70 -4.64 -0.26 -8.39
C LYS A 70 -3.18 -0.60 -8.20
N GLN A 71 -2.38 0.35 -7.65
CA GLN A 71 -0.97 0.11 -7.46
C GLN A 71 -0.76 -0.92 -6.38
N ILE A 72 -1.57 -0.86 -5.30
CA ILE A 72 -1.41 -1.79 -4.19
C ILE A 72 -1.66 -3.19 -4.67
N GLU A 73 -2.68 -3.38 -5.54
CA GLU A 73 -3.00 -4.71 -6.01
C GLU A 73 -1.86 -5.23 -6.86
N GLU A 74 -1.24 -4.35 -7.68
CA GLU A 74 -0.14 -4.76 -8.52
C GLU A 74 1.02 -5.20 -7.66
N ILE A 75 1.25 -4.49 -6.54
CA ILE A 75 2.34 -4.83 -5.66
C ILE A 75 2.02 -6.14 -4.98
N ASN A 76 0.73 -6.34 -4.63
CA ASN A 76 0.32 -7.54 -3.96
C ASN A 76 0.63 -8.72 -4.86
N GLU A 77 0.38 -8.57 -6.18
CA GLU A 77 0.64 -9.65 -7.11
C GLU A 77 2.12 -9.97 -7.08
N GLN A 78 2.98 -8.93 -6.99
CA GLN A 78 4.41 -9.16 -6.96
C GLN A 78 4.75 -9.91 -5.70
N ILE A 79 4.06 -9.61 -4.58
CA ILE A 79 4.34 -10.27 -3.33
C ILE A 79 3.90 -11.71 -3.45
N ARG A 80 2.75 -11.96 -4.13
CA ARG A 80 2.25 -13.32 -4.27
C ARG A 80 3.25 -14.14 -5.05
N LYS A 81 3.90 -13.50 -6.05
CA LYS A 81 4.88 -14.21 -6.85
C LYS A 81 6.01 -14.66 -5.95
N GLU A 82 6.44 -13.78 -5.04
CA GLU A 82 7.51 -14.10 -4.11
C GLU A 82 7.04 -15.18 -3.17
N LYS A 83 5.75 -15.11 -2.78
CA LYS A 83 5.20 -16.08 -1.86
C LYS A 83 5.18 -17.42 -2.52
N GLU A 84 4.86 -17.46 -3.83
CA GLU A 84 4.84 -18.71 -4.56
C GLU A 84 6.18 -19.40 -4.42
N GLU A 85 7.29 -18.68 -4.70
CA GLU A 85 8.60 -19.28 -4.55
C GLU A 85 8.87 -19.59 -3.10
N ALA A 86 8.42 -18.68 -2.20
CA ALA A 86 8.63 -18.86 -0.78
C ALA A 86 7.95 -20.15 -0.36
N GLU A 87 6.75 -20.42 -0.89
CA GLU A 87 6.03 -21.62 -0.58
C GLU A 87 6.78 -22.77 -1.19
N ALA A 88 7.35 -22.54 -2.40
CA ALA A 88 8.11 -23.53 -3.13
C ALA A 88 7.20 -24.21 -4.09
N ARG A 89 5.87 -24.08 -3.88
CA ARG A 89 4.92 -24.69 -4.75
C ARG A 89 4.25 -23.57 -5.56
N GLY A 1 10.94 -4.55 15.59
CA GLY A 1 10.95 -3.52 16.67
C GLY A 1 11.94 -2.44 16.34
N SER A 2 11.84 -1.86 15.12
CA SER A 2 12.76 -0.83 14.73
C SER A 2 12.03 0.03 13.76
N LYS A 3 12.33 1.35 13.76
CA LYS A 3 11.68 2.25 12.85
C LYS A 3 12.35 2.10 11.52
N LYS A 4 11.56 2.19 10.43
CA LYS A 4 12.11 2.05 9.11
C LYS A 4 11.53 3.15 8.28
N ALA A 5 12.26 3.56 7.20
CA ALA A 5 11.79 4.61 6.34
C ALA A 5 10.50 4.17 5.69
N ILE A 6 10.44 2.88 5.29
CA ILE A 6 9.25 2.36 4.65
C ILE A 6 8.11 2.37 5.65
N LYS A 7 8.43 2.16 6.96
CA LYS A 7 7.40 2.14 7.98
C LYS A 7 6.84 3.53 8.14
N LYS A 8 7.73 4.56 8.13
CA LYS A 8 7.27 5.92 8.29
C LYS A 8 6.40 6.29 7.12
N GLU A 9 6.80 5.84 5.92
CA GLU A 9 6.04 6.15 4.73
C GLU A 9 4.70 5.47 4.82
N ARG A 10 4.68 4.24 5.39
CA ARG A 10 3.45 3.50 5.53
C ARG A 10 2.50 4.25 6.42
N GLN A 11 3.03 4.84 7.52
CA GLN A 11 2.19 5.57 8.45
C GLN A 11 1.68 6.82 7.80
N LYS A 12 2.37 7.32 6.75
CA LYS A 12 1.92 8.53 6.10
C LYS A 12 0.88 8.15 5.09
N LEU A 13 1.22 7.18 4.22
CA LEU A 13 0.31 6.73 3.19
C LEU A 13 -0.95 6.18 3.82
N ARG A 14 -0.83 5.32 4.84
CA ARG A 14 -2.01 4.73 5.47
C ARG A 14 -2.86 5.81 6.09
N ASN A 15 -2.25 6.73 6.87
CA ASN A 15 -3.03 7.77 7.51
C ASN A 15 -3.73 8.62 6.48
N SER A 16 -3.03 8.97 5.38
CA SER A 16 -3.64 9.78 4.35
C SER A 16 -4.73 8.98 3.67
N CYS A 17 -4.48 7.68 3.47
CA CYS A 17 -5.42 6.82 2.78
C CYS A 17 -6.69 6.71 3.57
N LYS A 18 -6.61 6.51 4.90
CA LYS A 18 -7.82 6.36 5.70
C LYS A 18 -8.63 7.63 5.64
N THR A 19 -7.95 8.79 5.64
CA THR A 19 -8.64 10.07 5.63
C THR A 19 -9.44 10.22 4.37
N TRP A 20 -8.92 9.76 3.22
CA TRP A 20 -9.60 9.95 1.96
C TRP A 20 -10.00 8.60 1.42
N ASN A 21 -10.20 7.61 2.30
CA ASN A 21 -10.52 6.27 1.84
C ASN A 21 -11.92 6.22 1.27
N HIS A 22 -12.94 6.14 2.14
CA HIS A 22 -14.29 6.05 1.62
C HIS A 22 -15.19 6.98 2.37
N PHE A 23 -14.84 7.32 3.64
CA PHE A 23 -15.65 8.20 4.46
C PHE A 23 -16.88 7.45 4.91
N SER A 24 -16.98 6.14 4.58
CA SER A 24 -18.10 5.36 5.00
C SER A 24 -17.58 4.35 5.98
N ASP A 25 -18.51 3.64 6.68
CA ASP A 25 -18.11 2.67 7.67
C ASP A 25 -17.79 1.35 7.02
N ASN A 26 -17.06 1.36 5.88
CA ASN A 26 -16.71 0.12 5.23
C ASN A 26 -15.31 -0.22 5.69
N GLU A 27 -15.22 -0.97 6.81
CA GLU A 27 -13.94 -1.33 7.35
C GLU A 27 -13.40 -2.54 6.63
N ALA A 28 -14.28 -3.48 6.24
CA ALA A 28 -13.85 -4.70 5.58
C ALA A 28 -13.11 -4.39 4.30
N GLU A 29 -13.54 -3.35 3.56
CA GLU A 29 -12.87 -3.05 2.31
C GLU A 29 -11.46 -2.62 2.63
N ARG A 30 -11.33 -1.66 3.58
CA ARG A 30 -10.03 -1.19 4.00
C ARG A 30 -9.20 -2.30 4.57
N VAL A 31 -9.82 -3.34 5.17
CA VAL A 31 -9.05 -4.41 5.77
C VAL A 31 -8.23 -5.09 4.70
N LYS A 32 -8.83 -5.39 3.53
CA LYS A 32 -8.10 -6.05 2.47
C LYS A 32 -6.95 -5.18 2.04
N MET A 33 -7.20 -3.86 1.88
CA MET A 33 -6.14 -2.96 1.46
C MET A 33 -5.06 -2.90 2.51
N MET A 34 -5.45 -2.88 3.80
CA MET A 34 -4.47 -2.84 4.87
C MET A 34 -3.62 -4.07 4.82
N GLU A 35 -4.21 -5.24 4.53
CA GLU A 35 -3.44 -6.46 4.47
C GLU A 35 -2.44 -6.35 3.35
N GLU A 36 -2.88 -5.81 2.20
CA GLU A 36 -2.00 -5.69 1.05
C GLU A 36 -0.91 -4.69 1.30
N VAL A 37 -1.22 -3.56 1.99
CA VAL A 37 -0.20 -2.56 2.22
C VAL A 37 0.76 -3.09 3.26
N GLU A 38 0.27 -3.95 4.18
CA GLU A 38 1.13 -4.52 5.20
C GLU A 38 2.13 -5.41 4.50
N LYS A 39 1.65 -6.20 3.52
CA LYS A 39 2.52 -7.09 2.79
C LYS A 39 3.56 -6.29 2.05
N LEU A 40 3.17 -5.11 1.50
CA LEU A 40 4.11 -4.29 0.77
C LEU A 40 5.19 -3.82 1.71
N CYS A 41 4.80 -3.42 2.93
CA CYS A 41 5.78 -2.94 3.89
C CYS A 41 6.67 -4.07 4.33
N ASP A 42 6.22 -5.33 4.14
CA ASP A 42 6.98 -6.46 4.59
C ASP A 42 8.01 -6.89 3.57
N ARG A 43 7.65 -6.99 2.28
CA ARG A 43 8.62 -7.49 1.30
C ARG A 43 8.92 -6.48 0.21
N LEU A 44 8.15 -5.40 0.07
CA LEU A 44 8.41 -4.47 -1.01
C LEU A 44 9.39 -3.40 -0.58
N GLU A 45 10.13 -2.91 -1.59
CA GLU A 45 11.11 -1.87 -1.40
C GLU A 45 10.36 -0.59 -1.16
N LEU A 46 10.99 0.35 -0.39
CA LEU A 46 10.36 1.61 -0.09
C LEU A 46 10.23 2.42 -1.35
N ALA A 47 11.05 2.12 -2.38
CA ALA A 47 10.97 2.85 -3.63
C ALA A 47 9.57 2.73 -4.21
N SER A 48 8.96 1.53 -4.12
CA SER A 48 7.64 1.34 -4.67
C SER A 48 6.65 2.09 -3.83
N LEU A 49 6.86 2.04 -2.50
CA LEU A 49 5.95 2.69 -1.57
C LEU A 49 6.00 4.19 -1.80
N GLN A 50 7.22 4.73 -2.00
CA GLN A 50 7.38 6.16 -2.24
C GLN A 50 6.69 6.53 -3.52
N CYS A 51 6.78 5.65 -4.54
CA CYS A 51 6.16 5.94 -5.82
C CYS A 51 4.68 6.07 -5.63
N LEU A 52 4.08 5.12 -4.87
CA LEU A 52 2.65 5.16 -4.63
C LEU A 52 2.30 6.43 -3.89
N ASN A 53 3.17 6.86 -2.95
CA ASN A 53 2.91 8.05 -2.18
C ASN A 53 2.93 9.24 -3.10
N GLU A 54 3.88 9.25 -4.07
CA GLU A 54 4.00 10.37 -4.98
C GLU A 54 2.73 10.49 -5.78
N THR A 55 2.19 9.37 -6.28
CA THR A 55 0.99 9.41 -7.09
C THR A 55 -0.14 9.98 -6.27
N LEU A 56 -0.29 9.50 -5.02
CA LEU A 56 -1.37 9.97 -4.18
C LEU A 56 -1.13 11.40 -3.77
N THR A 57 0.08 11.97 -4.03
CA THR A 57 0.34 13.34 -3.66
C THR A 57 0.47 14.13 -4.94
N SER A 58 0.21 13.47 -6.08
CA SER A 58 0.33 14.11 -7.38
C SER A 58 -1.02 14.22 -8.02
N CYS A 59 -2.00 13.42 -7.53
CA CYS A 59 -3.31 13.44 -8.11
C CYS A 59 -4.28 13.85 -7.05
N THR A 60 -5.58 13.94 -7.41
CA THR A 60 -6.62 14.32 -6.48
C THR A 60 -6.62 13.27 -5.41
N LYS A 61 -7.12 13.60 -4.20
CA LYS A 61 -7.11 12.66 -3.11
C LYS A 61 -7.93 11.43 -3.45
N GLU A 62 -9.09 11.60 -4.12
CA GLU A 62 -9.91 10.45 -4.46
C GLU A 62 -9.20 9.64 -5.53
N VAL A 63 -8.57 10.36 -6.49
CA VAL A 63 -7.87 9.70 -7.57
C VAL A 63 -6.74 8.90 -6.99
N GLY A 64 -6.00 9.52 -6.04
CA GLY A 64 -4.88 8.87 -5.39
C GLY A 64 -5.36 7.68 -4.61
N LYS A 65 -6.62 7.72 -4.13
CA LYS A 65 -7.15 6.62 -3.36
C LYS A 65 -7.34 5.45 -4.27
N ALA A 66 -7.91 5.70 -5.47
CA ALA A 66 -8.14 4.64 -6.42
C ALA A 66 -6.81 4.15 -6.92
N ALA A 67 -5.87 5.11 -7.16
CA ALA A 67 -4.58 4.78 -7.68
C ALA A 67 -3.81 3.92 -6.72
N LEU A 68 -3.89 4.19 -5.40
CA LEU A 68 -3.11 3.39 -4.47
C LEU A 68 -3.76 2.05 -4.31
N GLU A 69 -5.09 1.94 -4.48
CA GLU A 69 -5.75 0.67 -4.34
C GLU A 69 -5.37 -0.17 -5.54
N LYS A 70 -5.39 0.46 -6.73
CA LYS A 70 -5.06 -0.24 -7.95
C LYS A 70 -3.61 -0.67 -7.92
N GLN A 71 -2.72 0.25 -7.47
CA GLN A 71 -1.30 -0.05 -7.46
C GLN A 71 -0.97 -1.06 -6.41
N ILE A 72 -1.61 -1.00 -5.21
CA ILE A 72 -1.27 -1.93 -4.16
C ILE A 72 -1.70 -3.32 -4.55
N GLU A 73 -2.73 -3.44 -5.41
CA GLU A 73 -3.16 -4.75 -5.82
C GLU A 73 -2.10 -5.35 -6.71
N GLU A 74 -1.51 -4.51 -7.59
CA GLU A 74 -0.45 -4.97 -8.47
C GLU A 74 0.74 -5.35 -7.63
N ILE A 75 1.00 -4.57 -6.56
CA ILE A 75 2.13 -4.82 -5.70
C ILE A 75 1.90 -6.15 -5.00
N ASN A 76 0.63 -6.40 -4.60
CA ASN A 76 0.29 -7.62 -3.90
C ASN A 76 0.58 -8.80 -4.81
N GLU A 77 0.25 -8.66 -6.11
CA GLU A 77 0.47 -9.74 -7.05
C GLU A 77 1.95 -10.02 -7.15
N GLN A 78 2.77 -8.94 -7.21
CA GLN A 78 4.22 -9.12 -7.29
C GLN A 78 4.71 -9.83 -6.07
N ILE A 79 4.14 -9.51 -4.89
CA ILE A 79 4.54 -10.14 -3.66
C ILE A 79 4.18 -11.60 -3.71
N ARG A 80 2.98 -11.90 -4.28
CA ARG A 80 2.51 -13.26 -4.35
C ARG A 80 3.48 -14.09 -5.15
N LYS A 81 4.05 -13.50 -6.23
CA LYS A 81 4.98 -14.22 -7.07
C LYS A 81 6.18 -14.62 -6.24
N GLU A 82 6.70 -13.68 -5.41
CA GLU A 82 7.85 -13.96 -4.57
C GLU A 82 7.47 -14.98 -3.53
N LYS A 83 6.24 -14.86 -2.99
CA LYS A 83 5.78 -15.77 -1.95
C LYS A 83 5.70 -17.16 -2.52
N GLU A 84 5.23 -17.27 -3.78
CA GLU A 84 5.12 -18.58 -4.40
C GLU A 84 6.47 -19.25 -4.39
N GLU A 85 7.54 -18.57 -4.84
CA GLU A 85 8.86 -19.16 -4.84
C GLU A 85 9.30 -19.40 -3.40
N ALA A 86 8.99 -18.44 -2.52
CA ALA A 86 9.36 -18.55 -1.11
C ALA A 86 8.72 -19.79 -0.54
N GLU A 87 7.44 -20.06 -0.89
CA GLU A 87 6.75 -21.22 -0.40
C GLU A 87 7.40 -22.44 -0.99
N ALA A 88 7.80 -22.34 -2.27
CA ALA A 88 8.44 -23.45 -2.94
C ALA A 88 9.70 -23.78 -2.19
N ARG A 89 10.55 -22.76 -1.96
CA ARG A 89 11.74 -22.98 -1.18
C ARG A 89 12.17 -21.64 -0.58
N GLY A 1 20.14 -2.81 5.70
CA GLY A 1 19.33 -4.03 5.97
C GLY A 1 17.88 -3.66 6.06
N SER A 2 17.51 -2.96 7.15
CA SER A 2 16.13 -2.56 7.33
C SER A 2 16.14 -1.11 7.65
N LYS A 3 15.07 -0.39 7.21
CA LYS A 3 14.99 1.02 7.48
C LYS A 3 13.62 1.29 8.02
N LYS A 4 13.49 2.33 8.86
CA LYS A 4 12.21 2.66 9.44
C LYS A 4 11.53 3.63 8.53
N ALA A 5 12.20 4.00 7.41
CA ALA A 5 11.63 4.93 6.47
C ALA A 5 10.38 4.33 5.89
N ILE A 6 10.39 3.01 5.61
CA ILE A 6 9.24 2.36 5.03
C ILE A 6 8.11 2.38 6.04
N LYS A 7 8.43 2.30 7.35
CA LYS A 7 7.39 2.31 8.37
C LYS A 7 6.77 3.68 8.42
N LYS A 8 7.62 4.73 8.31
CA LYS A 8 7.12 6.09 8.37
C LYS A 8 6.25 6.33 7.17
N GLU A 9 6.66 5.81 5.99
CA GLU A 9 5.90 6.01 4.79
C GLU A 9 4.60 5.25 4.90
N ARG A 10 4.62 4.06 5.53
CA ARG A 10 3.42 3.27 5.67
C ARG A 10 2.40 4.02 6.49
N GLN A 11 2.86 4.65 7.61
CA GLN A 11 1.96 5.38 8.48
C GLN A 11 1.39 6.57 7.73
N LYS A 12 2.16 7.09 6.75
CA LYS A 12 1.71 8.24 6.03
C LYS A 12 0.71 7.82 4.98
N LEU A 13 1.12 6.84 4.15
CA LEU A 13 0.28 6.36 3.08
C LEU A 13 -0.99 5.74 3.62
N ARG A 14 -0.88 4.87 4.64
CA ARG A 14 -2.06 4.21 5.20
C ARG A 14 -3.02 5.23 5.75
N ASN A 15 -2.51 6.19 6.56
CA ASN A 15 -3.37 7.20 7.15
C ASN A 15 -4.07 7.97 6.05
N SER A 16 -3.31 8.36 5.00
CA SER A 16 -3.87 9.12 3.91
C SER A 16 -4.91 8.30 3.19
N CYS A 17 -4.64 7.00 3.00
CA CYS A 17 -5.55 6.14 2.26
C CYS A 17 -6.88 6.03 2.97
N LYS A 18 -6.86 5.79 4.30
CA LYS A 18 -8.11 5.65 5.04
C LYS A 18 -8.84 6.96 5.06
N THR A 19 -8.09 8.07 5.22
CA THR A 19 -8.69 9.38 5.30
C THR A 19 -9.42 9.71 4.03
N TRP A 20 -8.87 9.33 2.86
CA TRP A 20 -9.51 9.70 1.62
C TRP A 20 -10.20 8.50 1.01
N ASN A 21 -10.59 7.50 1.84
CA ASN A 21 -11.27 6.34 1.30
C ASN A 21 -12.67 6.76 0.95
N HIS A 22 -13.59 6.76 1.95
CA HIS A 22 -14.95 7.16 1.69
C HIS A 22 -15.51 7.79 2.93
N PHE A 23 -14.64 7.97 3.97
CA PHE A 23 -15.08 8.54 5.23
C PHE A 23 -16.25 7.74 5.76
N SER A 24 -16.30 6.42 5.47
CA SER A 24 -17.40 5.61 5.94
C SER A 24 -16.89 4.73 7.03
N ASP A 25 -17.82 4.05 7.74
CA ASP A 25 -17.43 3.19 8.84
C ASP A 25 -17.18 1.80 8.32
N ASN A 26 -17.27 1.60 6.98
CA ASN A 26 -17.04 0.28 6.43
C ASN A 26 -15.55 0.15 6.23
N GLU A 27 -14.88 -0.41 7.25
CA GLU A 27 -13.44 -0.56 7.20
C GLU A 27 -13.07 -1.84 6.52
N ALA A 28 -14.05 -2.70 6.16
CA ALA A 28 -13.74 -3.96 5.51
C ALA A 28 -12.96 -3.73 4.24
N GLU A 29 -13.31 -2.66 3.49
CA GLU A 29 -12.61 -2.41 2.24
C GLU A 29 -11.17 -2.11 2.58
N ARG A 30 -10.98 -1.18 3.55
CA ARG A 30 -9.65 -0.83 3.98
C ARG A 30 -8.93 -2.00 4.58
N VAL A 31 -9.65 -3.00 5.15
CA VAL A 31 -8.95 -4.11 5.76
C VAL A 31 -8.14 -4.84 4.72
N LYS A 32 -8.74 -5.12 3.54
CA LYS A 32 -7.99 -5.82 2.51
C LYS A 32 -6.81 -4.98 2.07
N MET A 33 -7.02 -3.66 1.92
CA MET A 33 -5.94 -2.79 1.49
C MET A 33 -4.87 -2.73 2.55
N MET A 34 -5.26 -2.65 3.83
CA MET A 34 -4.28 -2.59 4.91
C MET A 34 -3.46 -3.86 4.92
N GLU A 35 -4.09 -5.01 4.65
CA GLU A 35 -3.34 -6.24 4.63
C GLU A 35 -2.37 -6.21 3.47
N GLU A 36 -2.82 -5.68 2.32
CA GLU A 36 -1.96 -5.61 1.14
C GLU A 36 -0.81 -4.66 1.37
N VAL A 37 -1.04 -3.51 2.04
CA VAL A 37 0.04 -2.57 2.26
C VAL A 37 0.93 -3.11 3.33
N GLU A 38 0.38 -3.91 4.27
CA GLU A 38 1.18 -4.51 5.32
C GLU A 38 2.14 -5.44 4.64
N LYS A 39 1.63 -6.22 3.67
CA LYS A 39 2.46 -7.15 2.94
C LYS A 39 3.51 -6.37 2.19
N LEU A 40 3.15 -5.19 1.62
CA LEU A 40 4.09 -4.39 0.88
C LEU A 40 5.20 -3.97 1.81
N CYS A 41 4.84 -3.57 3.03
CA CYS A 41 5.82 -3.12 4.00
C CYS A 41 6.64 -4.29 4.48
N ASP A 42 6.14 -5.51 4.28
CA ASP A 42 6.83 -6.67 4.78
C ASP A 42 7.92 -7.13 3.83
N ARG A 43 7.64 -7.21 2.50
CA ARG A 43 8.65 -7.71 1.58
C ARG A 43 9.00 -6.71 0.51
N LEU A 44 8.16 -5.70 0.26
CA LEU A 44 8.46 -4.76 -0.81
C LEU A 44 9.35 -3.66 -0.30
N GLU A 45 10.21 -3.17 -1.24
CA GLU A 45 11.12 -2.10 -0.95
C GLU A 45 10.33 -0.84 -0.75
N LEU A 46 10.90 0.10 0.06
CA LEU A 46 10.23 1.36 0.34
C LEU A 46 10.10 2.15 -0.93
N ALA A 47 10.93 1.86 -1.96
CA ALA A 47 10.85 2.58 -3.21
C ALA A 47 9.47 2.44 -3.80
N SER A 48 8.86 1.24 -3.70
CA SER A 48 7.53 1.05 -4.26
C SER A 48 6.54 1.83 -3.43
N LEU A 49 6.75 1.82 -2.11
CA LEU A 49 5.85 2.51 -1.20
C LEU A 49 5.91 3.99 -1.48
N GLN A 50 7.14 4.52 -1.69
CA GLN A 50 7.33 5.92 -1.95
C GLN A 50 6.69 6.29 -3.28
N CYS A 51 6.82 5.41 -4.29
CA CYS A 51 6.26 5.68 -5.59
C CYS A 51 4.76 5.81 -5.47
N LEU A 52 4.13 4.87 -4.75
CA LEU A 52 2.70 4.89 -4.55
C LEU A 52 2.31 6.17 -3.84
N ASN A 53 3.15 6.61 -2.89
CA ASN A 53 2.86 7.81 -2.14
C ASN A 53 2.92 9.00 -3.07
N GLU A 54 3.86 9.00 -4.02
CA GLU A 54 3.99 10.13 -4.92
C GLU A 54 2.75 10.25 -5.75
N THR A 55 2.21 9.11 -6.24
CA THR A 55 1.03 9.15 -7.08
C THR A 55 -0.12 9.74 -6.30
N LEU A 56 -0.32 9.27 -5.05
CA LEU A 56 -1.43 9.76 -4.26
C LEU A 56 -1.16 11.18 -3.82
N THR A 57 0.06 11.72 -4.04
CA THR A 57 0.35 13.09 -3.65
C THR A 57 0.50 13.90 -4.91
N SER A 58 0.27 13.26 -6.07
CA SER A 58 0.41 13.94 -7.35
C SER A 58 -0.93 14.02 -8.02
N CYS A 59 -1.91 13.23 -7.55
CA CYS A 59 -3.22 13.23 -8.16
C CYS A 59 -4.21 13.72 -7.16
N THR A 60 -5.49 13.85 -7.61
CA THR A 60 -6.57 14.28 -6.74
C THR A 60 -6.68 13.25 -5.64
N LYS A 61 -7.39 13.56 -4.55
CA LYS A 61 -7.48 12.63 -3.45
C LYS A 61 -8.22 11.38 -3.89
N GLU A 62 -9.33 11.53 -4.65
CA GLU A 62 -10.09 10.37 -5.08
C GLU A 62 -9.31 9.61 -6.13
N VAL A 63 -8.66 10.35 -7.04
CA VAL A 63 -7.89 9.73 -8.10
C VAL A 63 -6.76 8.95 -7.47
N GLY A 64 -6.07 9.60 -6.52
CA GLY A 64 -4.95 8.99 -5.84
C GLY A 64 -5.44 7.83 -5.02
N LYS A 65 -6.71 7.85 -4.61
CA LYS A 65 -7.26 6.77 -3.81
C LYS A 65 -7.48 5.58 -4.69
N ALA A 66 -8.17 5.80 -5.83
CA ALA A 66 -8.48 4.72 -6.71
C ALA A 66 -7.19 4.17 -7.27
N ALA A 67 -6.27 5.09 -7.64
CA ALA A 67 -5.00 4.71 -8.20
C ALA A 67 -4.19 3.96 -7.17
N LEU A 68 -4.27 4.39 -5.90
CA LEU A 68 -3.49 3.74 -4.86
C LEU A 68 -3.96 2.33 -4.69
N GLU A 69 -5.29 2.10 -4.73
CA GLU A 69 -5.81 0.77 -4.52
C GLU A 69 -5.37 -0.10 -5.66
N LYS A 70 -5.45 0.44 -6.90
CA LYS A 70 -5.06 -0.31 -8.08
C LYS A 70 -3.59 -0.64 -8.02
N GLN A 71 -2.75 0.32 -7.56
CA GLN A 71 -1.32 0.10 -7.51
C GLN A 71 -1.01 -0.90 -6.43
N ILE A 72 -1.71 -0.84 -5.28
CA ILE A 72 -1.46 -1.74 -4.18
C ILE A 72 -1.75 -3.15 -4.61
N GLU A 73 -2.81 -3.34 -5.42
CA GLU A 73 -3.18 -4.68 -5.82
C GLU A 73 -2.08 -5.24 -6.70
N GLU A 74 -1.50 -4.41 -7.57
CA GLU A 74 -0.43 -4.85 -8.45
C GLU A 74 0.77 -5.23 -7.61
N ILE A 75 1.02 -4.46 -6.54
CA ILE A 75 2.16 -4.74 -5.67
C ILE A 75 1.91 -6.04 -4.96
N ASN A 76 0.64 -6.27 -4.57
CA ASN A 76 0.29 -7.49 -3.86
C ASN A 76 0.59 -8.67 -4.75
N GLU A 77 0.30 -8.55 -6.07
CA GLU A 77 0.55 -9.64 -6.98
C GLU A 77 2.03 -9.93 -7.02
N GLN A 78 2.87 -8.87 -7.01
CA GLN A 78 4.30 -9.05 -7.03
C GLN A 78 4.72 -9.78 -5.78
N ILE A 79 4.06 -9.48 -4.65
CA ILE A 79 4.38 -10.11 -3.39
C ILE A 79 4.02 -11.58 -3.50
N ARG A 80 2.89 -11.88 -4.17
CA ARG A 80 2.45 -13.25 -4.34
C ARG A 80 3.52 -14.00 -5.10
N LYS A 81 4.12 -13.33 -6.12
CA LYS A 81 5.15 -13.97 -6.90
C LYS A 81 6.31 -14.30 -5.99
N GLU A 82 6.63 -13.41 -5.03
CA GLU A 82 7.73 -13.64 -4.11
C GLU A 82 7.41 -14.86 -3.27
N LYS A 83 6.11 -15.04 -2.95
CA LYS A 83 5.69 -16.17 -2.14
C LYS A 83 5.94 -17.43 -2.93
N GLU A 84 5.67 -17.36 -4.26
CA GLU A 84 5.84 -18.51 -5.13
C GLU A 84 7.25 -18.51 -5.65
N GLU A 85 8.07 -17.55 -5.19
CA GLU A 85 9.43 -17.46 -5.65
C GLU A 85 10.24 -18.35 -4.75
N ALA A 86 10.00 -18.23 -3.43
CA ALA A 86 10.72 -19.04 -2.48
C ALA A 86 9.96 -20.31 -2.26
N GLU A 87 8.75 -20.42 -2.86
CA GLU A 87 7.96 -21.62 -2.68
C GLU A 87 8.70 -22.74 -3.36
N ALA A 88 9.30 -22.45 -4.52
CA ALA A 88 10.05 -23.46 -5.21
C ALA A 88 11.46 -23.39 -4.70
N ARG A 89 12.17 -22.30 -5.04
CA ARG A 89 13.52 -22.14 -4.58
C ARG A 89 13.89 -20.66 -4.71
N GLY A 1 11.09 2.14 19.27
CA GLY A 1 12.34 2.93 19.45
C GLY A 1 12.79 3.48 18.13
N SER A 2 12.87 2.61 17.11
CA SER A 2 13.30 3.04 15.80
C SER A 2 12.29 2.53 14.82
N LYS A 3 12.06 3.30 13.73
CA LYS A 3 11.11 2.89 12.73
C LYS A 3 11.81 2.99 11.41
N LYS A 4 11.42 2.11 10.47
CA LYS A 4 12.02 2.13 9.16
C LYS A 4 11.28 3.14 8.35
N ALA A 5 11.92 3.62 7.25
CA ALA A 5 11.31 4.61 6.40
C ALA A 5 10.05 4.04 5.81
N ILE A 6 10.09 2.75 5.43
CA ILE A 6 8.93 2.13 4.82
C ILE A 6 7.82 2.02 5.86
N LYS A 7 8.18 1.84 7.15
CA LYS A 7 7.18 1.73 8.19
C LYS A 7 6.52 3.07 8.40
N LYS A 8 7.33 4.15 8.41
CA LYS A 8 6.79 5.47 8.62
C LYS A 8 5.92 5.83 7.45
N GLU A 9 6.34 5.41 6.25
CA GLU A 9 5.60 5.71 5.05
C GLU A 9 4.29 4.94 5.10
N ARG A 10 4.31 3.72 5.66
CA ARG A 10 3.11 2.92 5.74
C ARG A 10 2.09 3.64 6.58
N GLN A 11 2.53 4.21 7.71
CA GLN A 11 1.63 4.92 8.60
C GLN A 11 1.10 6.15 7.90
N LYS A 12 1.87 6.67 6.94
CA LYS A 12 1.46 7.87 6.24
C LYS A 12 0.44 7.50 5.20
N LEU A 13 0.85 6.59 4.28
CA LEU A 13 -0.03 6.18 3.20
C LEU A 13 -1.28 5.50 3.73
N ARG A 14 -1.14 4.59 4.72
CA ARG A 14 -2.30 3.89 5.24
C ARG A 14 -3.27 4.88 5.85
N ASN A 15 -2.75 5.80 6.70
CA ASN A 15 -3.61 6.77 7.34
C ASN A 15 -4.30 7.62 6.31
N SER A 16 -3.55 8.08 5.28
CA SER A 16 -4.14 8.93 4.26
C SER A 16 -5.13 8.13 3.44
N CYS A 17 -4.86 6.82 3.26
CA CYS A 17 -5.73 5.99 2.45
C CYS A 17 -7.08 5.89 3.09
N LYS A 18 -7.13 5.58 4.41
CA LYS A 18 -8.40 5.42 5.07
C LYS A 18 -9.09 6.75 5.18
N THR A 19 -8.30 7.82 5.44
CA THR A 19 -8.86 9.15 5.62
C THR A 19 -9.51 9.61 4.33
N TRP A 20 -8.89 9.32 3.17
CA TRP A 20 -9.44 9.79 1.92
C TRP A 20 -10.08 8.64 1.17
N ASN A 21 -10.54 7.59 1.88
CA ASN A 21 -11.14 6.49 1.18
C ASN A 21 -12.57 6.86 0.85
N HIS A 22 -13.50 6.68 1.82
CA HIS A 22 -14.88 7.03 1.55
C HIS A 22 -15.46 7.65 2.79
N PHE A 23 -14.62 7.84 3.84
CA PHE A 23 -15.08 8.41 5.09
C PHE A 23 -16.22 7.58 5.62
N SER A 24 -16.26 6.26 5.32
CA SER A 24 -17.35 5.43 5.79
C SER A 24 -16.85 4.62 6.95
N ASP A 25 -17.79 3.93 7.64
CA ASP A 25 -17.44 3.12 8.77
C ASP A 25 -17.07 1.74 8.31
N ASN A 26 -17.11 1.49 6.98
CA ASN A 26 -16.79 0.18 6.47
C ASN A 26 -15.29 0.13 6.31
N GLU A 27 -14.60 -0.34 7.36
CA GLU A 27 -13.15 -0.42 7.30
C GLU A 27 -12.74 -1.73 6.68
N ALA A 28 -13.70 -2.64 6.43
CA ALA A 28 -13.38 -3.94 5.86
C ALA A 28 -12.68 -3.79 4.52
N GLU A 29 -13.12 -2.80 3.70
CA GLU A 29 -12.50 -2.64 2.40
C GLU A 29 -11.05 -2.27 2.63
N ARG A 30 -10.83 -1.26 3.49
CA ARG A 30 -9.48 -0.83 3.79
C ARG A 30 -8.71 -1.92 4.48
N VAL A 31 -9.36 -2.90 5.13
CA VAL A 31 -8.62 -3.93 5.81
C VAL A 31 -7.84 -4.71 4.78
N LYS A 32 -8.48 -5.06 3.64
CA LYS A 32 -7.78 -5.81 2.61
C LYS A 32 -6.62 -4.97 2.11
N MET A 33 -6.86 -3.66 1.90
CA MET A 33 -5.79 -2.80 1.40
C MET A 33 -4.68 -2.74 2.43
N MET A 34 -5.04 -2.67 3.73
CA MET A 34 -4.05 -2.63 4.78
C MET A 34 -3.24 -3.88 4.77
N GLU A 35 -3.86 -5.05 4.51
CA GLU A 35 -3.11 -6.28 4.47
C GLU A 35 -2.15 -6.24 3.32
N GLU A 36 -2.61 -5.72 2.16
CA GLU A 36 -1.77 -5.67 0.97
C GLU A 36 -0.64 -4.69 1.18
N VAL A 37 -0.91 -3.53 1.82
CA VAL A 37 0.15 -2.57 2.03
C VAL A 37 1.07 -3.08 3.10
N GLU A 38 0.54 -3.91 4.03
CA GLU A 38 1.37 -4.47 5.08
C GLU A 38 2.37 -5.40 4.42
N LYS A 39 1.91 -6.17 3.41
CA LYS A 39 2.78 -7.07 2.70
C LYS A 39 3.88 -6.28 2.04
N LEU A 40 3.54 -5.08 1.49
CA LEU A 40 4.54 -4.26 0.84
C LEU A 40 5.53 -3.80 1.87
N CYS A 41 5.05 -3.44 3.07
CA CYS A 41 5.93 -2.94 4.10
C CYS A 41 6.81 -4.05 4.61
N ASP A 42 6.42 -5.31 4.38
CA ASP A 42 7.16 -6.42 4.91
C ASP A 42 8.26 -6.85 3.96
N ARG A 43 7.96 -6.99 2.64
CA ARG A 43 8.99 -7.48 1.73
C ARG A 43 9.22 -6.55 0.56
N LEU A 44 8.31 -5.63 0.26
CA LEU A 44 8.52 -4.78 -0.90
C LEU A 44 9.41 -3.61 -0.54
N GLU A 45 10.08 -3.09 -1.60
CA GLU A 45 10.99 -1.97 -1.44
C GLU A 45 10.18 -0.73 -1.15
N LEU A 46 10.74 0.17 -0.30
CA LEU A 46 10.06 1.39 0.06
C LEU A 46 9.93 2.29 -1.14
N ALA A 47 10.80 2.11 -2.15
CA ALA A 47 10.72 2.94 -3.35
C ALA A 47 9.37 2.79 -3.99
N SER A 48 8.78 1.57 -3.95
CA SER A 48 7.50 1.37 -4.56
C SER A 48 6.46 2.09 -3.74
N LEU A 49 6.61 2.03 -2.40
CA LEU A 49 5.66 2.65 -1.50
C LEU A 49 5.72 4.15 -1.69
N GLN A 50 6.95 4.71 -1.82
CA GLN A 50 7.11 6.12 -2.00
C GLN A 50 6.55 6.53 -3.33
N CYS A 51 6.75 5.70 -4.37
CA CYS A 51 6.25 6.01 -5.71
C CYS A 51 4.75 6.11 -5.65
N LEU A 52 4.10 5.14 -4.98
CA LEU A 52 2.65 5.13 -4.87
C LEU A 52 2.21 6.39 -4.17
N ASN A 53 2.98 6.85 -3.17
CA ASN A 53 2.64 8.03 -2.43
C ASN A 53 2.72 9.23 -3.34
N GLU A 54 3.73 9.23 -4.25
CA GLU A 54 3.92 10.35 -5.14
C GLU A 54 2.71 10.51 -6.04
N THR A 55 2.18 9.39 -6.57
CA THR A 55 1.04 9.47 -7.46
C THR A 55 -0.13 10.05 -6.71
N LEU A 56 -0.34 9.59 -5.46
CA LEU A 56 -1.44 10.06 -4.66
C LEU A 56 -1.17 11.49 -4.22
N THR A 57 0.08 12.02 -4.39
CA THR A 57 0.37 13.37 -3.97
C THR A 57 0.54 14.19 -5.23
N SER A 58 0.28 13.55 -6.39
CA SER A 58 0.42 14.22 -7.66
C SER A 58 -0.94 14.32 -8.29
N CYS A 59 -1.92 13.59 -7.72
CA CYS A 59 -3.26 13.60 -8.26
C CYS A 59 -4.19 13.98 -7.15
N THR A 60 -5.51 14.05 -7.48
CA THR A 60 -6.49 14.41 -6.49
C THR A 60 -6.56 13.29 -5.48
N LYS A 61 -7.23 13.55 -4.36
CA LYS A 61 -7.33 12.57 -3.29
C LYS A 61 -8.06 11.35 -3.78
N GLU A 62 -9.15 11.51 -4.56
CA GLU A 62 -9.90 10.37 -5.05
C GLU A 62 -9.08 9.61 -6.06
N VAL A 63 -8.37 10.34 -6.93
CA VAL A 63 -7.55 9.69 -7.94
C VAL A 63 -6.45 8.94 -7.24
N GLY A 64 -5.84 9.58 -6.23
CA GLY A 64 -4.78 8.96 -5.47
C GLY A 64 -5.32 7.77 -4.73
N LYS A 65 -6.61 7.79 -4.38
CA LYS A 65 -7.20 6.69 -3.65
C LYS A 65 -7.34 5.51 -4.58
N ALA A 66 -7.89 5.75 -5.79
CA ALA A 66 -8.09 4.69 -6.74
C ALA A 66 -6.75 4.18 -7.22
N ALA A 67 -5.83 5.13 -7.48
CA ALA A 67 -4.51 4.79 -7.95
C ALA A 67 -3.79 3.99 -6.91
N LEU A 68 -3.95 4.37 -5.63
CA LEU A 68 -3.27 3.70 -4.55
C LEU A 68 -3.79 2.28 -4.47
N GLU A 69 -5.11 2.09 -4.61
CA GLU A 69 -5.68 0.78 -4.48
C GLU A 69 -5.26 -0.05 -5.65
N LYS A 70 -5.31 0.53 -6.87
CA LYS A 70 -4.96 -0.18 -8.07
C LYS A 70 -3.50 -0.58 -8.03
N GLN A 71 -2.62 0.37 -7.63
CA GLN A 71 -1.20 0.10 -7.59
C GLN A 71 -0.91 -0.89 -6.49
N ILE A 72 -1.62 -0.79 -5.35
CA ILE A 72 -1.40 -1.70 -4.24
C ILE A 72 -1.74 -3.10 -4.67
N GLU A 73 -2.80 -3.27 -5.49
CA GLU A 73 -3.20 -4.59 -5.89
C GLU A 73 -2.15 -5.15 -6.83
N GLU A 74 -1.60 -4.31 -7.74
CA GLU A 74 -0.60 -4.77 -8.68
C GLU A 74 0.65 -5.21 -7.96
N ILE A 75 1.07 -4.45 -6.91
CA ILE A 75 2.28 -4.82 -6.22
C ILE A 75 2.00 -5.99 -5.31
N ASN A 76 0.72 -6.17 -4.92
CA ASN A 76 0.36 -7.29 -4.09
C ASN A 76 0.63 -8.55 -4.89
N GLU A 77 0.28 -8.52 -6.19
CA GLU A 77 0.50 -9.65 -7.06
C GLU A 77 1.98 -9.91 -7.18
N GLN A 78 2.78 -8.83 -7.27
CA GLN A 78 4.22 -8.98 -7.38
C GLN A 78 4.74 -9.64 -6.13
N ILE A 79 4.18 -9.27 -4.97
CA ILE A 79 4.60 -9.83 -3.71
C ILE A 79 4.20 -11.28 -3.68
N ARG A 80 3.00 -11.60 -4.24
CA ARG A 80 2.51 -12.97 -4.24
C ARG A 80 3.46 -13.82 -5.03
N LYS A 81 4.01 -13.27 -6.13
CA LYS A 81 4.95 -14.02 -6.95
C LYS A 81 6.14 -14.39 -6.10
N GLU A 82 6.64 -13.43 -5.30
CA GLU A 82 7.78 -13.69 -4.44
C GLU A 82 7.39 -14.67 -3.37
N LYS A 83 6.14 -14.57 -2.88
CA LYS A 83 5.66 -15.45 -1.83
C LYS A 83 5.60 -16.86 -2.37
N GLU A 84 5.15 -17.01 -3.63
CA GLU A 84 5.07 -18.32 -4.23
C GLU A 84 6.42 -18.99 -4.18
N GLU A 85 7.49 -18.31 -4.64
CA GLU A 85 8.82 -18.90 -4.59
C GLU A 85 9.23 -19.11 -3.15
N ALA A 86 8.94 -18.11 -2.31
CA ALA A 86 9.30 -18.19 -0.90
C ALA A 86 8.65 -19.41 -0.28
N GLU A 87 7.38 -19.67 -0.65
CA GLU A 87 6.67 -20.80 -0.12
C GLU A 87 7.27 -22.06 -0.68
N ALA A 88 7.64 -22.01 -1.98
CA ALA A 88 8.24 -23.16 -2.62
C ALA A 88 9.51 -23.49 -1.88
N ARG A 89 10.40 -22.49 -1.70
CA ARG A 89 11.61 -22.72 -0.96
C ARG A 89 12.10 -21.37 -0.44
N GLY A 1 19.47 -3.58 7.15
CA GLY A 1 19.09 -4.46 8.27
C GLY A 1 17.62 -4.35 8.56
N SER A 2 17.15 -3.13 8.83
CA SER A 2 15.75 -2.92 9.11
C SER A 2 15.28 -1.78 8.25
N LYS A 3 14.01 -1.84 7.81
CA LYS A 3 13.48 -0.80 6.97
C LYS A 3 12.57 0.03 7.83
N LYS A 4 13.07 1.20 8.27
CA LYS A 4 12.27 2.07 9.10
C LYS A 4 11.61 3.09 8.22
N ALA A 5 12.27 3.46 7.11
CA ALA A 5 11.74 4.44 6.19
C ALA A 5 10.44 3.95 5.62
N ILE A 6 10.36 2.64 5.28
CA ILE A 6 9.15 2.11 4.70
C ILE A 6 8.04 2.15 5.74
N LYS A 7 8.38 1.96 7.03
CA LYS A 7 7.37 1.98 8.07
C LYS A 7 6.82 3.37 8.20
N LYS A 8 7.71 4.38 8.16
CA LYS A 8 7.30 5.77 8.28
C LYS A 8 6.41 6.11 7.11
N GLU A 9 6.79 5.62 5.92
CA GLU A 9 6.02 5.90 4.72
C GLU A 9 4.68 5.23 4.84
N ARG A 10 4.64 4.02 5.46
CA ARG A 10 3.39 3.30 5.62
C ARG A 10 2.45 4.10 6.48
N GLN A 11 2.98 4.72 7.56
CA GLN A 11 2.15 5.48 8.47
C GLN A 11 1.57 6.67 7.75
N LYS A 12 2.27 7.17 6.72
CA LYS A 12 1.77 8.34 6.01
C LYS A 12 0.79 7.89 4.96
N LEU A 13 1.22 6.93 4.14
CA LEU A 13 0.38 6.42 3.07
C LEU A 13 -0.89 5.81 3.61
N ARG A 14 -0.78 4.93 4.62
CA ARG A 14 -1.95 4.28 5.17
C ARG A 14 -2.88 5.30 5.78
N ASN A 15 -2.34 6.23 6.61
CA ASN A 15 -3.19 7.23 7.24
C ASN A 15 -3.86 8.07 6.19
N SER A 16 -3.13 8.45 5.13
CA SER A 16 -3.72 9.28 4.09
C SER A 16 -4.77 8.49 3.36
N CYS A 17 -4.51 7.18 3.12
CA CYS A 17 -5.42 6.36 2.37
C CYS A 17 -6.72 6.21 3.12
N LYS A 18 -6.66 5.90 4.43
CA LYS A 18 -7.87 5.70 5.21
C LYS A 18 -8.63 7.00 5.32
N THR A 19 -7.90 8.10 5.55
CA THR A 19 -8.51 9.41 5.73
C THR A 19 -9.25 9.81 4.49
N TRP A 20 -8.69 9.52 3.30
CA TRP A 20 -9.32 9.95 2.08
C TRP A 20 -9.94 8.78 1.38
N ASN A 21 -10.33 7.72 2.13
CA ASN A 21 -10.93 6.56 1.49
C ASN A 21 -12.35 6.92 1.11
N HIS A 22 -13.31 6.80 2.06
CA HIS A 22 -14.68 7.16 1.74
C HIS A 22 -15.33 7.64 3.00
N PHE A 23 -14.55 7.77 4.10
CA PHE A 23 -15.10 8.20 5.37
C PHE A 23 -16.31 7.37 5.72
N SER A 24 -16.33 6.08 5.32
CA SER A 24 -17.48 5.24 5.60
C SER A 24 -17.08 4.27 6.67
N ASP A 25 -18.10 3.56 7.23
CA ASP A 25 -17.84 2.61 8.28
C ASP A 25 -17.57 1.26 7.67
N ASN A 26 -17.53 1.17 6.32
CA ASN A 26 -17.27 -0.10 5.67
C ASN A 26 -15.79 -0.28 5.67
N GLU A 27 -15.26 -0.98 6.69
CA GLU A 27 -13.84 -1.17 6.80
C GLU A 27 -13.43 -2.40 6.04
N ALA A 28 -14.38 -3.18 5.49
CA ALA A 28 -14.02 -4.37 4.73
C ALA A 28 -13.11 -4.00 3.58
N GLU A 29 -13.33 -2.84 2.95
CA GLU A 29 -12.48 -2.47 1.83
C GLU A 29 -11.13 -2.11 2.38
N ARG A 30 -11.12 -1.24 3.42
CA ARG A 30 -9.89 -0.81 4.05
C ARG A 30 -9.07 -1.96 4.61
N VAL A 31 -9.69 -3.00 5.20
CA VAL A 31 -8.89 -4.05 5.78
C VAL A 31 -8.16 -4.81 4.70
N LYS A 32 -8.79 -5.05 3.53
CA LYS A 32 -8.11 -5.75 2.46
C LYS A 32 -6.90 -4.93 2.04
N MET A 33 -7.11 -3.60 1.91
CA MET A 33 -6.02 -2.73 1.51
C MET A 33 -4.96 -2.70 2.58
N MET A 34 -5.36 -2.69 3.86
CA MET A 34 -4.39 -2.66 4.95
C MET A 34 -3.59 -3.92 4.92
N GLU A 35 -4.22 -5.08 4.66
CA GLU A 35 -3.48 -6.32 4.63
C GLU A 35 -2.49 -6.29 3.49
N GLU A 36 -2.92 -5.75 2.33
CA GLU A 36 -2.05 -5.69 1.17
C GLU A 36 -0.93 -4.72 1.41
N VAL A 37 -1.22 -3.56 2.06
CA VAL A 37 -0.19 -2.57 2.28
C VAL A 37 0.77 -3.09 3.32
N GLU A 38 0.27 -3.93 4.26
CA GLU A 38 1.11 -4.49 5.28
C GLU A 38 2.12 -5.38 4.61
N LYS A 39 1.65 -6.16 3.61
CA LYS A 39 2.53 -7.05 2.88
C LYS A 39 3.56 -6.24 2.16
N LEU A 40 3.19 -5.06 1.61
CA LEU A 40 4.14 -4.27 0.88
C LEU A 40 5.14 -3.71 1.86
N CYS A 41 4.69 -3.33 3.07
CA CYS A 41 5.58 -2.78 4.05
C CYS A 41 6.55 -3.85 4.50
N ASP A 42 6.20 -5.12 4.28
CA ASP A 42 7.04 -6.20 4.73
C ASP A 42 8.08 -6.57 3.69
N ARG A 43 7.70 -6.66 2.39
CA ARG A 43 8.67 -7.10 1.40
C ARG A 43 8.90 -6.09 0.31
N LEU A 44 7.96 -5.16 0.06
CA LEU A 44 8.15 -4.20 -1.02
C LEU A 44 9.21 -3.21 -0.65
N GLU A 45 10.00 -2.81 -1.68
CA GLU A 45 11.05 -1.84 -1.49
C GLU A 45 10.38 -0.51 -1.20
N LEU A 46 11.01 0.30 -0.31
CA LEU A 46 10.44 1.57 0.06
C LEU A 46 10.38 2.48 -1.15
N ALA A 47 11.29 2.28 -2.13
CA ALA A 47 11.28 3.11 -3.32
C ALA A 47 9.96 2.98 -4.03
N SER A 48 9.38 1.76 -4.09
CA SER A 48 8.11 1.57 -4.77
C SER A 48 7.02 2.19 -3.94
N LEU A 49 7.12 2.02 -2.61
CA LEU A 49 6.12 2.56 -1.69
C LEU A 49 6.11 4.06 -1.83
N GLN A 50 7.31 4.66 -1.96
CA GLN A 50 7.43 6.09 -2.10
C GLN A 50 6.78 6.52 -3.38
N CYS A 51 6.94 5.71 -4.45
CA CYS A 51 6.35 6.03 -5.73
C CYS A 51 4.84 6.11 -5.58
N LEU A 52 4.26 5.12 -4.87
CA LEU A 52 2.82 5.10 -4.66
C LEU A 52 2.41 6.33 -3.90
N ASN A 53 3.25 6.77 -2.94
CA ASN A 53 2.95 7.94 -2.15
C ASN A 53 2.95 9.15 -3.04
N GLU A 54 3.88 9.21 -4.01
CA GLU A 54 3.96 10.35 -4.89
C GLU A 54 2.70 10.43 -5.72
N THR A 55 2.19 9.28 -6.21
CA THR A 55 1.00 9.29 -7.03
C THR A 55 -0.16 9.81 -6.23
N LEU A 56 -0.33 9.31 -4.99
CA LEU A 56 -1.45 9.77 -4.17
C LEU A 56 -1.23 11.20 -3.74
N THR A 57 -0.03 11.78 -3.97
CA THR A 57 0.21 13.16 -3.59
C THR A 57 0.33 13.96 -4.87
N SER A 58 0.08 13.29 -6.01
CA SER A 58 0.18 13.95 -7.30
C SER A 58 -1.17 14.01 -7.95
N CYS A 59 -2.13 13.21 -7.46
CA CYS A 59 -3.44 13.20 -8.04
C CYS A 59 -4.43 13.67 -7.01
N THR A 60 -5.72 13.77 -7.42
CA THR A 60 -6.77 14.20 -6.53
C THR A 60 -6.84 13.18 -5.42
N LYS A 61 -7.48 13.53 -4.29
CA LYS A 61 -7.54 12.61 -3.17
C LYS A 61 -8.26 11.34 -3.55
N GLU A 62 -9.40 11.43 -4.27
CA GLU A 62 -10.15 10.25 -4.64
C GLU A 62 -9.40 9.49 -5.71
N VAL A 63 -8.80 10.23 -6.66
CA VAL A 63 -8.07 9.60 -7.75
C VAL A 63 -6.90 8.85 -7.16
N GLY A 64 -6.19 9.51 -6.22
CA GLY A 64 -5.05 8.92 -5.57
C GLY A 64 -5.47 7.71 -4.79
N LYS A 65 -6.73 7.68 -4.31
CA LYS A 65 -7.20 6.55 -3.54
C LYS A 65 -7.39 5.39 -4.46
N ALA A 66 -8.02 5.63 -5.63
CA ALA A 66 -8.27 4.57 -6.58
C ALA A 66 -6.96 4.10 -7.15
N ALA A 67 -6.06 5.05 -7.46
CA ALA A 67 -4.78 4.73 -8.03
C ALA A 67 -3.97 3.96 -7.02
N LEU A 68 -4.06 4.35 -5.73
CA LEU A 68 -3.31 3.70 -4.70
C LEU A 68 -3.77 2.28 -4.55
N GLU A 69 -5.10 2.05 -4.59
CA GLU A 69 -5.62 0.71 -4.41
C GLU A 69 -5.18 -0.12 -5.59
N LYS A 70 -5.25 0.46 -6.80
CA LYS A 70 -4.88 -0.24 -8.01
C LYS A 70 -3.41 -0.60 -7.95
N GLN A 71 -2.56 0.34 -7.51
CA GLN A 71 -1.13 0.09 -7.46
C GLN A 71 -0.83 -0.93 -6.39
N ILE A 72 -1.50 -0.84 -5.23
CA ILE A 72 -1.23 -1.75 -4.14
C ILE A 72 -1.58 -3.15 -4.56
N GLU A 73 -2.68 -3.32 -5.33
CA GLU A 73 -3.09 -4.65 -5.72
C GLU A 73 -2.07 -5.23 -6.66
N GLU A 74 -1.53 -4.39 -7.59
CA GLU A 74 -0.54 -4.87 -8.53
C GLU A 74 0.71 -5.28 -7.82
N ILE A 75 1.12 -4.52 -6.79
CA ILE A 75 2.34 -4.85 -6.06
C ILE A 75 2.07 -6.09 -5.25
N ASN A 76 0.83 -6.24 -4.74
CA ASN A 76 0.48 -7.38 -3.92
C ASN A 76 0.69 -8.63 -4.75
N GLU A 77 0.31 -8.57 -6.05
CA GLU A 77 0.48 -9.71 -6.92
C GLU A 77 1.96 -10.01 -7.04
N GLN A 78 2.79 -8.96 -7.14
CA GLN A 78 4.23 -9.14 -7.24
C GLN A 78 4.74 -9.83 -6.00
N ILE A 79 4.18 -9.46 -4.82
CA ILE A 79 4.61 -10.06 -3.58
C ILE A 79 4.18 -11.51 -3.57
N ARG A 80 2.98 -11.79 -4.13
CA ARG A 80 2.47 -13.15 -4.16
C ARG A 80 3.39 -14.01 -4.99
N LYS A 81 3.94 -13.44 -6.09
CA LYS A 81 4.83 -14.20 -6.95
C LYS A 81 6.07 -14.58 -6.15
N GLU A 82 6.58 -13.65 -5.31
CA GLU A 82 7.73 -13.92 -4.51
C GLU A 82 7.37 -14.92 -3.44
N LYS A 83 6.13 -14.81 -2.93
CA LYS A 83 5.66 -15.69 -1.89
C LYS A 83 5.59 -17.09 -2.43
N GLU A 84 5.11 -17.22 -3.68
CA GLU A 84 5.02 -18.53 -4.31
C GLU A 84 6.37 -19.21 -4.28
N GLU A 85 7.45 -18.51 -4.73
CA GLU A 85 8.77 -19.11 -4.70
C GLU A 85 9.19 -19.33 -3.27
N ALA A 86 8.86 -18.37 -2.39
CA ALA A 86 9.22 -18.46 -0.98
C ALA A 86 8.59 -19.71 -0.40
N GLU A 87 7.32 -19.98 -0.77
CA GLU A 87 6.64 -21.16 -0.27
C GLU A 87 7.32 -22.36 -0.89
N ALA A 88 7.70 -22.22 -2.17
CA ALA A 88 8.38 -23.29 -2.89
C ALA A 88 7.42 -24.43 -3.07
N ARG A 89 6.41 -24.24 -3.94
CA ARG A 89 5.42 -25.27 -4.19
C ARG A 89 4.63 -25.53 -2.89
N GLY A 1 21.11 -0.84 13.18
CA GLY A 1 21.02 -1.62 11.92
C GLY A 1 19.59 -1.96 11.60
N SER A 2 18.75 -0.91 11.46
CA SER A 2 17.36 -1.14 11.17
C SER A 2 16.88 0.05 10.39
N LYS A 3 16.02 -0.19 9.38
CA LYS A 3 15.51 0.89 8.57
C LYS A 3 14.02 0.83 8.71
N LYS A 4 13.41 1.91 9.23
CA LYS A 4 11.99 1.94 9.42
C LYS A 4 11.41 3.02 8.56
N ALA A 5 12.14 3.42 7.50
CA ALA A 5 11.67 4.46 6.62
C ALA A 5 10.39 3.98 5.94
N ILE A 6 10.36 2.69 5.55
CA ILE A 6 9.19 2.15 4.90
C ILE A 6 8.04 2.11 5.87
N LYS A 7 8.33 1.89 7.18
CA LYS A 7 7.30 1.83 8.18
C LYS A 7 6.70 3.21 8.36
N LYS A 8 7.58 4.24 8.40
CA LYS A 8 7.11 5.61 8.59
C LYS A 8 6.27 5.99 7.39
N GLU A 9 6.69 5.56 6.20
CA GLU A 9 5.97 5.89 4.99
C GLU A 9 4.64 5.20 5.03
N ARG A 10 4.58 3.98 5.62
CA ARG A 10 3.35 3.24 5.69
C ARG A 10 2.37 3.99 6.56
N GLN A 11 2.87 4.59 7.67
CA GLN A 11 2.00 5.31 8.58
C GLN A 11 1.45 6.52 7.87
N LYS A 12 2.18 7.04 6.87
CA LYS A 12 1.73 8.21 6.17
C LYS A 12 0.74 7.79 5.12
N LEU A 13 1.14 6.79 4.30
CA LEU A 13 0.30 6.31 3.23
C LEU A 13 -0.99 5.76 3.79
N ARG A 14 -0.93 4.92 4.83
CA ARG A 14 -2.14 4.35 5.39
C ARG A 14 -3.04 5.43 5.93
N ASN A 15 -2.48 6.35 6.74
CA ASN A 15 -3.30 7.41 7.30
C ASN A 15 -3.90 8.25 6.20
N SER A 16 -3.12 8.57 5.15
CA SER A 16 -3.61 9.37 4.07
C SER A 16 -4.67 8.61 3.30
N CYS A 17 -4.46 7.29 3.12
CA CYS A 17 -5.39 6.48 2.35
C CYS A 17 -6.74 6.48 3.02
N LYS A 18 -6.78 6.25 4.35
CA LYS A 18 -8.04 6.20 5.05
C LYS A 18 -8.69 7.56 5.00
N THR A 19 -7.88 8.62 5.16
CA THR A 19 -8.38 9.97 5.17
C THR A 19 -9.00 10.30 3.84
N TRP A 20 -8.37 9.88 2.73
CA TRP A 20 -8.87 10.21 1.43
C TRP A 20 -9.65 9.05 0.85
N ASN A 21 -10.20 8.15 1.70
CA ASN A 21 -10.94 7.04 1.16
C ASN A 21 -12.36 7.49 0.93
N HIS A 22 -13.22 7.43 1.98
CA HIS A 22 -14.58 7.87 1.82
C HIS A 22 -15.07 8.42 3.13
N PHE A 23 -14.18 8.48 4.16
CA PHE A 23 -14.58 8.97 5.47
C PHE A 23 -15.76 8.17 5.97
N SER A 24 -15.85 6.87 5.60
CA SER A 24 -16.96 6.06 6.03
C SER A 24 -16.48 5.13 7.11
N ASP A 25 -17.44 4.46 7.78
CA ASP A 25 -17.08 3.55 8.85
C ASP A 25 -16.86 2.17 8.28
N ASN A 26 -16.97 2.01 6.93
CA ASN A 26 -16.76 0.72 6.34
C ASN A 26 -15.29 0.56 6.11
N GLU A 27 -14.59 -0.01 7.11
CA GLU A 27 -13.16 -0.19 7.00
C GLU A 27 -12.83 -1.49 6.33
N ALA A 28 -13.83 -2.33 6.02
CA ALA A 28 -13.57 -3.61 5.38
C ALA A 28 -12.84 -3.40 4.07
N GLU A 29 -13.21 -2.33 3.33
CA GLU A 29 -12.56 -2.08 2.06
C GLU A 29 -11.11 -1.82 2.32
N ARG A 30 -10.82 -0.92 3.28
CA ARG A 30 -9.46 -0.59 3.64
C ARG A 30 -8.76 -1.78 4.24
N VAL A 31 -9.48 -2.76 4.81
CA VAL A 31 -8.80 -3.89 5.42
C VAL A 31 -8.04 -4.64 4.36
N LYS A 32 -8.68 -4.93 3.21
CA LYS A 32 -7.98 -5.66 2.15
C LYS A 32 -6.81 -4.85 1.65
N MET A 33 -7.02 -3.54 1.47
CA MET A 33 -5.94 -2.69 0.97
C MET A 33 -4.81 -2.67 1.97
N MET A 34 -5.14 -2.54 3.27
CA MET A 34 -4.13 -2.52 4.32
C MET A 34 -3.41 -3.84 4.36
N GLU A 35 -4.14 -4.96 4.17
CA GLU A 35 -3.50 -6.26 4.21
C GLU A 35 -2.45 -6.31 3.12
N GLU A 36 -2.80 -5.77 1.93
CA GLU A 36 -1.87 -5.76 0.82
C GLU A 36 -0.72 -4.82 1.14
N VAL A 37 -0.98 -3.70 1.84
CA VAL A 37 0.07 -2.76 2.15
C VAL A 37 1.01 -3.39 3.16
N GLU A 38 0.48 -4.32 3.99
CA GLU A 38 1.32 -4.98 4.97
C GLU A 38 2.30 -5.85 4.22
N LYS A 39 1.82 -6.51 3.15
CA LYS A 39 2.66 -7.37 2.36
C LYS A 39 3.75 -6.53 1.72
N LEU A 40 3.40 -5.31 1.26
CA LEU A 40 4.37 -4.44 0.63
C LEU A 40 5.41 -4.04 1.62
N CYS A 41 4.98 -3.66 2.84
CA CYS A 41 5.89 -3.21 3.86
C CYS A 41 6.83 -4.33 4.23
N ASP A 42 6.33 -5.58 4.21
CA ASP A 42 7.13 -6.71 4.63
C ASP A 42 8.28 -7.03 3.68
N ARG A 43 8.04 -7.06 2.35
CA ARG A 43 9.12 -7.47 1.46
C ARG A 43 9.40 -6.48 0.35
N LEU A 44 8.51 -5.52 0.08
CA LEU A 44 8.76 -4.61 -1.02
C LEU A 44 9.62 -3.45 -0.59
N GLU A 45 10.26 -2.84 -1.61
CA GLU A 45 11.15 -1.72 -1.39
C GLU A 45 10.32 -0.51 -1.06
N LEU A 46 10.89 0.39 -0.23
CA LEU A 46 10.19 1.60 0.17
C LEU A 46 10.00 2.50 -1.01
N ALA A 47 10.84 2.38 -2.06
CA ALA A 47 10.71 3.22 -3.23
C ALA A 47 9.34 3.05 -3.84
N SER A 48 8.79 1.82 -3.84
CA SER A 48 7.49 1.60 -4.43
C SER A 48 6.46 2.26 -3.57
N LEU A 49 6.64 2.15 -2.24
CA LEU A 49 5.70 2.72 -1.29
C LEU A 49 5.71 4.22 -1.44
N GLN A 50 6.92 4.81 -1.61
CA GLN A 50 7.06 6.23 -1.77
C GLN A 50 6.36 6.67 -3.03
N CYS A 51 6.48 5.84 -4.10
CA CYS A 51 5.87 6.17 -5.36
C CYS A 51 4.38 6.26 -5.20
N LEU A 52 3.78 5.27 -4.48
CA LEU A 52 2.35 5.28 -4.27
C LEU A 52 1.96 6.48 -3.45
N ASN A 53 2.80 6.85 -2.46
CA ASN A 53 2.49 7.98 -1.61
C ASN A 53 2.52 9.24 -2.44
N GLU A 54 3.47 9.34 -3.38
CA GLU A 54 3.57 10.52 -4.20
C GLU A 54 2.34 10.61 -5.07
N THR A 55 1.88 9.46 -5.61
CA THR A 55 0.72 9.46 -6.48
C THR A 55 -0.49 9.93 -5.70
N LEU A 56 -0.70 9.39 -4.49
CA LEU A 56 -1.86 9.80 -3.71
C LEU A 56 -1.69 11.20 -3.18
N THR A 57 -0.49 11.82 -3.33
CA THR A 57 -0.29 13.17 -2.85
C THR A 57 -0.16 14.06 -4.07
N SER A 58 -0.35 13.46 -5.26
CA SER A 58 -0.22 14.20 -6.50
C SER A 58 -1.53 14.18 -7.24
N CYS A 59 -2.47 13.32 -6.80
CA CYS A 59 -3.74 13.23 -7.49
C CYS A 59 -4.85 13.56 -6.52
N THR A 60 -6.10 13.58 -7.04
CA THR A 60 -7.25 13.89 -6.22
C THR A 60 -7.50 12.71 -5.33
N LYS A 61 -8.43 12.87 -4.36
CA LYS A 61 -8.71 11.79 -3.44
C LYS A 61 -9.27 10.58 -4.15
N GLU A 62 -10.18 10.77 -5.14
CA GLU A 62 -10.76 9.62 -5.82
C GLU A 62 -9.72 8.97 -6.70
N VAL A 63 -8.91 9.79 -7.39
CA VAL A 63 -7.91 9.25 -8.27
C VAL A 63 -6.87 8.53 -7.46
N GLY A 64 -6.47 9.16 -6.34
CA GLY A 64 -5.47 8.59 -5.45
C GLY A 64 -5.97 7.29 -4.89
N LYS A 65 -7.29 7.21 -4.58
CA LYS A 65 -7.83 5.99 -4.00
C LYS A 65 -7.76 4.89 -5.02
N ALA A 66 -8.17 5.20 -6.28
CA ALA A 66 -8.18 4.20 -7.32
C ALA A 66 -6.78 3.80 -7.65
N ALA A 67 -5.87 4.79 -7.74
CA ALA A 67 -4.49 4.53 -8.09
C ALA A 67 -3.84 3.71 -7.01
N LEU A 68 -4.15 4.00 -5.73
CA LEU A 68 -3.54 3.29 -4.64
C LEU A 68 -3.95 1.84 -4.68
N GLU A 69 -5.25 1.59 -4.93
CA GLU A 69 -5.75 0.25 -4.92
C GLU A 69 -5.23 -0.48 -6.14
N LYS A 70 -5.21 0.20 -7.29
CA LYS A 70 -4.74 -0.41 -8.51
C LYS A 70 -3.27 -0.78 -8.36
N GLN A 71 -2.47 0.16 -7.81
CA GLN A 71 -1.05 -0.08 -7.66
C GLN A 71 -0.78 -1.14 -6.60
N ILE A 72 -1.55 -1.13 -5.48
CA ILE A 72 -1.28 -2.08 -4.43
C ILE A 72 -1.65 -3.47 -4.90
N GLU A 73 -2.60 -3.59 -5.84
CA GLU A 73 -2.97 -4.90 -6.34
C GLU A 73 -1.82 -5.45 -7.14
N GLU A 74 -1.15 -4.59 -7.93
CA GLU A 74 -0.01 -5.01 -8.73
C GLU A 74 1.09 -5.40 -7.78
N ILE A 75 1.23 -4.64 -6.68
CA ILE A 75 2.26 -4.90 -5.71
C ILE A 75 1.99 -6.23 -5.05
N ASN A 76 0.72 -6.52 -4.73
CA ASN A 76 0.35 -7.75 -4.08
C ASN A 76 0.75 -8.90 -4.98
N GLU A 77 0.52 -8.75 -6.30
CA GLU A 77 0.87 -9.82 -7.23
C GLU A 77 2.37 -10.04 -7.19
N GLN A 78 3.15 -8.95 -7.11
CA GLN A 78 4.60 -9.07 -7.06
C GLN A 78 5.01 -9.81 -5.81
N ILE A 79 4.33 -9.52 -4.68
CA ILE A 79 4.65 -10.18 -3.43
C ILE A 79 4.27 -11.63 -3.54
N ARG A 80 3.14 -11.91 -4.22
CA ARG A 80 2.65 -13.26 -4.39
C ARG A 80 3.68 -14.05 -5.15
N LYS A 81 4.33 -13.42 -6.15
CA LYS A 81 5.33 -14.11 -6.94
C LYS A 81 6.44 -14.58 -6.02
N GLU A 82 6.88 -13.69 -5.10
CA GLU A 82 7.93 -14.04 -4.17
C GLU A 82 7.44 -15.11 -3.24
N LYS A 83 6.15 -15.04 -2.85
CA LYS A 83 5.59 -16.00 -1.92
C LYS A 83 5.57 -17.35 -2.58
N GLU A 84 5.25 -17.40 -3.89
CA GLU A 84 5.22 -18.67 -4.59
C GLU A 84 6.57 -19.35 -4.48
N GLU A 85 7.68 -18.62 -4.77
CA GLU A 85 8.99 -19.22 -4.65
C GLU A 85 9.27 -19.54 -3.20
N ALA A 86 8.86 -18.63 -2.30
CA ALA A 86 9.07 -18.84 -0.88
C ALA A 86 8.37 -20.11 -0.45
N GLU A 87 7.15 -20.34 -0.96
CA GLU A 87 6.41 -21.54 -0.62
C GLU A 87 7.13 -22.71 -1.24
N ALA A 88 7.64 -22.49 -2.48
CA ALA A 88 8.37 -23.52 -3.19
C ALA A 88 7.40 -24.61 -3.56
N ARG A 89 6.47 -24.29 -4.50
CA ARG A 89 5.49 -25.27 -4.92
C ARG A 89 5.14 -24.95 -6.37
#